data_7TXI
# 
_entry.id   7TXI 
# 
_audit_conform.dict_name       mmcif_pdbx.dic 
_audit_conform.dict_version    5.403 
_audit_conform.dict_location   http://mmcif.pdb.org/dictionaries/ascii/mmcif_pdbx.dic 
# 
loop_
_database_2.database_id 
_database_2.database_code 
_database_2.pdbx_database_accession 
_database_2.pdbx_DOI 
PDB   7TXI         pdb_00007txi 10.2210/pdb7txi/pdb 
WWPDB D_1000263087 ?            ?                   
EMDB  EMD-26158    ?            ?                   
# 
loop_
_pdbx_audit_revision_history.ordinal 
_pdbx_audit_revision_history.data_content_type 
_pdbx_audit_revision_history.major_revision 
_pdbx_audit_revision_history.minor_revision 
_pdbx_audit_revision_history.revision_date 
_pdbx_audit_revision_history.part_number 
1  'Structure model' 1 0 2022-06-01 ? 
2  'EM metadata'     1 0 2022-06-01 ? 
3  Image             1 0 2022-06-01 ? 
4  'Primary map'     1 0 2022-06-01 ? 
5  'Structure model' 1 1 2023-08-16 ? 
6  Image             1 0 2022-06-01 ? 
7  'Primary map'     1 0 2022-06-01 ? 
8  'Structure model' 1 2 2024-10-23 ? 
9  Image             1 0 2022-06-01 ? 
10 'Primary map'     1 0 2022-06-01 ? 
11 'Structure model' 1 3 2025-05-28 ? 
12 'EM metadata'     1 1 2025-05-28 ? 
# 
loop_
_pdbx_audit_revision_details.ordinal 
_pdbx_audit_revision_details.revision_ordinal 
_pdbx_audit_revision_details.data_content_type 
_pdbx_audit_revision_details.provider 
_pdbx_audit_revision_details.type 
_pdbx_audit_revision_details.description 
_pdbx_audit_revision_details.details 
1 1  'Structure model' repository 'Initial release' ? ? 
2 2  'EM metadata'     repository 'Initial release' ? ? 
3 3  Image             repository 'Initial release' ? ? 
4 4  'Primary map'     repository 'Initial release' ? ? 
5 6  Image             repository 'Initial release' ? ? 
6 7  'Primary map'     repository 'Initial release' ? ? 
7 9  Image             repository 'Initial release' ? ? 
8 10 'Primary map'     repository 'Initial release' ? ? 
# 
loop_
_pdbx_audit_revision_group.ordinal 
_pdbx_audit_revision_group.revision_ordinal 
_pdbx_audit_revision_group.data_content_type 
_pdbx_audit_revision_group.group 
1 5  'Structure model' 'Data collection'      
2 5  'Structure model' 'Database references'  
3 8  'Structure model' 'Data collection'      
4 8  'Structure model' 'Structure summary'    
5 11 'Structure model' 'Data collection'      
6 12 'EM metadata'     'Data processing'      
7 12 'EM metadata'     'Experimental summary' 
# 
loop_
_pdbx_audit_revision_category.ordinal 
_pdbx_audit_revision_category.revision_ordinal 
_pdbx_audit_revision_category.data_content_type 
_pdbx_audit_revision_category.category 
1  5  'Structure model' chem_comp_atom            
2  5  'Structure model' chem_comp_bond            
3  5  'Structure model' citation                  
4  5  'Structure model' citation_author           
5  8  'Structure model' em_admin                  
6  8  'Structure model' pdbx_entry_details        
7  8  'Structure model' pdbx_modification_feature 
8  11 'Structure model' em_admin                  
9  11 'Structure model' em_software               
10 12 'EM metadata'     em_admin                  
11 12 'EM metadata'     em_software               
# 
loop_
_pdbx_audit_revision_item.ordinal 
_pdbx_audit_revision_item.revision_ordinal 
_pdbx_audit_revision_item.data_content_type 
_pdbx_audit_revision_item.item 
1  5  'Structure model' '_citation.country'                 
2  5  'Structure model' '_citation.journal_abbrev'          
3  5  'Structure model' '_citation.journal_id_ASTM'         
4  5  'Structure model' '_citation.journal_id_CSD'          
5  5  'Structure model' '_citation.journal_id_ISSN'         
6  5  'Structure model' '_citation.journal_volume'          
7  5  'Structure model' '_citation.page_first'              
8  5  'Structure model' '_citation.page_last'               
9  5  'Structure model' '_citation.pdbx_database_id_DOI'    
10 5  'Structure model' '_citation.pdbx_database_id_PubMed' 
11 5  'Structure model' '_citation.title'                   
12 5  'Structure model' '_citation.year'                    
13 8  'Structure model' '_em_admin.last_update'             
14 11 'Structure model' '_em_admin.last_update'             
15 11 'Structure model' '_em_software.name'                 
16 12 'EM metadata'     '_em_admin.last_update'             
17 12 'EM metadata'     '_em_software.name'                 
# 
_pdbx_database_status.status_code                     REL 
_pdbx_database_status.status_code_sf                  ? 
_pdbx_database_status.status_code_mr                  ? 
_pdbx_database_status.entry_id                        7TXI 
_pdbx_database_status.recvd_initial_deposition_date   2022-02-09 
_pdbx_database_status.SG_entry                        N 
_pdbx_database_status.deposit_site                    RCSB 
_pdbx_database_status.process_site                    RCSB 
_pdbx_database_status.status_code_cs                  ? 
_pdbx_database_status.status_code_nmr_data            ? 
_pdbx_database_status.methods_development_category    ? 
_pdbx_database_status.pdb_format_compatible           Y 
# 
_pdbx_database_related.db_name        EMDB 
_pdbx_database_related.details        'Cryo-EM of A. pernix flagellum' 
_pdbx_database_related.db_id          EMD-26158 
_pdbx_database_related.content_type   'associated EM volume' 
# 
_pdbx_contact_author.id                 2 
_pdbx_contact_author.email              egelman@virginia.edu 
_pdbx_contact_author.name_first         Edward 
_pdbx_contact_author.name_last          Egelman 
_pdbx_contact_author.name_mi            ? 
_pdbx_contact_author.role               'principal investigator/group leader' 
_pdbx_contact_author.identifier_ORCID   0000-0003-4844-5212 
# 
loop_
_audit_author.name 
_audit_author.pdbx_ordinal 
_audit_author.identifier_ORCID 
'Wang, F.'               1 0000-0003-1008-663X 
'Cvirkaite-Krupovic, V.' 2 ?                   
'Baquero, D.P.'          3 ?                   
'Krupovic, M.'           4 ?                   
'Egelman, E.H.'          5 ?                   
# 
_citation.abstract                  ? 
_citation.abstract_id_CAS           ? 
_citation.book_id_ISBN              ? 
_citation.book_publisher            ? 
_citation.book_publisher_city       ? 
_citation.book_title                ? 
_citation.coordinate_linkage        ? 
_citation.country                   US 
_citation.database_id_Medline       ? 
_citation.details                   ? 
_citation.id                        primary 
_citation.journal_abbrev            Proc.Natl.Acad.Sci.USA 
_citation.journal_id_ASTM           PNASA6 
_citation.journal_id_CSD            0040 
_citation.journal_id_ISSN           1091-6490 
_citation.journal_full              ? 
_citation.journal_issue             ? 
_citation.journal_volume            120 
_citation.language                  ? 
_citation.page_first                e2304256120 
_citation.page_last                 e2304256120 
_citation.title                     'The evolution of archaeal flagellar filaments.' 
_citation.year                      2023 
_citation.database_id_CSD           ? 
_citation.pdbx_database_id_DOI      10.1073/pnas.2304256120 
_citation.pdbx_database_id_PubMed   37399404 
_citation.pdbx_database_id_patent   ? 
_citation.unpublished_flag          ? 
# 
loop_
_citation_author.citation_id 
_citation_author.name 
_citation_author.ordinal 
_citation_author.identifier_ORCID 
primary 'Kreutzberger, M.A.B.'   1  ?                   
primary 'Cvirkaite-Krupovic, V.' 2  ?                   
primary 'Liu, Y.'                3  ?                   
primary 'Baquero, D.P.'          4  ?                   
primary 'Liu, J.'                5  0000-0003-1062-2404 
primary 'Sonani, R.R.'           6  ?                   
primary 'Calladine, C.R.'        7  ?                   
primary 'Wang, F.'               8  ?                   
primary 'Krupovic, M.'           9  0000-0001-5486-0098 
primary 'Egelman, E.H.'          10 0000-0003-4844-5212 
# 
_entity.id                         1 
_entity.type                       polymer 
_entity.src_method                 nat 
_entity.pdbx_description           'Probable flagellin 1' 
_entity.formula_weight             21371.590 
_entity.pdbx_number_of_molecules   1 
_entity.pdbx_ec                    ? 
_entity.pdbx_mutation              ? 
_entity.pdbx_fragment              ? 
_entity.details                    ? 
# 
_entity_poly.entity_id                      1 
_entity_poly.type                           'polypeptide(L)' 
_entity_poly.nstd_linkage                   no 
_entity_poly.nstd_monomer                   no 
_entity_poly.pdbx_seq_one_letter_code       
;MRRRRGIVGIEAAIVLIAFVIVAAALAFVALNMGLFTTQKSKEVMQRGLEEATSALEVDGSVIANVTSGSVDAIAIPIKV
SPGREGVDMSVDKTTVRVMLPSKFYENAYCGVFDGSSLSDSKLSTITSSIACTTGWAYLVIFNGDGDNVLELGEKGLLVL
ELPTPLNSYEEFKVEVRPVQGAALTVERIVPASLPTGGAVSLG
;
_entity_poly.pdbx_seq_one_letter_code_can   
;MRRRRGIVGIEAAIVLIAFVIVAAALAFVALNMGLFTTQKSKEVMQRGLEEATSALEVDGSVIANVTSGSVDAIAIPIKV
SPGREGVDMSVDKTTVRVMLPSKFYENAYCGVFDGSSLSDSKLSTITSSIACTTGWAYLVIFNGDGDNVLELGEKGLLVL
ELPTPLNSYEEFKVEVRPVQGAALTVERIVPASLPTGGAVSLG
;
_entity_poly.pdbx_strand_id                 A 
_entity_poly.pdbx_target_identifier         ? 
# 
loop_
_entity_poly_seq.entity_id 
_entity_poly_seq.num 
_entity_poly_seq.mon_id 
_entity_poly_seq.hetero 
1 1   MET n 
1 2   ARG n 
1 3   ARG n 
1 4   ARG n 
1 5   ARG n 
1 6   GLY n 
1 7   ILE n 
1 8   VAL n 
1 9   GLY n 
1 10  ILE n 
1 11  GLU n 
1 12  ALA n 
1 13  ALA n 
1 14  ILE n 
1 15  VAL n 
1 16  LEU n 
1 17  ILE n 
1 18  ALA n 
1 19  PHE n 
1 20  VAL n 
1 21  ILE n 
1 22  VAL n 
1 23  ALA n 
1 24  ALA n 
1 25  ALA n 
1 26  LEU n 
1 27  ALA n 
1 28  PHE n 
1 29  VAL n 
1 30  ALA n 
1 31  LEU n 
1 32  ASN n 
1 33  MET n 
1 34  GLY n 
1 35  LEU n 
1 36  PHE n 
1 37  THR n 
1 38  THR n 
1 39  GLN n 
1 40  LYS n 
1 41  SER n 
1 42  LYS n 
1 43  GLU n 
1 44  VAL n 
1 45  MET n 
1 46  GLN n 
1 47  ARG n 
1 48  GLY n 
1 49  LEU n 
1 50  GLU n 
1 51  GLU n 
1 52  ALA n 
1 53  THR n 
1 54  SER n 
1 55  ALA n 
1 56  LEU n 
1 57  GLU n 
1 58  VAL n 
1 59  ASP n 
1 60  GLY n 
1 61  SER n 
1 62  VAL n 
1 63  ILE n 
1 64  ALA n 
1 65  ASN n 
1 66  VAL n 
1 67  THR n 
1 68  SER n 
1 69  GLY n 
1 70  SER n 
1 71  VAL n 
1 72  ASP n 
1 73  ALA n 
1 74  ILE n 
1 75  ALA n 
1 76  ILE n 
1 77  PRO n 
1 78  ILE n 
1 79  LYS n 
1 80  VAL n 
1 81  SER n 
1 82  PRO n 
1 83  GLY n 
1 84  ARG n 
1 85  GLU n 
1 86  GLY n 
1 87  VAL n 
1 88  ASP n 
1 89  MET n 
1 90  SER n 
1 91  VAL n 
1 92  ASP n 
1 93  LYS n 
1 94  THR n 
1 95  THR n 
1 96  VAL n 
1 97  ARG n 
1 98  VAL n 
1 99  MET n 
1 100 LEU n 
1 101 PRO n 
1 102 SER n 
1 103 LYS n 
1 104 PHE n 
1 105 TYR n 
1 106 GLU n 
1 107 ASN n 
1 108 ALA n 
1 109 TYR n 
1 110 CYS n 
1 111 GLY n 
1 112 VAL n 
1 113 PHE n 
1 114 ASP n 
1 115 GLY n 
1 116 SER n 
1 117 SER n 
1 118 LEU n 
1 119 SER n 
1 120 ASP n 
1 121 SER n 
1 122 LYS n 
1 123 LEU n 
1 124 SER n 
1 125 THR n 
1 126 ILE n 
1 127 THR n 
1 128 SER n 
1 129 SER n 
1 130 ILE n 
1 131 ALA n 
1 132 CYS n 
1 133 THR n 
1 134 THR n 
1 135 GLY n 
1 136 TRP n 
1 137 ALA n 
1 138 TYR n 
1 139 LEU n 
1 140 VAL n 
1 141 ILE n 
1 142 PHE n 
1 143 ASN n 
1 144 GLY n 
1 145 ASP n 
1 146 GLY n 
1 147 ASP n 
1 148 ASN n 
1 149 VAL n 
1 150 LEU n 
1 151 GLU n 
1 152 LEU n 
1 153 GLY n 
1 154 GLU n 
1 155 LYS n 
1 156 GLY n 
1 157 LEU n 
1 158 LEU n 
1 159 VAL n 
1 160 LEU n 
1 161 GLU n 
1 162 LEU n 
1 163 PRO n 
1 164 THR n 
1 165 PRO n 
1 166 LEU n 
1 167 ASN n 
1 168 SER n 
1 169 TYR n 
1 170 GLU n 
1 171 GLU n 
1 172 PHE n 
1 173 LYS n 
1 174 VAL n 
1 175 GLU n 
1 176 VAL n 
1 177 ARG n 
1 178 PRO n 
1 179 VAL n 
1 180 GLN n 
1 181 GLY n 
1 182 ALA n 
1 183 ALA n 
1 184 LEU n 
1 185 THR n 
1 186 VAL n 
1 187 GLU n 
1 188 ARG n 
1 189 ILE n 
1 190 VAL n 
1 191 PRO n 
1 192 ALA n 
1 193 SER n 
1 194 LEU n 
1 195 PRO n 
1 196 THR n 
1 197 GLY n 
1 198 GLY n 
1 199 ALA n 
1 200 VAL n 
1 201 SER n 
1 202 LEU n 
1 203 GLY n 
# 
_entity_src_nat.entity_id                  1 
_entity_src_nat.pdbx_src_id                1 
_entity_src_nat.pdbx_alt_source_flag       sample 
_entity_src_nat.pdbx_beg_seq_num           1 
_entity_src_nat.pdbx_end_seq_num           203 
_entity_src_nat.common_name                ? 
_entity_src_nat.pdbx_organism_scientific   'Aeropyrum pernix' 
_entity_src_nat.pdbx_ncbi_taxonomy_id      56636 
_entity_src_nat.genus                      ? 
_entity_src_nat.species                    ? 
_entity_src_nat.strain                     ? 
_entity_src_nat.tissue                     ? 
_entity_src_nat.tissue_fraction            ? 
_entity_src_nat.pdbx_secretion             ? 
_entity_src_nat.pdbx_fragment              ? 
_entity_src_nat.pdbx_variant               ? 
_entity_src_nat.pdbx_cell_line             ? 
_entity_src_nat.pdbx_atcc                  ? 
_entity_src_nat.pdbx_cellular_location     ? 
_entity_src_nat.pdbx_organ                 ? 
_entity_src_nat.pdbx_organelle             ? 
_entity_src_nat.pdbx_cell                  ? 
_entity_src_nat.pdbx_plasmid_name          ? 
_entity_src_nat.pdbx_plasmid_details       ? 
_entity_src_nat.details                    ? 
# 
loop_
_chem_comp.id 
_chem_comp.type 
_chem_comp.mon_nstd_flag 
_chem_comp.name 
_chem_comp.pdbx_synonyms 
_chem_comp.formula 
_chem_comp.formula_weight 
ALA 'L-peptide linking' y ALANINE         ? 'C3 H7 N O2'     89.093  
ARG 'L-peptide linking' y ARGININE        ? 'C6 H15 N4 O2 1' 175.209 
ASN 'L-peptide linking' y ASPARAGINE      ? 'C4 H8 N2 O3'    132.118 
ASP 'L-peptide linking' y 'ASPARTIC ACID' ? 'C4 H7 N O4'     133.103 
CYS 'L-peptide linking' y CYSTEINE        ? 'C3 H7 N O2 S'   121.158 
GLN 'L-peptide linking' y GLUTAMINE       ? 'C5 H10 N2 O3'   146.144 
GLU 'L-peptide linking' y 'GLUTAMIC ACID' ? 'C5 H9 N O4'     147.129 
GLY 'peptide linking'   y GLYCINE         ? 'C2 H5 N O2'     75.067  
ILE 'L-peptide linking' y ISOLEUCINE      ? 'C6 H13 N O2'    131.173 
LEU 'L-peptide linking' y LEUCINE         ? 'C6 H13 N O2'    131.173 
LYS 'L-peptide linking' y LYSINE          ? 'C6 H15 N2 O2 1' 147.195 
MET 'L-peptide linking' y METHIONINE      ? 'C5 H11 N O2 S'  149.211 
PHE 'L-peptide linking' y PHENYLALANINE   ? 'C9 H11 N O2'    165.189 
PRO 'L-peptide linking' y PROLINE         ? 'C5 H9 N O2'     115.130 
SER 'L-peptide linking' y SERINE          ? 'C3 H7 N O3'     105.093 
THR 'L-peptide linking' y THREONINE       ? 'C4 H9 N O3'     119.119 
TRP 'L-peptide linking' y TRYPTOPHAN      ? 'C11 H12 N2 O2'  204.225 
TYR 'L-peptide linking' y TYROSINE        ? 'C9 H11 N O3'    181.189 
VAL 'L-peptide linking' y VALINE          ? 'C5 H11 N O2'    117.146 
# 
loop_
_pdbx_poly_seq_scheme.asym_id 
_pdbx_poly_seq_scheme.entity_id 
_pdbx_poly_seq_scheme.seq_id 
_pdbx_poly_seq_scheme.mon_id 
_pdbx_poly_seq_scheme.ndb_seq_num 
_pdbx_poly_seq_scheme.pdb_seq_num 
_pdbx_poly_seq_scheme.auth_seq_num 
_pdbx_poly_seq_scheme.pdb_mon_id 
_pdbx_poly_seq_scheme.auth_mon_id 
_pdbx_poly_seq_scheme.pdb_strand_id 
_pdbx_poly_seq_scheme.pdb_ins_code 
_pdbx_poly_seq_scheme.hetero 
A 1 1   MET 1   1   ?   ?   ?   A . n 
A 1 2   ARG 2   2   ?   ?   ?   A . n 
A 1 3   ARG 3   3   ?   ?   ?   A . n 
A 1 4   ARG 4   4   ?   ?   ?   A . n 
A 1 5   ARG 5   5   ?   ?   ?   A . n 
A 1 6   GLY 6   6   ?   ?   ?   A . n 
A 1 7   ILE 7   7   ?   ?   ?   A . n 
A 1 8   VAL 8   8   8   VAL VAL A . n 
A 1 9   GLY 9   9   9   GLY GLY A . n 
A 1 10  ILE 10  10  10  ILE ILE A . n 
A 1 11  GLU 11  11  11  GLU GLU A . n 
A 1 12  ALA 12  12  12  ALA ALA A . n 
A 1 13  ALA 13  13  13  ALA ALA A . n 
A 1 14  ILE 14  14  14  ILE ILE A . n 
A 1 15  VAL 15  15  15  VAL VAL A . n 
A 1 16  LEU 16  16  16  LEU LEU A . n 
A 1 17  ILE 17  17  17  ILE ILE A . n 
A 1 18  ALA 18  18  18  ALA ALA A . n 
A 1 19  PHE 19  19  19  PHE PHE A . n 
A 1 20  VAL 20  20  20  VAL VAL A . n 
A 1 21  ILE 21  21  21  ILE ILE A . n 
A 1 22  VAL 22  22  22  VAL VAL A . n 
A 1 23  ALA 23  23  23  ALA ALA A . n 
A 1 24  ALA 24  24  24  ALA ALA A . n 
A 1 25  ALA 25  25  25  ALA ALA A . n 
A 1 26  LEU 26  26  26  LEU LEU A . n 
A 1 27  ALA 27  27  27  ALA ALA A . n 
A 1 28  PHE 28  28  28  PHE PHE A . n 
A 1 29  VAL 29  29  29  VAL VAL A . n 
A 1 30  ALA 30  30  30  ALA ALA A . n 
A 1 31  LEU 31  31  31  LEU LEU A . n 
A 1 32  ASN 32  32  32  ASN ASN A . n 
A 1 33  MET 33  33  33  MET MET A . n 
A 1 34  GLY 34  34  34  GLY GLY A . n 
A 1 35  LEU 35  35  35  LEU LEU A . n 
A 1 36  PHE 36  36  36  PHE PHE A . n 
A 1 37  THR 37  37  37  THR THR A . n 
A 1 38  THR 38  38  38  THR THR A . n 
A 1 39  GLN 39  39  39  GLN GLN A . n 
A 1 40  LYS 40  40  40  LYS LYS A . n 
A 1 41  SER 41  41  41  SER SER A . n 
A 1 42  LYS 42  42  42  LYS LYS A . n 
A 1 43  GLU 43  43  43  GLU GLU A . n 
A 1 44  VAL 44  44  44  VAL VAL A . n 
A 1 45  MET 45  45  45  MET MET A . n 
A 1 46  GLN 46  46  46  GLN GLN A . n 
A 1 47  ARG 47  47  47  ARG ARG A . n 
A 1 48  GLY 48  48  48  GLY GLY A . n 
A 1 49  LEU 49  49  49  LEU LEU A . n 
A 1 50  GLU 50  50  50  GLU GLU A . n 
A 1 51  GLU 51  51  51  GLU GLU A . n 
A 1 52  ALA 52  52  52  ALA ALA A . n 
A 1 53  THR 53  53  53  THR THR A . n 
A 1 54  SER 54  54  54  SER SER A . n 
A 1 55  ALA 55  55  55  ALA ALA A . n 
A 1 56  LEU 56  56  56  LEU LEU A . n 
A 1 57  GLU 57  57  57  GLU GLU A . n 
A 1 58  VAL 58  58  58  VAL VAL A . n 
A 1 59  ASP 59  59  59  ASP ASP A . n 
A 1 60  GLY 60  60  60  GLY GLY A . n 
A 1 61  SER 61  61  61  SER SER A . n 
A 1 62  VAL 62  62  62  VAL VAL A . n 
A 1 63  ILE 63  63  63  ILE ILE A . n 
A 1 64  ALA 64  64  64  ALA ALA A . n 
A 1 65  ASN 65  65  65  ASN ASN A . n 
A 1 66  VAL 66  66  66  VAL VAL A . n 
A 1 67  THR 67  67  67  THR THR A . n 
A 1 68  SER 68  68  68  SER SER A . n 
A 1 69  GLY 69  69  69  GLY GLY A . n 
A 1 70  SER 70  70  70  SER SER A . n 
A 1 71  VAL 71  71  71  VAL VAL A . n 
A 1 72  ASP 72  72  72  ASP ASP A . n 
A 1 73  ALA 73  73  73  ALA ALA A . n 
A 1 74  ILE 74  74  74  ILE ILE A . n 
A 1 75  ALA 75  75  75  ALA ALA A . n 
A 1 76  ILE 76  76  76  ILE ILE A . n 
A 1 77  PRO 77  77  77  PRO PRO A . n 
A 1 78  ILE 78  78  78  ILE ILE A . n 
A 1 79  LYS 79  79  79  LYS LYS A . n 
A 1 80  VAL 80  80  80  VAL VAL A . n 
A 1 81  SER 81  81  81  SER SER A . n 
A 1 82  PRO 82  82  82  PRO PRO A . n 
A 1 83  GLY 83  83  83  GLY GLY A . n 
A 1 84  ARG 84  84  84  ARG ARG A . n 
A 1 85  GLU 85  85  85  GLU GLU A . n 
A 1 86  GLY 86  86  86  GLY GLY A . n 
A 1 87  VAL 87  87  87  VAL VAL A . n 
A 1 88  ASP 88  88  88  ASP ASP A . n 
A 1 89  MET 89  89  89  MET MET A . n 
A 1 90  SER 90  90  90  SER SER A . n 
A 1 91  VAL 91  91  91  VAL VAL A . n 
A 1 92  ASP 92  92  92  ASP ASP A . n 
A 1 93  LYS 93  93  93  LYS LYS A . n 
A 1 94  THR 94  94  94  THR THR A . n 
A 1 95  THR 95  95  95  THR THR A . n 
A 1 96  VAL 96  96  96  VAL VAL A . n 
A 1 97  ARG 97  97  97  ARG ARG A . n 
A 1 98  VAL 98  98  98  VAL VAL A . n 
A 1 99  MET 99  99  99  MET MET A . n 
A 1 100 LEU 100 100 100 LEU LEU A . n 
A 1 101 PRO 101 101 101 PRO PRO A . n 
A 1 102 SER 102 102 102 SER SER A . n 
A 1 103 LYS 103 103 103 LYS LYS A . n 
A 1 104 PHE 104 104 104 PHE PHE A . n 
A 1 105 TYR 105 105 105 TYR TYR A . n 
A 1 106 GLU 106 106 106 GLU GLU A . n 
A 1 107 ASN 107 107 107 ASN ASN A . n 
A 1 108 ALA 108 108 108 ALA ALA A . n 
A 1 109 TYR 109 109 109 TYR TYR A . n 
A 1 110 CYS 110 110 110 CYS CYS A . n 
A 1 111 GLY 111 111 111 GLY GLY A . n 
A 1 112 VAL 112 112 112 VAL VAL A . n 
A 1 113 PHE 113 113 113 PHE PHE A . n 
A 1 114 ASP 114 114 114 ASP ASP A . n 
A 1 115 GLY 115 115 115 GLY GLY A . n 
A 1 116 SER 116 116 116 SER SER A . n 
A 1 117 SER 117 117 117 SER SER A . n 
A 1 118 LEU 118 118 118 LEU LEU A . n 
A 1 119 SER 119 119 119 SER SER A . n 
A 1 120 ASP 120 120 120 ASP ASP A . n 
A 1 121 SER 121 121 121 SER SER A . n 
A 1 122 LYS 122 122 122 LYS LYS A . n 
A 1 123 LEU 123 123 123 LEU LEU A . n 
A 1 124 SER 124 124 124 SER SER A . n 
A 1 125 THR 125 125 125 THR THR A . n 
A 1 126 ILE 126 126 126 ILE ILE A . n 
A 1 127 THR 127 127 127 THR THR A . n 
A 1 128 SER 128 128 128 SER SER A . n 
A 1 129 SER 129 129 129 SER SER A . n 
A 1 130 ILE 130 130 130 ILE ILE A . n 
A 1 131 ALA 131 131 131 ALA ALA A . n 
A 1 132 CYS 132 132 132 CYS CYS A . n 
A 1 133 THR 133 133 133 THR THR A . n 
A 1 134 THR 134 134 134 THR THR A . n 
A 1 135 GLY 135 135 135 GLY GLY A . n 
A 1 136 TRP 136 136 136 TRP TRP A . n 
A 1 137 ALA 137 137 137 ALA ALA A . n 
A 1 138 TYR 138 138 138 TYR TYR A . n 
A 1 139 LEU 139 139 139 LEU LEU A . n 
A 1 140 VAL 140 140 140 VAL VAL A . n 
A 1 141 ILE 141 141 141 ILE ILE A . n 
A 1 142 PHE 142 142 142 PHE PHE A . n 
A 1 143 ASN 143 143 143 ASN ASN A . n 
A 1 144 GLY 144 144 144 GLY GLY A . n 
A 1 145 ASP 145 145 145 ASP ASP A . n 
A 1 146 GLY 146 146 146 GLY GLY A . n 
A 1 147 ASP 147 147 147 ASP ASP A . n 
A 1 148 ASN 148 148 148 ASN ASN A . n 
A 1 149 VAL 149 149 149 VAL VAL A . n 
A 1 150 LEU 150 150 150 LEU LEU A . n 
A 1 151 GLU 151 151 151 GLU GLU A . n 
A 1 152 LEU 152 152 152 LEU LEU A . n 
A 1 153 GLY 153 153 153 GLY GLY A . n 
A 1 154 GLU 154 154 154 GLU GLU A . n 
A 1 155 LYS 155 155 155 LYS LYS A . n 
A 1 156 GLY 156 156 156 GLY GLY A . n 
A 1 157 LEU 157 157 157 LEU LEU A . n 
A 1 158 LEU 158 158 158 LEU LEU A . n 
A 1 159 VAL 159 159 159 VAL VAL A . n 
A 1 160 LEU 160 160 160 LEU LEU A . n 
A 1 161 GLU 161 161 161 GLU GLU A . n 
A 1 162 LEU 162 162 162 LEU LEU A . n 
A 1 163 PRO 163 163 163 PRO PRO A . n 
A 1 164 THR 164 164 164 THR THR A . n 
A 1 165 PRO 165 165 165 PRO PRO A . n 
A 1 166 LEU 166 166 166 LEU LEU A . n 
A 1 167 ASN 167 167 167 ASN ASN A . n 
A 1 168 SER 168 168 168 SER SER A . n 
A 1 169 TYR 169 169 169 TYR TYR A . n 
A 1 170 GLU 170 170 170 GLU GLU A . n 
A 1 171 GLU 171 171 171 GLU GLU A . n 
A 1 172 PHE 172 172 172 PHE PHE A . n 
A 1 173 LYS 173 173 173 LYS LYS A . n 
A 1 174 VAL 174 174 174 VAL VAL A . n 
A 1 175 GLU 175 175 175 GLU GLU A . n 
A 1 176 VAL 176 176 176 VAL VAL A . n 
A 1 177 ARG 177 177 177 ARG ARG A . n 
A 1 178 PRO 178 178 178 PRO PRO A . n 
A 1 179 VAL 179 179 179 VAL VAL A . n 
A 1 180 GLN 180 180 180 GLN GLN A . n 
A 1 181 GLY 181 181 181 GLY GLY A . n 
A 1 182 ALA 182 182 182 ALA ALA A . n 
A 1 183 ALA 183 183 183 ALA ALA A . n 
A 1 184 LEU 184 184 184 LEU LEU A . n 
A 1 185 THR 185 185 185 THR THR A . n 
A 1 186 VAL 186 186 186 VAL VAL A . n 
A 1 187 GLU 187 187 187 GLU GLU A . n 
A 1 188 ARG 188 188 188 ARG ARG A . n 
A 1 189 ILE 189 189 189 ILE ILE A . n 
A 1 190 VAL 190 190 190 VAL VAL A . n 
A 1 191 PRO 191 191 191 PRO PRO A . n 
A 1 192 ALA 192 192 192 ALA ALA A . n 
A 1 193 SER 193 193 193 SER SER A . n 
A 1 194 LEU 194 194 194 LEU LEU A . n 
A 1 195 PRO 195 195 195 PRO PRO A . n 
A 1 196 THR 196 196 196 THR THR A . n 
A 1 197 GLY 197 197 197 GLY GLY A . n 
A 1 198 GLY 198 198 198 GLY GLY A . n 
A 1 199 ALA 199 199 199 ALA ALA A . n 
A 1 200 VAL 200 200 200 VAL VAL A . n 
A 1 201 SER 201 201 201 SER SER A . n 
A 1 202 LEU 202 202 202 LEU LEU A . n 
A 1 203 GLY 203 203 203 GLY GLY A . n 
# 
_software.citation_id            ? 
_software.classification         refinement 
_software.compiler_name          ? 
_software.compiler_version       ? 
_software.contact_author         ? 
_software.contact_author_email   ? 
_software.date                   ? 
_software.description            ? 
_software.dependencies           ? 
_software.hardware               ? 
_software.language               ? 
_software.location               ? 
_software.mods                   ? 
_software.name                   PHENIX 
_software.os                     ? 
_software.os_version             ? 
_software.type                   ? 
_software.version                1.19.2_4158: 
_software.pdbx_ordinal           1 
# 
_cell.angle_alpha                  90.00 
_cell.angle_alpha_esd              ? 
_cell.angle_beta                   90.00 
_cell.angle_beta_esd               ? 
_cell.angle_gamma                  90.00 
_cell.angle_gamma_esd              ? 
_cell.entry_id                     7TXI 
_cell.details                      ? 
_cell.formula_units_Z              ? 
_cell.length_a                     1.00 
_cell.length_a_esd                 ? 
_cell.length_b                     1.00 
_cell.length_b_esd                 ? 
_cell.length_c                     1.00 
_cell.length_c_esd                 ? 
_cell.volume                       ? 
_cell.volume_esd                   ? 
_cell.Z_PDB                        ? 
_cell.reciprocal_angle_alpha       ? 
_cell.reciprocal_angle_beta        ? 
_cell.reciprocal_angle_gamma       ? 
_cell.reciprocal_angle_alpha_esd   ? 
_cell.reciprocal_angle_beta_esd    ? 
_cell.reciprocal_angle_gamma_esd   ? 
_cell.reciprocal_length_a          ? 
_cell.reciprocal_length_b          ? 
_cell.reciprocal_length_c          ? 
_cell.reciprocal_length_a_esd      ? 
_cell.reciprocal_length_b_esd      ? 
_cell.reciprocal_length_c_esd      ? 
_cell.pdbx_unique_axis             ? 
# 
_symmetry.entry_id                         7TXI 
_symmetry.cell_setting                     ? 
_symmetry.Int_Tables_number                1 
_symmetry.space_group_name_Hall            ? 
_symmetry.space_group_name_H-M             'P 1' 
_symmetry.pdbx_full_space_group_name_H-M   ? 
# 
_exptl.absorpt_coefficient_mu     ? 
_exptl.absorpt_correction_T_max   ? 
_exptl.absorpt_correction_T_min   ? 
_exptl.absorpt_correction_type    ? 
_exptl.absorpt_process_details    ? 
_exptl.entry_id                   7TXI 
_exptl.crystals_number            ? 
_exptl.details                    ? 
_exptl.method                     'ELECTRON MICROSCOPY' 
_exptl.method_details             ? 
# 
_refine.pdbx_refine_id                           'ELECTRON MICROSCOPY' 
_refine.entry_id                                 7TXI 
_refine.pdbx_diffrn_id                           ? 
_refine.pdbx_TLS_residual_ADP_flag               ? 
_refine.ls_number_reflns_obs                     ? 
_refine.ls_number_reflns_all                     ? 
_refine.pdbx_ls_sigma_I                          ? 
_refine.pdbx_ls_sigma_F                          ? 
_refine.pdbx_data_cutoff_high_absF               ? 
_refine.pdbx_data_cutoff_low_absF                ? 
_refine.pdbx_data_cutoff_high_rms_absF           ? 
_refine.ls_d_res_low                             ? 
_refine.ls_d_res_high                            . 
_refine.ls_percent_reflns_obs                    ? 
_refine.ls_R_factor_obs                          ? 
_refine.ls_R_factor_all                          ? 
_refine.ls_R_factor_R_work                       ? 
_refine.ls_R_factor_R_free                       ? 
_refine.ls_R_factor_R_free_error                 ? 
_refine.ls_R_factor_R_free_error_details         ? 
_refine.ls_percent_reflns_R_free                 ? 
_refine.ls_number_reflns_R_free                  ? 
_refine.ls_number_parameters                     ? 
_refine.ls_number_restraints                     ? 
_refine.occupancy_min                            ? 
_refine.occupancy_max                            ? 
_refine.correlation_coeff_Fo_to_Fc               ? 
_refine.correlation_coeff_Fo_to_Fc_free          ? 
_refine.B_iso_mean                               ? 
_refine.aniso_B[1][1]                            ? 
_refine.aniso_B[2][2]                            ? 
_refine.aniso_B[3][3]                            ? 
_refine.aniso_B[1][2]                            ? 
_refine.aniso_B[1][3]                            ? 
_refine.aniso_B[2][3]                            ? 
_refine.solvent_model_details                    ? 
_refine.solvent_model_param_ksol                 ? 
_refine.solvent_model_param_bsol                 ? 
_refine.pdbx_solvent_vdw_probe_radii             ? 
_refine.pdbx_solvent_ion_probe_radii             ? 
_refine.pdbx_solvent_shrinkage_radii             ? 
_refine.pdbx_ls_cross_valid_method               ? 
_refine.details                                  ? 
_refine.pdbx_starting_model                      ? 
_refine.pdbx_method_to_determine_struct          ? 
_refine.pdbx_isotropic_thermal_model             ? 
_refine.pdbx_stereochemistry_target_values       ? 
_refine.pdbx_stereochem_target_val_spec_case     ? 
_refine.pdbx_R_Free_selection_details            ? 
_refine.pdbx_overall_ESU_R                       ? 
_refine.pdbx_overall_ESU_R_Free                  ? 
_refine.overall_SU_ML                            ? 
_refine.pdbx_overall_phase_error                 ? 
_refine.overall_SU_B                             ? 
_refine.overall_SU_R_Cruickshank_DPI             ? 
_refine.pdbx_overall_SU_R_free_Cruickshank_DPI   ? 
_refine.pdbx_overall_SU_R_Blow_DPI               ? 
_refine.pdbx_overall_SU_R_free_Blow_DPI          ? 
# 
loop_
_refine_ls_restr.pdbx_refine_id 
_refine_ls_restr.criterion 
_refine_ls_restr.dev_ideal 
_refine_ls_restr.dev_ideal_target 
_refine_ls_restr.number 
_refine_ls_restr.rejects 
_refine_ls_restr.type 
_refine_ls_restr.weight 
_refine_ls_restr.pdbx_restraint_function 
'ELECTRON MICROSCOPY' ? 0.004 ? 29060 ? f_bond_d           ? ? 
'ELECTRON MICROSCOPY' ? 0.732 ? 39560 ? f_angle_d          ? ? 
'ELECTRON MICROSCOPY' ? 4.588 ? 4080  ? f_dihedral_angle_d ? ? 
'ELECTRON MICROSCOPY' ? 0.046 ? 4960  ? f_chiral_restr     ? ? 
'ELECTRON MICROSCOPY' ? 0.010 ? 5020  ? f_plane_restr      ? ? 
# 
_struct.entry_id                     7TXI 
_struct.title                        'Cryo-EM of A. pernix flagellum' 
_struct.pdbx_model_details           ? 
_struct.pdbx_formula_weight          ? 
_struct.pdbx_formula_weight_method   ? 
_struct.pdbx_model_type_details      ? 
_struct.pdbx_CASP_flag               N 
# 
_struct_keywords.entry_id        7TXI 
_struct_keywords.text            'helical symmetry, flagellum, cell appendage, STRUCTURAL PROTEIN' 
_struct_keywords.pdbx_keywords   'STRUCTURAL PROTEIN' 
# 
_struct_asym.id                            A 
_struct_asym.pdbx_blank_PDB_chainid_flag   N 
_struct_asym.pdbx_modified                 N 
_struct_asym.entity_id                     1 
_struct_asym.details                       ? 
# 
_struct_ref.id                         1 
_struct_ref.db_name                    UNP 
_struct_ref.db_code                    FLAB1_AERPE 
_struct_ref.pdbx_db_accession          Q9YAN8 
_struct_ref.pdbx_db_isoform            ? 
_struct_ref.entity_id                  1 
_struct_ref.pdbx_seq_one_letter_code   
;MRRRRGIVGIEAAIVLIAFVIVAAALAFVALNMGLFTTQKSKEVMQRGLEEATSALEVDGSVIANVTSGSVDAIAIPIKV
SPGREGVDMSVDKTTVRVMLPSKFYENAYCGVFDGSSLSDSKLSTITSSIACTTGWAYLVIFNGDGDNVLELGEKGLLVL
ELPTPLNSYEEFKVEVRPVQGAALTVERIVPASLPTGGAVSLG
;
_struct_ref.pdbx_align_begin           1 
# 
_struct_ref_seq.align_id                      1 
_struct_ref_seq.ref_id                        1 
_struct_ref_seq.pdbx_PDB_id_code              7TXI 
_struct_ref_seq.pdbx_strand_id                A 
_struct_ref_seq.seq_align_beg                 1 
_struct_ref_seq.pdbx_seq_align_beg_ins_code   ? 
_struct_ref_seq.seq_align_end                 203 
_struct_ref_seq.pdbx_seq_align_end_ins_code   ? 
_struct_ref_seq.pdbx_db_accession             Q9YAN8 
_struct_ref_seq.db_align_beg                  1 
_struct_ref_seq.pdbx_db_align_beg_ins_code    ? 
_struct_ref_seq.db_align_end                  203 
_struct_ref_seq.pdbx_db_align_end_ins_code    ? 
_struct_ref_seq.pdbx_auth_seq_align_beg       1 
_struct_ref_seq.pdbx_auth_seq_align_end       203 
# 
loop_
_pdbx_struct_assembly.id 
_pdbx_struct_assembly.details 
_pdbx_struct_assembly.method_details 
_pdbx_struct_assembly.oligomeric_details 
_pdbx_struct_assembly.oligomeric_count 
1 'representative helical assembly'            ? eicosameric 20 
2 'helical asymmetric unit'                    ? monomeric   1  
3 'helical asymmetric unit, std helical frame' ? monomeric   1  
# 
loop_
_pdbx_struct_assembly_gen.assembly_id 
_pdbx_struct_assembly_gen.oper_expression 
_pdbx_struct_assembly_gen.asym_id_list 
1 '(1-20)' A 
2 11       A 
3 H        A 
# 
_pdbx_struct_assembly_auth_evidence.id                     1 
_pdbx_struct_assembly_auth_evidence.assembly_id            1 
_pdbx_struct_assembly_auth_evidence.experimental_support   microscopy 
_pdbx_struct_assembly_auth_evidence.details                ? 
# 
loop_
_pdbx_struct_oper_list.id 
_pdbx_struct_oper_list.type 
_pdbx_struct_oper_list.name 
_pdbx_struct_oper_list.symmetry_operation 
_pdbx_struct_oper_list.matrix[1][1] 
_pdbx_struct_oper_list.matrix[1][2] 
_pdbx_struct_oper_list.matrix[1][3] 
_pdbx_struct_oper_list.vector[1] 
_pdbx_struct_oper_list.matrix[2][1] 
_pdbx_struct_oper_list.matrix[2][2] 
_pdbx_struct_oper_list.matrix[2][3] 
_pdbx_struct_oper_list.vector[2] 
_pdbx_struct_oper_list.matrix[3][1] 
_pdbx_struct_oper_list.matrix[3][2] 
_pdbx_struct_oper_list.matrix[3][3] 
_pdbx_struct_oper_list.vector[3] 
H  'identity operation'         1_555 x,y,z 1.00000000 0.00000000  0.00000000  0.00000   0.00000000  1.00000000  0.00000000  0.00000   0.00000000  0.00000000  1.00000000  0.00000   
1  'helical symmetry operation' ?     ?     1.00000000 0.00000000  0.00000000  -52.37984 0.00000000  1.00000000  0.00000000  -14.03540 0.00000000  0.00000000  1.00000000  10.09879  
2  'helical symmetry operation' ?     ?     0.87137186 0.49041127  0.01441736  -60.62478 0.14216918  -0.22426567 -0.96410209 10.98227  -0.46957321 0.84214114  -0.26514017 -28.02443 
3  'helical symmetry operation' ?     ?     0.82224029 0.32948962  -0.46406627 -56.08988 0.54471507  -0.69189355 0.47388690  40.95416  -0.16494364 -0.64243279 -0.74838071 7.02359   
4  'helical symmetry operation' ?     ?     0.98123341 -0.06146660 -0.18276448 -36.93444 0.15375885  0.82138204  0.54926292  1.08736   0.11635814  -0.56705678 0.81541853  20.84204  
5  'helical symmetry operation' ?     ?     0.93210183 0.34107929  0.12186508  -39.59484 -0.00716281 0.35375416  -0.93531101 -0.57097  -0.36212549 0.87093221  0.33217799  -25.39014 
6  'helical symmetry operation' ?     ?     0.80347369 0.48324847  -0.34770813 -43.39284 0.48324847  -0.87051151 -0.09316988 43.99525  -0.34770813 -0.09316988 -0.93296218 -13.27943 
7  'helical symmetry operation' ?     ?     0.93210183 -0.00716281 -0.36212549 -24.67193 0.34107929  0.35375416  0.87093221  21.78466  0.12186508  -0.93531101 0.33217799  22.82402  
8  'helical symmetry operation' ?     ?     0.98123341 0.15375885  0.11635814  -18.73086 -0.06146660 0.82138204  -0.56705678 -5.38015  -0.18276448 0.54926292  0.81541853  -14.24375 
9  'helical symmetry operation' ?     ?     0.82224029 0.54471507  -0.16494364 -27.41033 0.32948962  -0.69189355 -0.64243279 37.29373  -0.46406627 0.47388690  -0.74838071 -30.08196 
10 'helical symmetry operation' ?     ?     0.87137186 0.14216918  -0.46957321 -14.27397 0.49041127  -0.22426567 0.84214114  41.75914  0.01441736  -0.96410209 -0.26514017 14.13047  
11 'identity operation'         1_555 x,y,z 1.00000000 0.00000000  0.00000000  0.00000   0.00000000  1.00000000  0.00000000  0.00000   0.00000000  0.00000000  1.00000000  0.00000   
12 'helical symmetry operation' ?     ?     0.87137186 0.49041127  0.01441736  -8.24494  0.14216918  -0.22426567 -0.96410209 25.01768  -0.46957321 0.84214114  -0.26514017 -38.12321 
13 'helical symmetry operation' ?     ?     0.82224029 0.32948962  -0.46406627 -3.71004  0.54471507  -0.69189355 0.47388690  54.98956  -0.16494364 -0.64243279 -0.74838071 -3.07520  
14 'helical symmetry operation' ?     ?     0.98123341 -0.06146660 -0.18276448 15.44540  0.15375885  0.82138204  0.54926292  15.12276  0.11635814  -0.56705678 0.81541853  10.74325  
15 'helical symmetry operation' ?     ?     0.93210183 0.34107929  0.12186508  12.78500  -0.00716281 0.35375416  -0.93531101 13.46443  -0.36212549 0.87093221  0.33217799  -35.48893 
16 'helical symmetry operation' ?     ?     0.80347369 0.48324847  -0.34770813 8.98700   0.48324847  -0.87051151 -0.09316988 58.03065  -0.34770813 -0.09316988 -0.93296218 -23.37822 
17 'helical symmetry operation' ?     ?     0.93210183 -0.00716281 -0.36212549 27.70791  0.34107929  0.35375416  0.87093221  35.82006  0.12186508  -0.93531101 0.33217799  12.72524  
18 'helical symmetry operation' ?     ?     0.98123341 0.15375885  0.11635814  33.64898  -0.06146660 0.82138204  -0.56705678 8.65525   -0.18276448 0.54926292  0.81541853  -24.34253 
19 'helical symmetry operation' ?     ?     0.82224029 0.54471507  -0.16494364 24.96951  0.32948962  -0.69189355 -0.64243279 51.32913  -0.46406627 0.47388690  -0.74838071 -40.18074 
20 'helical symmetry operation' ?     ?     0.87137186 0.14216918  -0.46957321 38.10587  0.49041127  -0.22426567 0.84214114  55.79455  0.01441736  -0.96410209 -0.26514017 4.03168  
# 
loop_
_struct_conf.conf_type_id 
_struct_conf.id 
_struct_conf.pdbx_PDB_helix_id 
_struct_conf.beg_label_comp_id 
_struct_conf.beg_label_asym_id 
_struct_conf.beg_label_seq_id 
_struct_conf.pdbx_beg_PDB_ins_code 
_struct_conf.end_label_comp_id 
_struct_conf.end_label_asym_id 
_struct_conf.end_label_seq_id 
_struct_conf.pdbx_end_PDB_ins_code 
_struct_conf.beg_auth_comp_id 
_struct_conf.beg_auth_asym_id 
_struct_conf.beg_auth_seq_id 
_struct_conf.end_auth_comp_id 
_struct_conf.end_auth_asym_id 
_struct_conf.end_auth_seq_id 
_struct_conf.pdbx_PDB_helix_class 
_struct_conf.details 
_struct_conf.pdbx_PDB_helix_length 
HELX_P HELX_P1 AA1 VAL A 8   ? THR A 53  ? VAL A 8   THR A 53  1 ? 46 
HELX_P HELX_P2 AA2 LYS A 122 ? ILE A 130 ? LYS A 122 ILE A 130 1 ? 9  
# 
_struct_conf_type.id          HELX_P 
_struct_conf_type.criteria    ? 
_struct_conf_type.reference   ? 
# 
_struct_conn.id                            disulf1 
_struct_conn.conn_type_id                  disulf 
_struct_conn.pdbx_leaving_atom_flag        ? 
_struct_conn.pdbx_PDB_id                   ? 
_struct_conn.ptnr1_label_asym_id           A 
_struct_conn.ptnr1_label_comp_id           CYS 
_struct_conn.ptnr1_label_seq_id            110 
_struct_conn.ptnr1_label_atom_id           SG 
_struct_conn.pdbx_ptnr1_label_alt_id       ? 
_struct_conn.pdbx_ptnr1_PDB_ins_code       ? 
_struct_conn.pdbx_ptnr1_standard_comp_id   ? 
_struct_conn.ptnr1_symmetry                1_555 
_struct_conn.ptnr2_label_asym_id           A 
_struct_conn.ptnr2_label_comp_id           CYS 
_struct_conn.ptnr2_label_seq_id            132 
_struct_conn.ptnr2_label_atom_id           SG 
_struct_conn.pdbx_ptnr2_label_alt_id       ? 
_struct_conn.pdbx_ptnr2_PDB_ins_code       ? 
_struct_conn.ptnr1_auth_asym_id            A 
_struct_conn.ptnr1_auth_comp_id            CYS 
_struct_conn.ptnr1_auth_seq_id             110 
_struct_conn.ptnr2_auth_asym_id            A 
_struct_conn.ptnr2_auth_comp_id            CYS 
_struct_conn.ptnr2_auth_seq_id             132 
_struct_conn.ptnr2_symmetry                1_555 
_struct_conn.pdbx_ptnr3_label_atom_id      ? 
_struct_conn.pdbx_ptnr3_label_seq_id       ? 
_struct_conn.pdbx_ptnr3_label_comp_id      ? 
_struct_conn.pdbx_ptnr3_label_asym_id      ? 
_struct_conn.pdbx_ptnr3_label_alt_id       ? 
_struct_conn.pdbx_ptnr3_PDB_ins_code       ? 
_struct_conn.details                       ? 
_struct_conn.pdbx_dist_value               2.031 
_struct_conn.pdbx_value_order              ? 
_struct_conn.pdbx_role                     ? 
# 
_struct_conn_type.id          disulf 
_struct_conn_type.criteria    ? 
_struct_conn_type.reference   ? 
# 
_pdbx_modification_feature.ordinal                            1 
_pdbx_modification_feature.label_comp_id                      CYS 
_pdbx_modification_feature.label_asym_id                      A 
_pdbx_modification_feature.label_seq_id                       110 
_pdbx_modification_feature.label_alt_id                       ? 
_pdbx_modification_feature.modified_residue_label_comp_id     CYS 
_pdbx_modification_feature.modified_residue_label_asym_id     A 
_pdbx_modification_feature.modified_residue_label_seq_id      132 
_pdbx_modification_feature.modified_residue_label_alt_id      ? 
_pdbx_modification_feature.auth_comp_id                       CYS 
_pdbx_modification_feature.auth_asym_id                       A 
_pdbx_modification_feature.auth_seq_id                        110 
_pdbx_modification_feature.PDB_ins_code                       ? 
_pdbx_modification_feature.symmetry                           1_555 
_pdbx_modification_feature.modified_residue_auth_comp_id      CYS 
_pdbx_modification_feature.modified_residue_auth_asym_id      A 
_pdbx_modification_feature.modified_residue_auth_seq_id       132 
_pdbx_modification_feature.modified_residue_PDB_ins_code      ? 
_pdbx_modification_feature.modified_residue_symmetry          1_555 
_pdbx_modification_feature.comp_id_linking_atom               SG 
_pdbx_modification_feature.modified_residue_id_linking_atom   SG 
_pdbx_modification_feature.modified_residue_id                . 
_pdbx_modification_feature.ref_pcm_id                         . 
_pdbx_modification_feature.ref_comp_id                        . 
_pdbx_modification_feature.type                               None 
_pdbx_modification_feature.category                           'Disulfide bridge' 
# 
loop_
_struct_sheet.id 
_struct_sheet.type 
_struct_sheet.number_strands 
_struct_sheet.details 
AA1 ? 5 ? 
AA2 ? 4 ? 
AA3 ? 2 ? 
AA4 ? 4 ? 
# 
loop_
_struct_sheet_order.sheet_id 
_struct_sheet_order.range_id_1 
_struct_sheet_order.range_id_2 
_struct_sheet_order.offset 
_struct_sheet_order.sense 
AA1 1 2 ? anti-parallel 
AA1 2 3 ? anti-parallel 
AA1 3 4 ? anti-parallel 
AA1 4 5 ? parallel      
AA2 1 2 ? anti-parallel 
AA2 2 3 ? anti-parallel 
AA2 3 4 ? anti-parallel 
AA3 1 2 ? anti-parallel 
AA4 1 2 ? anti-parallel 
AA4 2 3 ? anti-parallel 
AA4 3 4 ? anti-parallel 
# 
loop_
_struct_sheet_range.sheet_id 
_struct_sheet_range.id 
_struct_sheet_range.beg_label_comp_id 
_struct_sheet_range.beg_label_asym_id 
_struct_sheet_range.beg_label_seq_id 
_struct_sheet_range.pdbx_beg_PDB_ins_code 
_struct_sheet_range.end_label_comp_id 
_struct_sheet_range.end_label_asym_id 
_struct_sheet_range.end_label_seq_id 
_struct_sheet_range.pdbx_end_PDB_ins_code 
_struct_sheet_range.beg_auth_comp_id 
_struct_sheet_range.beg_auth_asym_id 
_struct_sheet_range.beg_auth_seq_id 
_struct_sheet_range.end_auth_comp_id 
_struct_sheet_range.end_auth_asym_id 
_struct_sheet_range.end_auth_seq_id 
AA1 1 GLU A 57  ? VAL A 58  ? GLU A 57  VAL A 58  
AA1 2 SER A 70  ? LYS A 79  ? SER A 70  LYS A 79  
AA1 3 LYS A 155 ? GLU A 161 ? LYS A 155 GLU A 161 
AA1 4 ALA A 137 ? PHE A 142 ? ALA A 137 PHE A 142 
AA1 5 TYR A 109 ? ASP A 114 ? TYR A 109 ASP A 114 
AA2 1 GLU A 57  ? VAL A 58  ? GLU A 57  VAL A 58  
AA2 2 SER A 70  ? LYS A 79  ? SER A 70  LYS A 79  
AA2 3 ILE A 63  ? THR A 67  ? ILE A 63  THR A 67  
AA2 4 ALA A 199 ? SER A 201 ? ALA A 199 SER A 201 
AA3 1 VAL A 87  ? ASP A 88  ? VAL A 87  ASP A 88  
AA3 2 VAL A 149 ? LEU A 150 ? VAL A 149 LEU A 150 
AA4 1 PHE A 104 ? TYR A 105 ? PHE A 104 TYR A 105 
AA4 2 THR A 95  ? MET A 99  ? THR A 95  MET A 99  
AA4 3 GLU A 171 ? ARG A 177 ? GLU A 171 ARG A 177 
AA4 4 LEU A 184 ? ILE A 189 ? LEU A 184 ILE A 189 
# 
loop_
_pdbx_struct_sheet_hbond.sheet_id 
_pdbx_struct_sheet_hbond.range_id_1 
_pdbx_struct_sheet_hbond.range_id_2 
_pdbx_struct_sheet_hbond.range_1_label_atom_id 
_pdbx_struct_sheet_hbond.range_1_label_comp_id 
_pdbx_struct_sheet_hbond.range_1_label_asym_id 
_pdbx_struct_sheet_hbond.range_1_label_seq_id 
_pdbx_struct_sheet_hbond.range_1_PDB_ins_code 
_pdbx_struct_sheet_hbond.range_1_auth_atom_id 
_pdbx_struct_sheet_hbond.range_1_auth_comp_id 
_pdbx_struct_sheet_hbond.range_1_auth_asym_id 
_pdbx_struct_sheet_hbond.range_1_auth_seq_id 
_pdbx_struct_sheet_hbond.range_2_label_atom_id 
_pdbx_struct_sheet_hbond.range_2_label_comp_id 
_pdbx_struct_sheet_hbond.range_2_label_asym_id 
_pdbx_struct_sheet_hbond.range_2_label_seq_id 
_pdbx_struct_sheet_hbond.range_2_PDB_ins_code 
_pdbx_struct_sheet_hbond.range_2_auth_atom_id 
_pdbx_struct_sheet_hbond.range_2_auth_comp_id 
_pdbx_struct_sheet_hbond.range_2_auth_asym_id 
_pdbx_struct_sheet_hbond.range_2_auth_seq_id 
AA1 1 2 N GLU A 57  ? N GLU A 57  O LYS A 79  ? O LYS A 79  
AA1 2 3 N ILE A 76  ? N ILE A 76  O LEU A 158 ? O LEU A 158 
AA1 3 4 O LYS A 155 ? O LYS A 155 N PHE A 142 ? N PHE A 142 
AA1 4 5 O ALA A 137 ? O ALA A 137 N CYS A 110 ? N CYS A 110 
AA2 1 2 N GLU A 57  ? N GLU A 57  O LYS A 79  ? O LYS A 79  
AA2 2 3 O ASP A 72  ? O ASP A 72  N ASN A 65  ? N ASN A 65  
AA2 3 4 N ALA A 64  ? N ALA A 64  O VAL A 200 ? O VAL A 200 
AA3 1 2 N VAL A 87  ? N VAL A 87  O LEU A 150 ? O LEU A 150 
AA4 1 2 O TYR A 105 ? O TYR A 105 N VAL A 98  ? N VAL A 98  
AA4 2 3 N MET A 99  ? N MET A 99  O LYS A 173 ? O LYS A 173 
AA4 3 4 N VAL A 174 ? N VAL A 174 O VAL A 186 ? O VAL A 186 
# 
_pdbx_entry_details.entry_id                   7TXI 
_pdbx_entry_details.compound_details           ? 
_pdbx_entry_details.source_details             ? 
_pdbx_entry_details.nonpolymer_details         ? 
_pdbx_entry_details.sequence_details           ? 
_pdbx_entry_details.has_ligand_of_interest     ? 
_pdbx_entry_details.has_protein_modification   Y 
# 
_pdbx_validate_rmsd_bond.id                        1 
_pdbx_validate_rmsd_bond.PDB_model_num             1 
_pdbx_validate_rmsd_bond.auth_atom_id_1            CG 
_pdbx_validate_rmsd_bond.auth_asym_id_1            A 
_pdbx_validate_rmsd_bond.auth_comp_id_1            PRO 
_pdbx_validate_rmsd_bond.auth_seq_id_1             165 
_pdbx_validate_rmsd_bond.PDB_ins_code_1            ? 
_pdbx_validate_rmsd_bond.label_alt_id_1            ? 
_pdbx_validate_rmsd_bond.auth_atom_id_2            CD 
_pdbx_validate_rmsd_bond.auth_asym_id_2            A 
_pdbx_validate_rmsd_bond.auth_comp_id_2            PRO 
_pdbx_validate_rmsd_bond.auth_seq_id_2             165 
_pdbx_validate_rmsd_bond.PDB_ins_code_2            ? 
_pdbx_validate_rmsd_bond.label_alt_id_2            ? 
_pdbx_validate_rmsd_bond.bond_value                1.274 
_pdbx_validate_rmsd_bond.bond_target_value         1.502 
_pdbx_validate_rmsd_bond.bond_deviation            -0.228 
_pdbx_validate_rmsd_bond.bond_standard_deviation   0.033 
_pdbx_validate_rmsd_bond.linker_flag               N 
# 
loop_
_pdbx_validate_rmsd_angle.id 
_pdbx_validate_rmsd_angle.PDB_model_num 
_pdbx_validate_rmsd_angle.auth_atom_id_1 
_pdbx_validate_rmsd_angle.auth_asym_id_1 
_pdbx_validate_rmsd_angle.auth_comp_id_1 
_pdbx_validate_rmsd_angle.auth_seq_id_1 
_pdbx_validate_rmsd_angle.PDB_ins_code_1 
_pdbx_validate_rmsd_angle.label_alt_id_1 
_pdbx_validate_rmsd_angle.auth_atom_id_2 
_pdbx_validate_rmsd_angle.auth_asym_id_2 
_pdbx_validate_rmsd_angle.auth_comp_id_2 
_pdbx_validate_rmsd_angle.auth_seq_id_2 
_pdbx_validate_rmsd_angle.PDB_ins_code_2 
_pdbx_validate_rmsd_angle.label_alt_id_2 
_pdbx_validate_rmsd_angle.auth_atom_id_3 
_pdbx_validate_rmsd_angle.auth_asym_id_3 
_pdbx_validate_rmsd_angle.auth_comp_id_3 
_pdbx_validate_rmsd_angle.auth_seq_id_3 
_pdbx_validate_rmsd_angle.PDB_ins_code_3 
_pdbx_validate_rmsd_angle.label_alt_id_3 
_pdbx_validate_rmsd_angle.angle_value 
_pdbx_validate_rmsd_angle.angle_target_value 
_pdbx_validate_rmsd_angle.angle_deviation 
_pdbx_validate_rmsd_angle.angle_standard_deviation 
_pdbx_validate_rmsd_angle.linker_flag 
1 1 C  A THR 164 ? ? N  A PRO 165 ? ? CD A PRO 165 ? ? 107.96 128.40 -20.44 2.10 Y 
2 1 CA A PRO 165 ? ? N  A PRO 165 ? ? CD A PRO 165 ? ? 98.24  111.70 -13.46 1.40 N 
3 1 N  A PRO 165 ? ? CD A PRO 165 ? ? CG A PRO 165 ? ? 90.78  103.20 -12.42 1.50 N 
# 
loop_
_pdbx_validate_torsion.id 
_pdbx_validate_torsion.PDB_model_num 
_pdbx_validate_torsion.auth_comp_id 
_pdbx_validate_torsion.auth_asym_id 
_pdbx_validate_torsion.auth_seq_id 
_pdbx_validate_torsion.PDB_ins_code 
_pdbx_validate_torsion.label_alt_id 
_pdbx_validate_torsion.phi 
_pdbx_validate_torsion.psi 
1 1 SER A 54  ? ? 62.34  63.19   
2 1 LEU A 56  ? ? 70.91  132.04  
3 1 ARG A 84  ? ? 51.97  -129.59 
4 1 SER A 117 ? ? 73.19  -5.64   
5 1 LEU A 118 ? ? 53.12  -140.51 
6 1 SER A 121 ? ? -98.44 32.09   
7 1 LEU A 166 ? ? 64.81  71.82   
8 1 ASN A 167 ? ? -75.28 -160.66 
9 1 TYR A 169 ? ? 76.23  -4.91   
# 
_pdbx_helical_symmetry.entry_id                  7TXI 
_pdbx_helical_symmetry.number_of_operations      20 
_pdbx_helical_symmetry.rotation_per_n_subunits   108.000000 
_pdbx_helical_symmetry.rise_per_n_subunits       5.516000 
_pdbx_helical_symmetry.n_subunits_divisor        1 
_pdbx_helical_symmetry.dyad_axis                 no 
_pdbx_helical_symmetry.circular_symmetry         1 
# 
_em_3d_fitting.entry_id          7TXI 
_em_3d_fitting.id                1 
_em_3d_fitting.details           ? 
_em_3d_fitting.overall_b_value   ? 
_em_3d_fitting.ref_protocol      ? 
_em_3d_fitting.ref_space         ? 
_em_3d_fitting.target_criteria   ? 
_em_3d_fitting.method            ? 
# 
_em_3d_reconstruction.entry_id                    7TXI 
_em_3d_reconstruction.id                          1 
_em_3d_reconstruction.algorithm                   ? 
_em_3d_reconstruction.details                     ? 
_em_3d_reconstruction.refinement_type             ? 
_em_3d_reconstruction.image_processing_id         1 
_em_3d_reconstruction.num_class_averages          ? 
_em_3d_reconstruction.num_particles               59338 
_em_3d_reconstruction.resolution                  3.5 
_em_3d_reconstruction.resolution_method           'FSC 0.143 CUT-OFF' 
_em_3d_reconstruction.symmetry_type               HELICAL 
_em_3d_reconstruction.method                      ? 
_em_3d_reconstruction.nominal_pixel_size          ? 
_em_3d_reconstruction.actual_pixel_size           ? 
_em_3d_reconstruction.magnification_calibration   ? 
# 
_em_buffer.id            1 
_em_buffer.details       ? 
_em_buffer.pH            6 
_em_buffer.specimen_id   1 
_em_buffer.name          ? 
# 
_em_entity_assembly.id                   1 
_em_entity_assembly.parent_id            0 
_em_entity_assembly.details              ? 
_em_entity_assembly.name                 'A. pernix flagellum' 
_em_entity_assembly.source               NATURAL 
_em_entity_assembly.type                 COMPLEX 
_em_entity_assembly.entity_id_list       1 
_em_entity_assembly.synonym              ? 
_em_entity_assembly.oligomeric_details   ? 
# 
_em_imaging.id                              1 
_em_imaging.entry_id                        7TXI 
_em_imaging.accelerating_voltage            300 
_em_imaging.alignment_procedure             ? 
_em_imaging.c2_aperture_diameter            ? 
_em_imaging.calibrated_defocus_max          ? 
_em_imaging.calibrated_defocus_min          ? 
_em_imaging.calibrated_magnification        ? 
_em_imaging.cryogen                         ? 
_em_imaging.details                         ? 
_em_imaging.electron_source                 'FIELD EMISSION GUN' 
_em_imaging.illumination_mode               'FLOOD BEAM' 
_em_imaging.microscope_model                'FEI TITAN KRIOS' 
_em_imaging.mode                            'BRIGHT FIELD' 
_em_imaging.nominal_cs                      ? 
_em_imaging.nominal_defocus_max             3000 
_em_imaging.nominal_defocus_min             500 
_em_imaging.nominal_magnification           ? 
_em_imaging.recording_temperature_maximum   ? 
_em_imaging.recording_temperature_minimum   ? 
_em_imaging.residual_tilt                   ? 
_em_imaging.specimen_holder_model           ? 
_em_imaging.specimen_id                     1 
_em_imaging.citation_id                     ? 
_em_imaging.date                            ? 
_em_imaging.temperature                     ? 
_em_imaging.tilt_angle_min                  ? 
_em_imaging.tilt_angle_max                  ? 
_em_imaging.astigmatism                     ? 
_em_imaging.detector_distance               ? 
_em_imaging.electron_beam_tilt_params       ? 
_em_imaging.specimen_holder_type            ? 
# 
_em_vitrification.id                    1 
_em_vitrification.specimen_id           1 
_em_vitrification.chamber_temperature   ? 
_em_vitrification.cryogen_name          ETHANE 
_em_vitrification.details               ? 
_em_vitrification.humidity              ? 
_em_vitrification.instrument            ? 
_em_vitrification.entry_id              7TXI 
_em_vitrification.citation_id           ? 
_em_vitrification.method                ? 
_em_vitrification.temp                  ? 
_em_vitrification.time_resolved_state   ? 
# 
_em_experiment.entry_id                7TXI 
_em_experiment.id                      1 
_em_experiment.aggregation_state       FILAMENT 
_em_experiment.reconstruction_method   HELICAL 
_em_experiment.entity_assembly_id      1 
# 
loop_
_pdbx_unobs_or_zero_occ_residues.id 
_pdbx_unobs_or_zero_occ_residues.PDB_model_num 
_pdbx_unobs_or_zero_occ_residues.polymer_flag 
_pdbx_unobs_or_zero_occ_residues.occupancy_flag 
_pdbx_unobs_or_zero_occ_residues.auth_asym_id 
_pdbx_unobs_or_zero_occ_residues.auth_comp_id 
_pdbx_unobs_or_zero_occ_residues.auth_seq_id 
_pdbx_unobs_or_zero_occ_residues.PDB_ins_code 
_pdbx_unobs_or_zero_occ_residues.label_asym_id 
_pdbx_unobs_or_zero_occ_residues.label_comp_id 
_pdbx_unobs_or_zero_occ_residues.label_seq_id 
1 1 Y 1 A MET 1 ? A MET 1 
2 1 Y 1 A ARG 2 ? A ARG 2 
3 1 Y 1 A ARG 3 ? A ARG 3 
4 1 Y 1 A ARG 4 ? A ARG 4 
5 1 Y 1 A ARG 5 ? A ARG 5 
6 1 Y 1 A GLY 6 ? A GLY 6 
7 1 Y 1 A ILE 7 ? A ILE 7 
# 
loop_
_chem_comp_atom.comp_id 
_chem_comp_atom.atom_id 
_chem_comp_atom.type_symbol 
_chem_comp_atom.pdbx_aromatic_flag 
_chem_comp_atom.pdbx_stereo_config 
_chem_comp_atom.pdbx_ordinal 
ALA N    N N N 1   
ALA CA   C N S 2   
ALA C    C N N 3   
ALA O    O N N 4   
ALA CB   C N N 5   
ALA OXT  O N N 6   
ALA H    H N N 7   
ALA H2   H N N 8   
ALA HA   H N N 9   
ALA HB1  H N N 10  
ALA HB2  H N N 11  
ALA HB3  H N N 12  
ALA HXT  H N N 13  
ARG N    N N N 14  
ARG CA   C N S 15  
ARG C    C N N 16  
ARG O    O N N 17  
ARG CB   C N N 18  
ARG CG   C N N 19  
ARG CD   C N N 20  
ARG NE   N N N 21  
ARG CZ   C N N 22  
ARG NH1  N N N 23  
ARG NH2  N N N 24  
ARG OXT  O N N 25  
ARG H    H N N 26  
ARG H2   H N N 27  
ARG HA   H N N 28  
ARG HB2  H N N 29  
ARG HB3  H N N 30  
ARG HG2  H N N 31  
ARG HG3  H N N 32  
ARG HD2  H N N 33  
ARG HD3  H N N 34  
ARG HE   H N N 35  
ARG HH11 H N N 36  
ARG HH12 H N N 37  
ARG HH21 H N N 38  
ARG HH22 H N N 39  
ARG HXT  H N N 40  
ASN N    N N N 41  
ASN CA   C N S 42  
ASN C    C N N 43  
ASN O    O N N 44  
ASN CB   C N N 45  
ASN CG   C N N 46  
ASN OD1  O N N 47  
ASN ND2  N N N 48  
ASN OXT  O N N 49  
ASN H    H N N 50  
ASN H2   H N N 51  
ASN HA   H N N 52  
ASN HB2  H N N 53  
ASN HB3  H N N 54  
ASN HD21 H N N 55  
ASN HD22 H N N 56  
ASN HXT  H N N 57  
ASP N    N N N 58  
ASP CA   C N S 59  
ASP C    C N N 60  
ASP O    O N N 61  
ASP CB   C N N 62  
ASP CG   C N N 63  
ASP OD1  O N N 64  
ASP OD2  O N N 65  
ASP OXT  O N N 66  
ASP H    H N N 67  
ASP H2   H N N 68  
ASP HA   H N N 69  
ASP HB2  H N N 70  
ASP HB3  H N N 71  
ASP HD2  H N N 72  
ASP HXT  H N N 73  
CYS N    N N N 74  
CYS CA   C N R 75  
CYS C    C N N 76  
CYS O    O N N 77  
CYS CB   C N N 78  
CYS SG   S N N 79  
CYS OXT  O N N 80  
CYS H    H N N 81  
CYS H2   H N N 82  
CYS HA   H N N 83  
CYS HB2  H N N 84  
CYS HB3  H N N 85  
CYS HG   H N N 86  
CYS HXT  H N N 87  
GLN N    N N N 88  
GLN CA   C N S 89  
GLN C    C N N 90  
GLN O    O N N 91  
GLN CB   C N N 92  
GLN CG   C N N 93  
GLN CD   C N N 94  
GLN OE1  O N N 95  
GLN NE2  N N N 96  
GLN OXT  O N N 97  
GLN H    H N N 98  
GLN H2   H N N 99  
GLN HA   H N N 100 
GLN HB2  H N N 101 
GLN HB3  H N N 102 
GLN HG2  H N N 103 
GLN HG3  H N N 104 
GLN HE21 H N N 105 
GLN HE22 H N N 106 
GLN HXT  H N N 107 
GLU N    N N N 108 
GLU CA   C N S 109 
GLU C    C N N 110 
GLU O    O N N 111 
GLU CB   C N N 112 
GLU CG   C N N 113 
GLU CD   C N N 114 
GLU OE1  O N N 115 
GLU OE2  O N N 116 
GLU OXT  O N N 117 
GLU H    H N N 118 
GLU H2   H N N 119 
GLU HA   H N N 120 
GLU HB2  H N N 121 
GLU HB3  H N N 122 
GLU HG2  H N N 123 
GLU HG3  H N N 124 
GLU HE2  H N N 125 
GLU HXT  H N N 126 
GLY N    N N N 127 
GLY CA   C N N 128 
GLY C    C N N 129 
GLY O    O N N 130 
GLY OXT  O N N 131 
GLY H    H N N 132 
GLY H2   H N N 133 
GLY HA2  H N N 134 
GLY HA3  H N N 135 
GLY HXT  H N N 136 
ILE N    N N N 137 
ILE CA   C N S 138 
ILE C    C N N 139 
ILE O    O N N 140 
ILE CB   C N S 141 
ILE CG1  C N N 142 
ILE CG2  C N N 143 
ILE CD1  C N N 144 
ILE OXT  O N N 145 
ILE H    H N N 146 
ILE H2   H N N 147 
ILE HA   H N N 148 
ILE HB   H N N 149 
ILE HG12 H N N 150 
ILE HG13 H N N 151 
ILE HG21 H N N 152 
ILE HG22 H N N 153 
ILE HG23 H N N 154 
ILE HD11 H N N 155 
ILE HD12 H N N 156 
ILE HD13 H N N 157 
ILE HXT  H N N 158 
LEU N    N N N 159 
LEU CA   C N S 160 
LEU C    C N N 161 
LEU O    O N N 162 
LEU CB   C N N 163 
LEU CG   C N N 164 
LEU CD1  C N N 165 
LEU CD2  C N N 166 
LEU OXT  O N N 167 
LEU H    H N N 168 
LEU H2   H N N 169 
LEU HA   H N N 170 
LEU HB2  H N N 171 
LEU HB3  H N N 172 
LEU HG   H N N 173 
LEU HD11 H N N 174 
LEU HD12 H N N 175 
LEU HD13 H N N 176 
LEU HD21 H N N 177 
LEU HD22 H N N 178 
LEU HD23 H N N 179 
LEU HXT  H N N 180 
LYS N    N N N 181 
LYS CA   C N S 182 
LYS C    C N N 183 
LYS O    O N N 184 
LYS CB   C N N 185 
LYS CG   C N N 186 
LYS CD   C N N 187 
LYS CE   C N N 188 
LYS NZ   N N N 189 
LYS OXT  O N N 190 
LYS H    H N N 191 
LYS H2   H N N 192 
LYS HA   H N N 193 
LYS HB2  H N N 194 
LYS HB3  H N N 195 
LYS HG2  H N N 196 
LYS HG3  H N N 197 
LYS HD2  H N N 198 
LYS HD3  H N N 199 
LYS HE2  H N N 200 
LYS HE3  H N N 201 
LYS HZ1  H N N 202 
LYS HZ2  H N N 203 
LYS HZ3  H N N 204 
LYS HXT  H N N 205 
MET N    N N N 206 
MET CA   C N S 207 
MET C    C N N 208 
MET O    O N N 209 
MET CB   C N N 210 
MET CG   C N N 211 
MET SD   S N N 212 
MET CE   C N N 213 
MET OXT  O N N 214 
MET H    H N N 215 
MET H2   H N N 216 
MET HA   H N N 217 
MET HB2  H N N 218 
MET HB3  H N N 219 
MET HG2  H N N 220 
MET HG3  H N N 221 
MET HE1  H N N 222 
MET HE2  H N N 223 
MET HE3  H N N 224 
MET HXT  H N N 225 
PHE N    N N N 226 
PHE CA   C N S 227 
PHE C    C N N 228 
PHE O    O N N 229 
PHE CB   C N N 230 
PHE CG   C Y N 231 
PHE CD1  C Y N 232 
PHE CD2  C Y N 233 
PHE CE1  C Y N 234 
PHE CE2  C Y N 235 
PHE CZ   C Y N 236 
PHE OXT  O N N 237 
PHE H    H N N 238 
PHE H2   H N N 239 
PHE HA   H N N 240 
PHE HB2  H N N 241 
PHE HB3  H N N 242 
PHE HD1  H N N 243 
PHE HD2  H N N 244 
PHE HE1  H N N 245 
PHE HE2  H N N 246 
PHE HZ   H N N 247 
PHE HXT  H N N 248 
PRO N    N N N 249 
PRO CA   C N S 250 
PRO C    C N N 251 
PRO O    O N N 252 
PRO CB   C N N 253 
PRO CG   C N N 254 
PRO CD   C N N 255 
PRO OXT  O N N 256 
PRO H    H N N 257 
PRO HA   H N N 258 
PRO HB2  H N N 259 
PRO HB3  H N N 260 
PRO HG2  H N N 261 
PRO HG3  H N N 262 
PRO HD2  H N N 263 
PRO HD3  H N N 264 
PRO HXT  H N N 265 
SER N    N N N 266 
SER CA   C N S 267 
SER C    C N N 268 
SER O    O N N 269 
SER CB   C N N 270 
SER OG   O N N 271 
SER OXT  O N N 272 
SER H    H N N 273 
SER H2   H N N 274 
SER HA   H N N 275 
SER HB2  H N N 276 
SER HB3  H N N 277 
SER HG   H N N 278 
SER HXT  H N N 279 
THR N    N N N 280 
THR CA   C N S 281 
THR C    C N N 282 
THR O    O N N 283 
THR CB   C N R 284 
THR OG1  O N N 285 
THR CG2  C N N 286 
THR OXT  O N N 287 
THR H    H N N 288 
THR H2   H N N 289 
THR HA   H N N 290 
THR HB   H N N 291 
THR HG1  H N N 292 
THR HG21 H N N 293 
THR HG22 H N N 294 
THR HG23 H N N 295 
THR HXT  H N N 296 
TRP N    N N N 297 
TRP CA   C N S 298 
TRP C    C N N 299 
TRP O    O N N 300 
TRP CB   C N N 301 
TRP CG   C Y N 302 
TRP CD1  C Y N 303 
TRP CD2  C Y N 304 
TRP NE1  N Y N 305 
TRP CE2  C Y N 306 
TRP CE3  C Y N 307 
TRP CZ2  C Y N 308 
TRP CZ3  C Y N 309 
TRP CH2  C Y N 310 
TRP OXT  O N N 311 
TRP H    H N N 312 
TRP H2   H N N 313 
TRP HA   H N N 314 
TRP HB2  H N N 315 
TRP HB3  H N N 316 
TRP HD1  H N N 317 
TRP HE1  H N N 318 
TRP HE3  H N N 319 
TRP HZ2  H N N 320 
TRP HZ3  H N N 321 
TRP HH2  H N N 322 
TRP HXT  H N N 323 
TYR N    N N N 324 
TYR CA   C N S 325 
TYR C    C N N 326 
TYR O    O N N 327 
TYR CB   C N N 328 
TYR CG   C Y N 329 
TYR CD1  C Y N 330 
TYR CD2  C Y N 331 
TYR CE1  C Y N 332 
TYR CE2  C Y N 333 
TYR CZ   C Y N 334 
TYR OH   O N N 335 
TYR OXT  O N N 336 
TYR H    H N N 337 
TYR H2   H N N 338 
TYR HA   H N N 339 
TYR HB2  H N N 340 
TYR HB3  H N N 341 
TYR HD1  H N N 342 
TYR HD2  H N N 343 
TYR HE1  H N N 344 
TYR HE2  H N N 345 
TYR HH   H N N 346 
TYR HXT  H N N 347 
VAL N    N N N 348 
VAL CA   C N S 349 
VAL C    C N N 350 
VAL O    O N N 351 
VAL CB   C N N 352 
VAL CG1  C N N 353 
VAL CG2  C N N 354 
VAL OXT  O N N 355 
VAL H    H N N 356 
VAL H2   H N N 357 
VAL HA   H N N 358 
VAL HB   H N N 359 
VAL HG11 H N N 360 
VAL HG12 H N N 361 
VAL HG13 H N N 362 
VAL HG21 H N N 363 
VAL HG22 H N N 364 
VAL HG23 H N N 365 
VAL HXT  H N N 366 
# 
loop_
_chem_comp_bond.comp_id 
_chem_comp_bond.atom_id_1 
_chem_comp_bond.atom_id_2 
_chem_comp_bond.value_order 
_chem_comp_bond.pdbx_aromatic_flag 
_chem_comp_bond.pdbx_stereo_config 
_chem_comp_bond.pdbx_ordinal 
ALA N   CA   sing N N 1   
ALA N   H    sing N N 2   
ALA N   H2   sing N N 3   
ALA CA  C    sing N N 4   
ALA CA  CB   sing N N 5   
ALA CA  HA   sing N N 6   
ALA C   O    doub N N 7   
ALA C   OXT  sing N N 8   
ALA CB  HB1  sing N N 9   
ALA CB  HB2  sing N N 10  
ALA CB  HB3  sing N N 11  
ALA OXT HXT  sing N N 12  
ARG N   CA   sing N N 13  
ARG N   H    sing N N 14  
ARG N   H2   sing N N 15  
ARG CA  C    sing N N 16  
ARG CA  CB   sing N N 17  
ARG CA  HA   sing N N 18  
ARG C   O    doub N N 19  
ARG C   OXT  sing N N 20  
ARG CB  CG   sing N N 21  
ARG CB  HB2  sing N N 22  
ARG CB  HB3  sing N N 23  
ARG CG  CD   sing N N 24  
ARG CG  HG2  sing N N 25  
ARG CG  HG3  sing N N 26  
ARG CD  NE   sing N N 27  
ARG CD  HD2  sing N N 28  
ARG CD  HD3  sing N N 29  
ARG NE  CZ   sing N N 30  
ARG NE  HE   sing N N 31  
ARG CZ  NH1  sing N N 32  
ARG CZ  NH2  doub N N 33  
ARG NH1 HH11 sing N N 34  
ARG NH1 HH12 sing N N 35  
ARG NH2 HH21 sing N N 36  
ARG NH2 HH22 sing N N 37  
ARG OXT HXT  sing N N 38  
ASN N   CA   sing N N 39  
ASN N   H    sing N N 40  
ASN N   H2   sing N N 41  
ASN CA  C    sing N N 42  
ASN CA  CB   sing N N 43  
ASN CA  HA   sing N N 44  
ASN C   O    doub N N 45  
ASN C   OXT  sing N N 46  
ASN CB  CG   sing N N 47  
ASN CB  HB2  sing N N 48  
ASN CB  HB3  sing N N 49  
ASN CG  OD1  doub N N 50  
ASN CG  ND2  sing N N 51  
ASN ND2 HD21 sing N N 52  
ASN ND2 HD22 sing N N 53  
ASN OXT HXT  sing N N 54  
ASP N   CA   sing N N 55  
ASP N   H    sing N N 56  
ASP N   H2   sing N N 57  
ASP CA  C    sing N N 58  
ASP CA  CB   sing N N 59  
ASP CA  HA   sing N N 60  
ASP C   O    doub N N 61  
ASP C   OXT  sing N N 62  
ASP CB  CG   sing N N 63  
ASP CB  HB2  sing N N 64  
ASP CB  HB3  sing N N 65  
ASP CG  OD1  doub N N 66  
ASP CG  OD2  sing N N 67  
ASP OD2 HD2  sing N N 68  
ASP OXT HXT  sing N N 69  
CYS N   CA   sing N N 70  
CYS N   H    sing N N 71  
CYS N   H2   sing N N 72  
CYS CA  C    sing N N 73  
CYS CA  CB   sing N N 74  
CYS CA  HA   sing N N 75  
CYS C   O    doub N N 76  
CYS C   OXT  sing N N 77  
CYS CB  SG   sing N N 78  
CYS CB  HB2  sing N N 79  
CYS CB  HB3  sing N N 80  
CYS SG  HG   sing N N 81  
CYS OXT HXT  sing N N 82  
GLN N   CA   sing N N 83  
GLN N   H    sing N N 84  
GLN N   H2   sing N N 85  
GLN CA  C    sing N N 86  
GLN CA  CB   sing N N 87  
GLN CA  HA   sing N N 88  
GLN C   O    doub N N 89  
GLN C   OXT  sing N N 90  
GLN CB  CG   sing N N 91  
GLN CB  HB2  sing N N 92  
GLN CB  HB3  sing N N 93  
GLN CG  CD   sing N N 94  
GLN CG  HG2  sing N N 95  
GLN CG  HG3  sing N N 96  
GLN CD  OE1  doub N N 97  
GLN CD  NE2  sing N N 98  
GLN NE2 HE21 sing N N 99  
GLN NE2 HE22 sing N N 100 
GLN OXT HXT  sing N N 101 
GLU N   CA   sing N N 102 
GLU N   H    sing N N 103 
GLU N   H2   sing N N 104 
GLU CA  C    sing N N 105 
GLU CA  CB   sing N N 106 
GLU CA  HA   sing N N 107 
GLU C   O    doub N N 108 
GLU C   OXT  sing N N 109 
GLU CB  CG   sing N N 110 
GLU CB  HB2  sing N N 111 
GLU CB  HB3  sing N N 112 
GLU CG  CD   sing N N 113 
GLU CG  HG2  sing N N 114 
GLU CG  HG3  sing N N 115 
GLU CD  OE1  doub N N 116 
GLU CD  OE2  sing N N 117 
GLU OE2 HE2  sing N N 118 
GLU OXT HXT  sing N N 119 
GLY N   CA   sing N N 120 
GLY N   H    sing N N 121 
GLY N   H2   sing N N 122 
GLY CA  C    sing N N 123 
GLY CA  HA2  sing N N 124 
GLY CA  HA3  sing N N 125 
GLY C   O    doub N N 126 
GLY C   OXT  sing N N 127 
GLY OXT HXT  sing N N 128 
ILE N   CA   sing N N 129 
ILE N   H    sing N N 130 
ILE N   H2   sing N N 131 
ILE CA  C    sing N N 132 
ILE CA  CB   sing N N 133 
ILE CA  HA   sing N N 134 
ILE C   O    doub N N 135 
ILE C   OXT  sing N N 136 
ILE CB  CG1  sing N N 137 
ILE CB  CG2  sing N N 138 
ILE CB  HB   sing N N 139 
ILE CG1 CD1  sing N N 140 
ILE CG1 HG12 sing N N 141 
ILE CG1 HG13 sing N N 142 
ILE CG2 HG21 sing N N 143 
ILE CG2 HG22 sing N N 144 
ILE CG2 HG23 sing N N 145 
ILE CD1 HD11 sing N N 146 
ILE CD1 HD12 sing N N 147 
ILE CD1 HD13 sing N N 148 
ILE OXT HXT  sing N N 149 
LEU N   CA   sing N N 150 
LEU N   H    sing N N 151 
LEU N   H2   sing N N 152 
LEU CA  C    sing N N 153 
LEU CA  CB   sing N N 154 
LEU CA  HA   sing N N 155 
LEU C   O    doub N N 156 
LEU C   OXT  sing N N 157 
LEU CB  CG   sing N N 158 
LEU CB  HB2  sing N N 159 
LEU CB  HB3  sing N N 160 
LEU CG  CD1  sing N N 161 
LEU CG  CD2  sing N N 162 
LEU CG  HG   sing N N 163 
LEU CD1 HD11 sing N N 164 
LEU CD1 HD12 sing N N 165 
LEU CD1 HD13 sing N N 166 
LEU CD2 HD21 sing N N 167 
LEU CD2 HD22 sing N N 168 
LEU CD2 HD23 sing N N 169 
LEU OXT HXT  sing N N 170 
LYS N   CA   sing N N 171 
LYS N   H    sing N N 172 
LYS N   H2   sing N N 173 
LYS CA  C    sing N N 174 
LYS CA  CB   sing N N 175 
LYS CA  HA   sing N N 176 
LYS C   O    doub N N 177 
LYS C   OXT  sing N N 178 
LYS CB  CG   sing N N 179 
LYS CB  HB2  sing N N 180 
LYS CB  HB3  sing N N 181 
LYS CG  CD   sing N N 182 
LYS CG  HG2  sing N N 183 
LYS CG  HG3  sing N N 184 
LYS CD  CE   sing N N 185 
LYS CD  HD2  sing N N 186 
LYS CD  HD3  sing N N 187 
LYS CE  NZ   sing N N 188 
LYS CE  HE2  sing N N 189 
LYS CE  HE3  sing N N 190 
LYS NZ  HZ1  sing N N 191 
LYS NZ  HZ2  sing N N 192 
LYS NZ  HZ3  sing N N 193 
LYS OXT HXT  sing N N 194 
MET N   CA   sing N N 195 
MET N   H    sing N N 196 
MET N   H2   sing N N 197 
MET CA  C    sing N N 198 
MET CA  CB   sing N N 199 
MET CA  HA   sing N N 200 
MET C   O    doub N N 201 
MET C   OXT  sing N N 202 
MET CB  CG   sing N N 203 
MET CB  HB2  sing N N 204 
MET CB  HB3  sing N N 205 
MET CG  SD   sing N N 206 
MET CG  HG2  sing N N 207 
MET CG  HG3  sing N N 208 
MET SD  CE   sing N N 209 
MET CE  HE1  sing N N 210 
MET CE  HE2  sing N N 211 
MET CE  HE3  sing N N 212 
MET OXT HXT  sing N N 213 
PHE N   CA   sing N N 214 
PHE N   H    sing N N 215 
PHE N   H2   sing N N 216 
PHE CA  C    sing N N 217 
PHE CA  CB   sing N N 218 
PHE CA  HA   sing N N 219 
PHE C   O    doub N N 220 
PHE C   OXT  sing N N 221 
PHE CB  CG   sing N N 222 
PHE CB  HB2  sing N N 223 
PHE CB  HB3  sing N N 224 
PHE CG  CD1  doub Y N 225 
PHE CG  CD2  sing Y N 226 
PHE CD1 CE1  sing Y N 227 
PHE CD1 HD1  sing N N 228 
PHE CD2 CE2  doub Y N 229 
PHE CD2 HD2  sing N N 230 
PHE CE1 CZ   doub Y N 231 
PHE CE1 HE1  sing N N 232 
PHE CE2 CZ   sing Y N 233 
PHE CE2 HE2  sing N N 234 
PHE CZ  HZ   sing N N 235 
PHE OXT HXT  sing N N 236 
PRO N   CA   sing N N 237 
PRO N   CD   sing N N 238 
PRO N   H    sing N N 239 
PRO CA  C    sing N N 240 
PRO CA  CB   sing N N 241 
PRO CA  HA   sing N N 242 
PRO C   O    doub N N 243 
PRO C   OXT  sing N N 244 
PRO CB  CG   sing N N 245 
PRO CB  HB2  sing N N 246 
PRO CB  HB3  sing N N 247 
PRO CG  CD   sing N N 248 
PRO CG  HG2  sing N N 249 
PRO CG  HG3  sing N N 250 
PRO CD  HD2  sing N N 251 
PRO CD  HD3  sing N N 252 
PRO OXT HXT  sing N N 253 
SER N   CA   sing N N 254 
SER N   H    sing N N 255 
SER N   H2   sing N N 256 
SER CA  C    sing N N 257 
SER CA  CB   sing N N 258 
SER CA  HA   sing N N 259 
SER C   O    doub N N 260 
SER C   OXT  sing N N 261 
SER CB  OG   sing N N 262 
SER CB  HB2  sing N N 263 
SER CB  HB3  sing N N 264 
SER OG  HG   sing N N 265 
SER OXT HXT  sing N N 266 
THR N   CA   sing N N 267 
THR N   H    sing N N 268 
THR N   H2   sing N N 269 
THR CA  C    sing N N 270 
THR CA  CB   sing N N 271 
THR CA  HA   sing N N 272 
THR C   O    doub N N 273 
THR C   OXT  sing N N 274 
THR CB  OG1  sing N N 275 
THR CB  CG2  sing N N 276 
THR CB  HB   sing N N 277 
THR OG1 HG1  sing N N 278 
THR CG2 HG21 sing N N 279 
THR CG2 HG22 sing N N 280 
THR CG2 HG23 sing N N 281 
THR OXT HXT  sing N N 282 
TRP N   CA   sing N N 283 
TRP N   H    sing N N 284 
TRP N   H2   sing N N 285 
TRP CA  C    sing N N 286 
TRP CA  CB   sing N N 287 
TRP CA  HA   sing N N 288 
TRP C   O    doub N N 289 
TRP C   OXT  sing N N 290 
TRP CB  CG   sing N N 291 
TRP CB  HB2  sing N N 292 
TRP CB  HB3  sing N N 293 
TRP CG  CD1  doub Y N 294 
TRP CG  CD2  sing Y N 295 
TRP CD1 NE1  sing Y N 296 
TRP CD1 HD1  sing N N 297 
TRP CD2 CE2  doub Y N 298 
TRP CD2 CE3  sing Y N 299 
TRP NE1 CE2  sing Y N 300 
TRP NE1 HE1  sing N N 301 
TRP CE2 CZ2  sing Y N 302 
TRP CE3 CZ3  doub Y N 303 
TRP CE3 HE3  sing N N 304 
TRP CZ2 CH2  doub Y N 305 
TRP CZ2 HZ2  sing N N 306 
TRP CZ3 CH2  sing Y N 307 
TRP CZ3 HZ3  sing N N 308 
TRP CH2 HH2  sing N N 309 
TRP OXT HXT  sing N N 310 
TYR N   CA   sing N N 311 
TYR N   H    sing N N 312 
TYR N   H2   sing N N 313 
TYR CA  C    sing N N 314 
TYR CA  CB   sing N N 315 
TYR CA  HA   sing N N 316 
TYR C   O    doub N N 317 
TYR C   OXT  sing N N 318 
TYR CB  CG   sing N N 319 
TYR CB  HB2  sing N N 320 
TYR CB  HB3  sing N N 321 
TYR CG  CD1  doub Y N 322 
TYR CG  CD2  sing Y N 323 
TYR CD1 CE1  sing Y N 324 
TYR CD1 HD1  sing N N 325 
TYR CD2 CE2  doub Y N 326 
TYR CD2 HD2  sing N N 327 
TYR CE1 CZ   doub Y N 328 
TYR CE1 HE1  sing N N 329 
TYR CE2 CZ   sing Y N 330 
TYR CE2 HE2  sing N N 331 
TYR CZ  OH   sing N N 332 
TYR OH  HH   sing N N 333 
TYR OXT HXT  sing N N 334 
VAL N   CA   sing N N 335 
VAL N   H    sing N N 336 
VAL N   H2   sing N N 337 
VAL CA  C    sing N N 338 
VAL CA  CB   sing N N 339 
VAL CA  HA   sing N N 340 
VAL C   O    doub N N 341 
VAL C   OXT  sing N N 342 
VAL CB  CG1  sing N N 343 
VAL CB  CG2  sing N N 344 
VAL CB  HB   sing N N 345 
VAL CG1 HG11 sing N N 346 
VAL CG1 HG12 sing N N 347 
VAL CG1 HG13 sing N N 348 
VAL CG2 HG21 sing N N 349 
VAL CG2 HG22 sing N N 350 
VAL CG2 HG23 sing N N 351 
VAL OXT HXT  sing N N 352 
# 
_em_admin.entry_id           7TXI 
_em_admin.current_status     REL 
_em_admin.deposition_date    2022-02-09 
_em_admin.deposition_site    RCSB 
_em_admin.last_update        2025-05-28 
_em_admin.map_release_date   2022-06-01 
_em_admin.title              'Cryo-EM of A. pernix flagellum' 
# 
_em_ctf_correction.id                       1 
_em_ctf_correction.em_image_processing_id   1 
_em_ctf_correction.type                     'PHASE FLIPPING AND AMPLITUDE CORRECTION' 
_em_ctf_correction.details                  ? 
# 
_em_entity_assembly_naturalsource.id                   2 
_em_entity_assembly_naturalsource.entity_assembly_id   1 
_em_entity_assembly_naturalsource.cell                 ? 
_em_entity_assembly_naturalsource.cellular_location    ? 
_em_entity_assembly_naturalsource.ncbi_tax_id          56636 
_em_entity_assembly_naturalsource.organ                ? 
_em_entity_assembly_naturalsource.organelle            ? 
_em_entity_assembly_naturalsource.organism             'Aeropyrum pernix' 
_em_entity_assembly_naturalsource.strain               ? 
_em_entity_assembly_naturalsource.tissue               ? 
# 
_em_helical_entity.id                             1 
_em_helical_entity.image_processing_id            1 
_em_helical_entity.angular_rotation_per_subunit   108 
_em_helical_entity.axial_rise_per_subunit         5.52 
_em_helical_entity.axial_symmetry                 C1 
_em_helical_entity.details                        ? 
# 
_em_image_processing.id                   1 
_em_image_processing.image_recording_id   1 
_em_image_processing.details              ? 
# 
_em_image_recording.id                                  1 
_em_image_recording.imaging_id                          1 
_em_image_recording.avg_electron_dose_per_image         50 
_em_image_recording.average_exposure_time               ? 
_em_image_recording.details                             ? 
_em_image_recording.detector_mode                       ? 
_em_image_recording.film_or_detector_model              'GATAN K3 (6k x 4k)' 
_em_image_recording.num_diffraction_images              ? 
_em_image_recording.num_grids_imaged                    ? 
_em_image_recording.num_real_images                     ? 
_em_image_recording.avg_electron_dose_per_subtomogram   ? 
# 
loop_
_em_software.id 
_em_software.category 
_em_software.details 
_em_software.name 
_em_software.version 
_em_software.image_processing_id 
_em_software.fitting_id 
_em_software.imaging_id 
1  'PARTICLE SELECTION'       ? ?      ? 1 ? ? 
2  'IMAGE ACQUISITION'        ? ?      ? ? ? 1 
3  MASKING                    ? ?      ? ? ? ? 
4  'CTF CORRECTION'           ? ?      ? 1 ? ? 
5  'LAYERLINE INDEXING'       ? ?      ? ? ? ? 
6  'DIFFRACTION INDEXING'     ? ?      ? ? ? ? 
7  'MODEL FITTING'            ? ?      ? ? ? ? 
8  'MODEL REFINEMENT'         ? PHENIX ? ? ? ? 
9  OTHER                      ? ?      ? ? ? ? 
10 'INITIAL EULER ASSIGNMENT' ? ?      ? 1 ? ? 
11 'FINAL EULER ASSIGNMENT'   ? ?      ? 1 ? ? 
12 CLASSIFICATION             ? ?      ? 1 ? ? 
13 RECONSTRUCTION             ? ?      ? 1 ? ? 
# 
_em_specimen.id                      1 
_em_specimen.experiment_id           1 
_em_specimen.concentration           ? 
_em_specimen.details                 ? 
_em_specimen.embedding_applied       NO 
_em_specimen.shadowing_applied       NO 
_em_specimen.staining_applied        NO 
_em_specimen.vitrification_applied   YES 
# 
loop_
_pdbx_audit_support.funding_organization 
_pdbx_audit_support.country 
_pdbx_audit_support.grant_number 
_pdbx_audit_support.ordinal 
'National Institutes of Health/National Institute of General Medical Sciences (NIH/NIGMS)' 'United States' R35GM122510 1 
'National Institutes of Health/National Institute of General Medical Sciences (NIH/NIGMS)' 'United States' K99GM138756 2 
# 
_atom_sites.entry_id                    7TXI 
_atom_sites.Cartn_transf_matrix[1][1]   ? 
_atom_sites.Cartn_transf_matrix[1][2]   ? 
_atom_sites.Cartn_transf_matrix[1][3]   ? 
_atom_sites.Cartn_transf_matrix[2][1]   ? 
_atom_sites.Cartn_transf_matrix[2][2]   ? 
_atom_sites.Cartn_transf_matrix[2][3]   ? 
_atom_sites.Cartn_transf_matrix[3][1]   ? 
_atom_sites.Cartn_transf_matrix[3][2]   ? 
_atom_sites.Cartn_transf_matrix[3][3]   ? 
_atom_sites.Cartn_transf_vector[1]      ? 
_atom_sites.Cartn_transf_vector[2]      ? 
_atom_sites.Cartn_transf_vector[3]      ? 
_atom_sites.fract_transf_matrix[1][1]   1.000000 
_atom_sites.fract_transf_matrix[1][2]   0.000000 
_atom_sites.fract_transf_matrix[1][3]   0.000000 
_atom_sites.fract_transf_matrix[2][1]   0.000000 
_atom_sites.fract_transf_matrix[2][2]   1.000000 
_atom_sites.fract_transf_matrix[2][3]   0.000000 
_atom_sites.fract_transf_matrix[3][1]   0.000000 
_atom_sites.fract_transf_matrix[3][2]   0.000000 
_atom_sites.fract_transf_matrix[3][3]   1.000000 
_atom_sites.fract_transf_vector[1]      0.00000 
_atom_sites.fract_transf_vector[2]      0.00000 
_atom_sites.fract_transf_vector[3]      0.00000 
_atom_sites.solution_primary            ? 
_atom_sites.solution_secondary          ? 
_atom_sites.solution_hydrogens          ? 
_atom_sites.special_details             ? 
# 
loop_
_atom_type.symbol 
C 
N 
O 
S 
# 
loop_
_atom_site.group_PDB 
_atom_site.id 
_atom_site.type_symbol 
_atom_site.label_atom_id 
_atom_site.label_alt_id 
_atom_site.label_comp_id 
_atom_site.label_asym_id 
_atom_site.label_entity_id 
_atom_site.label_seq_id 
_atom_site.pdbx_PDB_ins_code 
_atom_site.Cartn_x 
_atom_site.Cartn_y 
_atom_site.Cartn_z 
_atom_site.occupancy 
_atom_site.B_iso_or_equiv 
_atom_site.pdbx_formal_charge 
_atom_site.auth_seq_id 
_atom_site.auth_comp_id 
_atom_site.auth_asym_id 
_atom_site.auth_atom_id 
_atom_site.pdbx_PDB_model_num 
ATOM 1    N N   . VAL A 1 8   ? -73.735 6.237   7.686   1.00 112.80 ? 8   VAL A N   1 
ATOM 2    C CA  . VAL A 1 8   ? -72.984 7.054   6.744   1.00 112.80 ? 8   VAL A CA  1 
ATOM 3    C C   . VAL A 1 8   ? -71.628 7.422   7.331   1.00 112.80 ? 8   VAL A C   1 
ATOM 4    O O   . VAL A 1 8   ? -70.603 7.348   6.655   1.00 112.80 ? 8   VAL A O   1 
ATOM 5    C CB  . VAL A 1 8   ? -73.765 8.317   6.359   1.00 112.80 ? 8   VAL A CB  1 
ATOM 6    C CG1 . VAL A 1 8   ? -72.906 9.234   5.503   1.00 112.80 ? 8   VAL A CG1 1 
ATOM 7    C CG2 . VAL A 1 8   ? -75.044 7.943   5.630   1.00 112.80 ? 8   VAL A CG2 1 
ATOM 8    N N   . GLY A 1 9   ? -71.633 7.827   8.599   1.00 112.15 ? 9   GLY A N   1 
ATOM 9    C CA  . GLY A 1 9   ? -70.391 8.218   9.242   1.00 112.15 ? 9   GLY A CA  1 
ATOM 10   C C   . GLY A 1 9   ? -69.436 7.059   9.456   1.00 112.15 ? 9   GLY A C   1 
ATOM 11   O O   . GLY A 1 9   ? -68.217 7.225   9.364   1.00 112.15 ? 9   GLY A O   1 
ATOM 12   N N   . ILE A 1 10  ? -69.973 5.874   9.753   1.00 111.75 ? 10  ILE A N   1 
ATOM 13   C CA  . ILE A 1 10  ? -69.138 4.760   10.202  1.00 111.75 ? 10  ILE A CA  1 
ATOM 14   C C   . ILE A 1 10  ? -68.170 4.325   9.106   1.00 111.75 ? 10  ILE A C   1 
ATOM 15   O O   . ILE A 1 10  ? -66.977 4.111   9.361   1.00 111.75 ? 10  ILE A O   1 
ATOM 16   C CB  . ILE A 1 10  ? -70.016 3.588   10.681  1.00 111.75 ? 10  ILE A CB  1 
ATOM 17   C CG1 . ILE A 1 10  ? -70.863 3.993   11.891  1.00 111.75 ? 10  ILE A CG1 1 
ATOM 18   C CG2 . ILE A 1 10  ? -69.154 2.388   11.029  1.00 111.75 ? 10  ILE A CG2 1 
ATOM 19   C CD1 . ILE A 1 10  ? -72.208 4.595   11.547  1.00 111.75 ? 10  ILE A CD1 1 
ATOM 20   N N   . GLU A 1 11  ? -68.662 4.179   7.874   1.00 114.25 ? 11  GLU A N   1 
ATOM 21   C CA  . GLU A 1 11  ? -67.784 3.762   6.786   1.00 114.25 ? 11  GLU A CA  1 
ATOM 22   C C   . GLU A 1 11  ? -66.746 4.834   6.476   1.00 114.25 ? 11  GLU A C   1 
ATOM 23   O O   . GLU A 1 11  ? -65.601 4.525   6.123   1.00 114.25 ? 11  GLU A O   1 
ATOM 24   C CB  . GLU A 1 11  ? -68.608 3.410   5.546   1.00 114.25 ? 11  GLU A CB  1 
ATOM 25   C CG  . GLU A 1 11  ? -69.431 4.546   4.985   1.00 114.25 ? 11  GLU A CG  1 
ATOM 26   C CD  . GLU A 1 11  ? -70.846 4.534   5.512   1.00 114.25 ? 11  GLU A CD  1 
ATOM 27   O OE1 . GLU A 1 11  ? -71.787 4.622   4.696   1.00 114.25 ? 11  GLU A OE1 1 
ATOM 28   O OE2 . GLU A 1 11  ? -71.017 4.427   6.744   1.00 114.25 ? 11  GLU A OE2 1 
ATOM 29   N N   . ALA A 1 12  ? -67.127 6.106   6.610   1.00 113.72 ? 12  ALA A N   1 
ATOM 30   C CA  . ALA A 1 12  ? -66.155 7.180   6.448   1.00 113.72 ? 12  ALA A CA  1 
ATOM 31   C C   . ALA A 1 12  ? -65.059 7.079   7.499   1.00 113.72 ? 12  ALA A C   1 
ATOM 32   O O   . ALA A 1 12  ? -63.876 7.272   7.196   1.00 113.72 ? 12  ALA A O   1 
ATOM 33   C CB  . ALA A 1 12  ? -66.851 8.538   6.523   1.00 113.72 ? 12  ALA A CB  1 
ATOM 34   N N   . ALA A 1 13  ? -65.435 6.762   8.739   1.00 111.34 ? 13  ALA A N   1 
ATOM 35   C CA  . ALA A 1 13  ? -64.443 6.575   9.792   1.00 111.34 ? 13  ALA A CA  1 
ATOM 36   C C   . ALA A 1 13  ? -63.526 5.400   9.481   1.00 111.34 ? 13  ALA A C   1 
ATOM 37   O O   . ALA A 1 13  ? -62.317 5.467   9.726   1.00 111.34 ? 13  ALA A O   1 
ATOM 38   C CB  . ALA A 1 13  ? -65.138 6.372   11.137  1.00 111.34 ? 13  ALA A CB  1 
ATOM 39   N N   . ILE A 1 14  ? -64.087 4.310   8.954   1.00 109.22 ? 14  ILE A N   1 
ATOM 40   C CA  . ILE A 1 14  ? -63.270 3.144   8.622   1.00 109.22 ? 14  ILE A CA  1 
ATOM 41   C C   . ILE A 1 14  ? -62.264 3.486   7.530   1.00 109.22 ? 14  ILE A C   1 
ATOM 42   O O   . ILE A 1 14  ? -61.080 3.121   7.611   1.00 109.22 ? 14  ILE A O   1 
ATOM 43   C CB  . ILE A 1 14  ? -64.166 1.963   8.210   1.00 109.22 ? 14  ILE A CB  1 
ATOM 44   C CG1 . ILE A 1 14  ? -65.074 1.553   9.368   1.00 109.22 ? 14  ILE A CG1 1 
ATOM 45   C CG2 . ILE A 1 14  ? -63.321 0.789   7.764   1.00 109.22 ? 14  ILE A CG2 1 
ATOM 46   C CD1 . ILE A 1 14  ? -66.343 0.870   8.927   1.00 109.22 ? 14  ILE A CD1 1 
ATOM 47   N N   . VAL A 1 15  ? -62.716 4.191   6.491   1.00 108.30 ? 15  VAL A N   1 
ATOM 48   C CA  . VAL A 1 15  ? -61.812 4.605   5.423   1.00 108.30 ? 15  VAL A CA  1 
ATOM 49   C C   . VAL A 1 15  ? -60.733 5.531   5.971   1.00 108.30 ? 15  VAL A C   1 
ATOM 50   O O   . VAL A 1 15  ? -59.558 5.438   5.592   1.00 108.30 ? 15  VAL A O   1 
ATOM 51   C CB  . VAL A 1 15  ? -62.601 5.268   4.280   1.00 108.30 ? 15  VAL A CB  1 
ATOM 52   C CG1 . VAL A 1 15  ? -61.654 5.868   3.255   1.00 108.30 ? 15  VAL A CG1 1 
ATOM 53   C CG2 . VAL A 1 15  ? -63.528 4.260   3.628   1.00 108.30 ? 15  VAL A CG2 1 
ATOM 54   N N   . LEU A 1 16  ? -61.117 6.441   6.871   1.00 110.94 ? 16  LEU A N   1 
ATOM 55   C CA  . LEU A 1 16  ? -60.143 7.328   7.495   1.00 110.94 ? 16  LEU A CA  1 
ATOM 56   C C   . LEU A 1 16  ? -59.096 6.540   8.267   1.00 110.94 ? 16  LEU A C   1 
ATOM 57   O O   . LEU A 1 16  ? -57.897 6.823   8.165   1.00 110.94 ? 16  LEU A O   1 
ATOM 58   C CB  . LEU A 1 16  ? -60.855 8.314   8.419   1.00 110.94 ? 16  LEU A CB  1 
ATOM 59   C CG  . LEU A 1 16  ? -59.974 9.357   9.103   1.00 110.94 ? 16  LEU A CG  1 
ATOM 60   C CD1 . LEU A 1 16  ? -59.312 10.257  8.073   1.00 110.94 ? 16  LEU A CD1 1 
ATOM 61   C CD2 . LEU A 1 16  ? -60.788 10.170  10.093  1.00 110.94 ? 16  LEU A CD2 1 
ATOM 62   N N   . ILE A 1 17  ? -59.531 5.545   9.041   1.00 105.79 ? 17  ILE A N   1 
ATOM 63   C CA  . ILE A 1 17  ? -58.593 4.729   9.805   1.00 105.79 ? 17  ILE A CA  1 
ATOM 64   C C   . ILE A 1 17  ? -57.623 4.030   8.867   1.00 105.79 ? 17  ILE A C   1 
ATOM 65   O O   . ILE A 1 17  ? -56.406 4.019   9.101   1.00 105.79 ? 17  ILE A O   1 
ATOM 66   C CB  . ILE A 1 17  ? -59.352 3.715   10.680  1.00 105.79 ? 17  ILE A CB  1 
ATOM 67   C CG1 . ILE A 1 17  ? -60.157 4.433   11.759  1.00 105.79 ? 17  ILE A CG1 1 
ATOM 68   C CG2 . ILE A 1 17  ? -58.386 2.738   11.316  1.00 105.79 ? 17  ILE A CG2 1 
ATOM 69   C CD1 . ILE A 1 17  ? -60.922 3.496   12.660  1.00 105.79 ? 17  ILE A CD1 1 
ATOM 70   N N   . ALA A 1 18  ? -58.142 3.452   7.783   1.00 107.06 ? 18  ALA A N   1 
ATOM 71   C CA  . ALA A 1 18  ? -57.279 2.749   6.840   1.00 107.06 ? 18  ALA A CA  1 
ATOM 72   C C   . ALA A 1 18  ? -56.249 3.692   6.229   1.00 107.06 ? 18  ALA A C   1 
ATOM 73   O O   . ALA A 1 18  ? -55.058 3.364   6.140   1.00 107.06 ? 18  ALA A O   1 
ATOM 74   C CB  . ALA A 1 18  ? -58.125 2.095   5.749   1.00 107.06 ? 18  ALA A CB  1 
ATOM 75   N N   . PHE A 1 19  ? -56.691 4.881   5.813   1.00 110.23 ? 19  PHE A N   1 
ATOM 76   C CA  . PHE A 1 19  ? -55.777 5.808   5.156   1.00 110.23 ? 19  PHE A CA  1 
ATOM 77   C C   . PHE A 1 19  ? -54.727 6.336   6.125   1.00 110.23 ? 19  PHE A C   1 
ATOM 78   O O   . PHE A 1 19  ? -53.571 6.546   5.740   1.00 110.23 ? 19  PHE A O   1 
ATOM 79   C CB  . PHE A 1 19  ? -56.559 6.952   4.516   1.00 110.23 ? 19  PHE A CB  1 
ATOM 80   C CG  . PHE A 1 19  ? -56.843 6.742   3.058   1.00 110.23 ? 19  PHE A CG  1 
ATOM 81   C CD1 . PHE A 1 19  ? -55.869 6.994   2.106   1.00 110.23 ? 19  PHE A CD1 1 
ATOM 82   C CD2 . PHE A 1 19  ? -58.077 6.278   2.639   1.00 110.23 ? 19  PHE A CD2 1 
ATOM 83   C CE1 . PHE A 1 19  ? -56.124 6.796   0.764   1.00 110.23 ? 19  PHE A CE1 1 
ATOM 84   C CE2 . PHE A 1 19  ? -58.339 6.079   1.298   1.00 110.23 ? 19  PHE A CE2 1 
ATOM 85   C CZ  . PHE A 1 19  ? -57.361 6.338   0.360   1.00 110.23 ? 19  PHE A CZ  1 
ATOM 86   N N   . VAL A 1 20  ? -55.106 6.560   7.386   1.00 106.11 ? 20  VAL A N   1 
ATOM 87   C CA  . VAL A 1 20  ? -54.119 6.965   8.383   1.00 106.11 ? 20  VAL A CA  1 
ATOM 88   C C   . VAL A 1 20  ? -53.100 5.857   8.610   1.00 106.11 ? 20  VAL A C   1 
ATOM 89   O O   . VAL A 1 20  ? -51.895 6.115   8.713   1.00 106.11 ? 20  VAL A O   1 
ATOM 90   C CB  . VAL A 1 20  ? -54.806 7.380   9.698   1.00 106.11 ? 20  VAL A CB  1 
ATOM 91   C CG1 . VAL A 1 20  ? -53.766 7.785   10.717  1.00 106.11 ? 20  VAL A CG1 1 
ATOM 92   C CG2 . VAL A 1 20  ? -55.741 8.545   9.455   1.00 106.11 ? 20  VAL A CG2 1 
ATOM 93   N N   . ILE A 1 21  ? -53.564 4.606   8.686   1.00 102.41 ? 21  ILE A N   1 
ATOM 94   C CA  . ILE A 1 21  ? -52.645 3.495   8.929   1.00 102.41 ? 21  ILE A CA  1 
ATOM 95   C C   . ILE A 1 21  ? -51.659 3.350   7.777   1.00 102.41 ? 21  ILE A C   1 
ATOM 96   O O   . ILE A 1 21  ? -50.475 3.056   7.987   1.00 102.41 ? 21  ILE A O   1 
ATOM 97   C CB  . ILE A 1 21  ? -53.428 2.193   9.176   1.00 102.41 ? 21  ILE A CB  1 
ATOM 98   C CG1 . ILE A 1 21  ? -54.237 2.299   10.468  1.00 102.41 ? 21  ILE A CG1 1 
ATOM 99   C CG2 . ILE A 1 21  ? -52.480 1.014   9.258   1.00 102.41 ? 21  ILE A CG2 1 
ATOM 100  C CD1 . ILE A 1 21  ? -54.883 1.000   10.891  1.00 102.41 ? 21  ILE A CD1 1 
ATOM 101  N N   . VAL A 1 22  ? -52.125 3.554   6.544   1.00 103.06 ? 22  VAL A N   1 
ATOM 102  C CA  . VAL A 1 22  ? -51.245 3.485   5.379   1.00 103.06 ? 22  VAL A CA  1 
ATOM 103  C C   . VAL A 1 22  ? -50.157 4.548   5.481   1.00 103.06 ? 22  VAL A C   1 
ATOM 104  O O   . VAL A 1 22  ? -48.973 4.280   5.225   1.00 103.06 ? 22  VAL A O   1 
ATOM 105  C CB  . VAL A 1 22  ? -52.040 3.645   4.072   1.00 103.06 ? 22  VAL A CB  1 
ATOM 106  C CG1 . VAL A 1 22  ? -51.095 3.702   2.886   1.00 103.06 ? 22  VAL A CG1 1 
ATOM 107  C CG2 . VAL A 1 22  ? -53.020 2.502   3.910   1.00 103.06 ? 22  VAL A CG2 1 
ATOM 108  N N   . ALA A 1 23  ? -50.556 5.762   5.853   1.00 103.59 ? 23  ALA A N   1 
ATOM 109  C CA  . ALA A 1 23  ? -49.628 6.878   5.977   1.00 103.59 ? 23  ALA A CA  1 
ATOM 110  C C   . ALA A 1 23  ? -48.580 6.596   7.044   1.00 103.59 ? 23  ALA A C   1 
ATOM 111  O O   . ALA A 1 23  ? -47.412 6.959   6.884   1.00 103.59 ? 23  ALA A O   1 
ATOM 112  C CB  . ALA A 1 23  ? -50.384 8.167   6.297   1.00 103.59 ? 23  ALA A CB  1 
ATOM 113  N N   . ALA A 1 24  ? -48.991 5.957   8.142   1.00 102.82 ? 24  ALA A N   1 
ATOM 114  C CA  . ALA A 1 24  ? -48.041 5.619   9.196   1.00 102.82 ? 24  ALA A CA  1 
ATOM 115  C C   . ALA A 1 24  ? -46.980 4.648   8.695   1.00 102.82 ? 24  ALA A C   1 
ATOM 116  O O   . ALA A 1 24  ? -45.792 4.802   9.003   1.00 102.82 ? 24  ALA A O   1 
ATOM 117  C CB  . ALA A 1 24  ? -48.779 5.033   10.399  1.00 102.82 ? 24  ALA A CB  1 
ATOM 118  N N   . ALA A 1 25  ? -47.389 3.636   7.927   1.00 102.44 ? 25  ALA A N   1 
ATOM 119  C CA  . ALA A 1 25  ? -46.421 2.698   7.366   1.00 102.44 ? 25  ALA A CA  1 
ATOM 120  C C   . ALA A 1 25  ? -45.474 3.399   6.401   1.00 102.44 ? 25  ALA A C   1 
ATOM 121  O O   . ALA A 1 25  ? -44.259 3.148   6.411   1.00 102.44 ? 25  ALA A O   1 
ATOM 122  C CB  . ALA A 1 25  ? -47.147 1.551   6.668   1.00 102.44 ? 25  ALA A CB  1 
ATOM 123  N N   . LEU A 1 26  ? -46.014 4.287   5.561   1.00 101.52 ? 26  LEU A N   1 
ATOM 124  C CA  . LEU A 1 26  ? -45.152 5.042   4.658   1.00 101.52 ? 26  LEU A CA  1 
ATOM 125  C C   . LEU A 1 26  ? -44.147 5.880   5.434   1.00 101.52 ? 26  LEU A C   1 
ATOM 126  O O   . LEU A 1 26  ? -42.969 5.948   5.065   1.00 101.52 ? 26  LEU A O   1 
ATOM 127  C CB  . LEU A 1 26  ? -45.980 5.937   3.740   1.00 101.52 ? 26  LEU A CB  1 
ATOM 128  C CG  . LEU A 1 26  ? -45.093 6.726   2.771   1.00 101.52 ? 26  LEU A CG  1 
ATOM 129  C CD1 . LEU A 1 26  ? -44.337 5.793   1.841   1.00 101.52 ? 26  LEU A CD1 1 
ATOM 130  C CD2 . LEU A 1 26  ? -45.900 7.730   1.984   1.00 101.52 ? 26  LEU A CD2 1 
ATOM 131  N N   . ALA A 1 27  ? -44.596 6.527   6.510   1.00 101.79 ? 27  ALA A N   1 
ATOM 132  C CA  . ALA A 1 27  ? -43.691 7.329   7.322   1.00 101.79 ? 27  ALA A CA  1 
ATOM 133  C C   . ALA A 1 27  ? -42.608 6.468   7.957   1.00 101.79 ? 27  ALA A C   1 
ATOM 134  O O   . ALA A 1 27  ? -41.434 6.853   7.983   1.00 101.79 ? 27  ALA A O   1 
ATOM 135  C CB  . ALA A 1 27  ? -44.480 8.080   8.394   1.00 101.79 ? 27  ALA A CB  1 
ATOM 136  N N   . PHE A 1 28  ? -42.983 5.301   8.479   1.00 100.25 ? 28  PHE A N   1 
ATOM 137  C CA  . PHE A 1 28  ? -42.001 4.414   9.092   1.00 100.25 ? 28  PHE A CA  1 
ATOM 138  C C   . PHE A 1 28  ? -40.923 4.040   8.081   1.00 100.25 ? 28  PHE A C   1 
ATOM 139  O O   . PHE A 1 28  ? -39.720 4.145   8.357   1.00 100.25 ? 28  PHE A O   1 
ATOM 140  C CB  . PHE A 1 28  ? -42.713 3.179   9.659   1.00 100.25 ? 28  PHE A CB  1 
ATOM 141  C CG  . PHE A 1 28  ? -41.791 2.060   10.078  1.00 100.25 ? 28  PHE A CG  1 
ATOM 142  C CD1 . PHE A 1 28  ? -41.553 1.822   11.421  1.00 100.25 ? 28  PHE A CD1 1 
ATOM 143  C CD2 . PHE A 1 28  ? -41.229 1.201   9.145   1.00 100.25 ? 28  PHE A CD2 1 
ATOM 144  C CE1 . PHE A 1 28  ? -40.726 0.793   11.821  1.00 100.25 ? 28  PHE A CE1 1 
ATOM 145  C CE2 . PHE A 1 28  ? -40.401 0.172   9.541   1.00 100.25 ? 28  PHE A CE2 1 
ATOM 146  C CZ  . PHE A 1 28  ? -40.152 -0.035  10.880  1.00 100.25 ? 28  PHE A CZ  1 
ATOM 147  N N   . VAL A 1 29  ? -41.350 3.628   6.884   1.00 98.96  ? 29  VAL A N   1 
ATOM 148  C CA  . VAL A 1 29  ? -40.392 3.246   5.847   1.00 98.96  ? 29  VAL A CA  1 
ATOM 149  C C   . VAL A 1 29  ? -39.509 4.426   5.473   1.00 98.96  ? 29  VAL A C   1 
ATOM 150  O O   . VAL A 1 29  ? -38.284 4.291   5.327   1.00 98.96  ? 29  VAL A O   1 
ATOM 151  C CB  . VAL A 1 29  ? -41.131 2.687   4.618   1.00 98.96  ? 29  VAL A CB  1 
ATOM 152  C CG1 . VAL A 1 29  ? -40.153 2.438   3.485   1.00 98.96  ? 29  VAL A CG1 1 
ATOM 153  C CG2 . VAL A 1 29  ? -41.870 1.412   4.981   1.00 98.96  ? 29  VAL A CG2 1 
ATOM 154  N N   . ALA A 1 30  ? -40.117 5.605   5.311   1.00 100.05 ? 30  ALA A N   1 
ATOM 155  C CA  . ALA A 1 30  ? -39.370 6.779   4.880   1.00 100.05 ? 30  ALA A CA  1 
ATOM 156  C C   . ALA A 1 30  ? -38.298 7.155   5.890   1.00 100.05 ? 30  ALA A C   1 
ATOM 157  O O   . ALA A 1 30  ? -37.138 7.356   5.519   1.00 100.05 ? 30  ALA A O   1 
ATOM 158  C CB  . ALA A 1 30  ? -40.323 7.951   4.648   1.00 100.05 ? 30  ALA A CB  1 
ATOM 159  N N   . LEU A 1 31  ? -38.659 7.246   7.172   1.00 102.05 ? 31  LEU A N   1 
ATOM 160  C CA  . LEU A 1 31  ? -37.658 7.574   8.184   1.00 102.05 ? 31  LEU A CA  1 
ATOM 161  C C   . LEU A 1 31  ? -36.572 6.510   8.274   1.00 102.05 ? 31  LEU A C   1 
ATOM 162  O O   . LEU A 1 31  ? -35.383 6.844   8.357   1.00 102.05 ? 31  LEU A O   1 
ATOM 163  C CB  . LEU A 1 31  ? -38.307 7.800   9.552   1.00 102.05 ? 31  LEU A CB  1 
ATOM 164  C CG  . LEU A 1 31  ? -39.005 9.135   9.842   1.00 102.05 ? 31  LEU A CG  1 
ATOM 165  C CD1 . LEU A 1 31  ? -40.311 9.344   9.114   1.00 102.05 ? 31  LEU A CD1 1 
ATOM 166  C CD2 . LEU A 1 31  ? -39.215 9.269   11.343  1.00 102.05 ? 31  LEU A CD2 1 
ATOM 167  N N   . ASN A 1 32  ? -36.947 5.226   8.254   1.00 99.83  ? 32  ASN A N   1 
ATOM 168  C CA  . ASN A 1 32  ? -35.931 4.183   8.376   1.00 99.83  ? 32  ASN A CA  1 
ATOM 169  C C   . ASN A 1 32  ? -34.918 4.291   7.240   1.00 99.83  ? 32  ASN A C   1 
ATOM 170  O O   . ASN A 1 32  ? -33.701 4.366   7.479   1.00 99.83  ? 32  ASN A O   1 
ATOM 171  C CB  . ASN A 1 32  ? -36.619 2.810   8.404   1.00 99.83  ? 32  ASN A CB  1 
ATOM 172  C CG  . ASN A 1 32  ? -35.655 1.620   8.274   1.00 99.83  ? 32  ASN A CG  1 
ATOM 173  O OD1 . ASN A 1 32  ? -34.494 1.747   7.891   1.00 99.83  ? 32  ASN A OD1 1 
ATOM 174  N ND2 . ASN A 1 32  ? -36.164 0.441   8.604   1.00 99.83  ? 32  ASN A ND2 1 
ATOM 175  N N   . MET A 1 33  ? -35.403 4.338   6.000   1.00 98.60  ? 33  MET A N   1 
ATOM 176  C CA  . MET A 1 33  ? -34.487 4.355   4.868   1.00 98.60  ? 33  MET A CA  1 
ATOM 177  C C   . MET A 1 33  ? -33.728 5.672   4.776   1.00 98.60  ? 33  MET A C   1 
ATOM 178  O O   . MET A 1 33  ? -32.566 5.685   4.358   1.00 98.60  ? 33  MET A O   1 
ATOM 179  C CB  . MET A 1 33  ? -35.247 4.078   3.573   1.00 98.60  ? 33  MET A CB  1 
ATOM 180  C CG  . MET A 1 33  ? -35.163 2.629   3.089   1.00 98.60  ? 33  MET A CG  1 
ATOM 181  S SD  . MET A 1 33  ? -33.551 1.800   3.105   1.00 98.60  ? 33  MET A SD  1 
ATOM 182  C CE  . MET A 1 33  ? -32.435 3.054   2.474   1.00 98.60  ? 33  MET A CE  1 
ATOM 183  N N   . GLY A 1 34  ? -34.353 6.786   5.163   1.00 95.69  ? 34  GLY A N   1 
ATOM 184  C CA  . GLY A 1 34  ? -33.645 8.052   5.157   1.00 95.69  ? 34  GLY A CA  1 
ATOM 185  C C   . GLY A 1 34  ? -32.495 8.072   6.142   1.00 95.69  ? 34  GLY A C   1 
ATOM 186  O O   . GLY A 1 34  ? -31.399 8.538   5.824   1.00 95.69  ? 34  GLY A O   1 
ATOM 187  N N   . LEU A 1 35  ? -32.724 7.557   7.351   1.00 97.02  ? 35  LEU A N   1 
ATOM 188  C CA  . LEU A 1 35  ? -31.635 7.475   8.315   1.00 97.02  ? 35  LEU A CA  1 
ATOM 189  C C   . LEU A 1 35  ? -30.522 6.570   7.804   1.00 97.02  ? 35  LEU A C   1 
ATOM 190  O O   . LEU A 1 35  ? -29.335 6.910   7.913   1.00 97.02  ? 35  LEU A O   1 
ATOM 191  C CB  . LEU A 1 35  ? -32.161 6.987   9.661   1.00 97.02  ? 35  LEU A CB  1 
ATOM 192  C CG  . LEU A 1 35  ? -33.136 7.950   10.337  1.00 97.02  ? 35  LEU A CG  1 
ATOM 193  C CD1 . LEU A 1 35  ? -34.013 7.218   11.338  1.00 97.02  ? 35  LEU A CD1 1 
ATOM 194  C CD2 . LEU A 1 35  ? -32.385 9.091   10.999  1.00 97.02  ? 35  LEU A CD2 1 
ATOM 195  N N   . PHE A 1 36  ? -30.883 5.423   7.217   1.00 95.68  ? 36  PHE A N   1 
ATOM 196  C CA  . PHE A 1 36  ? -29.849 4.530   6.701   1.00 95.68  ? 36  PHE A CA  1 
ATOM 197  C C   . PHE A 1 36  ? -29.039 5.189   5.589   1.00 95.68  ? 36  PHE A C   1 
ATOM 198  O O   . PHE A 1 36  ? -27.806 5.081   5.563   1.00 95.68  ? 36  PHE A O   1 
ATOM 199  C CB  . PHE A 1 36  ? -30.464 3.225   6.202   1.00 95.68  ? 36  PHE A CB  1 
ATOM 200  C CG  . PHE A 1 36  ? -29.447 2.247   5.691   1.00 95.68  ? 36  PHE A CG  1 
ATOM 201  C CD1 . PHE A 1 36  ? -28.657 1.530   6.569   1.00 95.68  ? 36  PHE A CD1 1 
ATOM 202  C CD2 . PHE A 1 36  ? -29.274 2.056   4.332   1.00 95.68  ? 36  PHE A CD2 1 
ATOM 203  C CE1 . PHE A 1 36  ? -27.715 0.635   6.103   1.00 95.68  ? 36  PHE A CE1 1 
ATOM 204  C CE2 . PHE A 1 36  ? -28.335 1.160   3.859   1.00 95.68  ? 36  PHE A CE2 1 
ATOM 205  C CZ  . PHE A 1 36  ? -27.555 0.449   4.747   1.00 95.68  ? 36  PHE A CZ  1 
ATOM 206  N N   . THR A 1 37  ? -29.708 5.877   4.662   1.00 93.60  ? 37  THR A N   1 
ATOM 207  C CA  . THR A 1 37  ? -28.987 6.461   3.538   1.00 93.60  ? 37  THR A CA  1 
ATOM 208  C C   . THR A 1 37  ? -28.141 7.646   3.988   1.00 93.60  ? 37  THR A C   1 
ATOM 209  O O   . THR A 1 37  ? -27.051 7.874   3.454   1.00 93.60  ? 37  THR A O   1 
ATOM 210  C CB  . THR A 1 37  ? -29.956 6.856   2.417   1.00 93.60  ? 37  THR A CB  1 
ATOM 211  O OG1 . THR A 1 37  ? -29.211 7.266   1.264   1.00 93.60  ? 37  THR A OG1 1 
ATOM 212  C CG2 . THR A 1 37  ? -30.867 7.987   2.836   1.00 93.60  ? 37  THR A CG2 1 
ATOM 213  N N   . THR A 1 38  ? -28.607 8.396   4.991   1.00 92.94  ? 38  THR A N   1 
ATOM 214  C CA  . THR A 1 38  ? -27.775 9.462   5.541   1.00 92.94  ? 38  THR A CA  1 
ATOM 215  C C   . THR A 1 38  ? -26.523 8.894   6.194   1.00 92.94  ? 38  THR A C   1 
ATOM 216  O O   . THR A 1 38  ? -25.420 9.427   6.009   1.00 92.94  ? 38  THR A O   1 
ATOM 217  C CB  . THR A 1 38  ? -28.570 10.295  6.544   1.00 92.94  ? 38  THR A CB  1 
ATOM 218  O OG1 . THR A 1 38  ? -29.205 9.427   7.490   1.00 92.94  ? 38  THR A OG1 1 
ATOM 219  C CG2 . THR A 1 38  ? -29.619 11.130  5.833   1.00 92.94  ? 38  THR A CG2 1 
ATOM 220  N N   . GLN A 1 39  ? -26.669 7.806   6.955   1.00 94.03  ? 39  GLN A N   1 
ATOM 221  C CA  . GLN A 1 39  ? -25.499 7.185   7.567   1.00 94.03  ? 39  GLN A CA  1 
ATOM 222  C C   . GLN A 1 39  ? -24.523 6.685   6.509   1.00 94.03  ? 39  GLN A C   1 
ATOM 223  O O   . GLN A 1 39  ? -23.304 6.857   6.642   1.00 94.03  ? 39  GLN A O   1 
ATOM 224  C CB  . GLN A 1 39  ? -25.926 6.041   8.486   1.00 94.03  ? 39  GLN A CB  1 
ATOM 225  C CG  . GLN A 1 39  ? -26.703 6.461   9.733   1.00 94.03  ? 39  GLN A CG  1 
ATOM 226  C CD  . GLN A 1 39  ? -26.227 7.772   10.343  1.00 94.03  ? 39  GLN A CD  1 
ATOM 227  O OE1 . GLN A 1 39  ? -25.028 8.044   10.417  1.00 94.03  ? 39  GLN A OE1 1 
ATOM 228  N NE2 . GLN A 1 39  ? -27.174 8.591   10.781  1.00 94.03  ? 39  GLN A NE2 1 
ATOM 229  N N   . LYS A 1 40  ? -25.040 6.065   5.446   1.00 93.71  ? 40  LYS A N   1 
ATOM 230  C CA  . LYS A 1 40  ? -24.148 5.547   4.415   1.00 93.71  ? 40  LYS A CA  1 
ATOM 231  C C   . LYS A 1 40  ? -23.466 6.680   3.657   1.00 93.71  ? 40  LYS A C   1 
ATOM 232  O O   . LYS A 1 40  ? -22.304 6.553   3.257   1.00 93.71  ? 40  LYS A O   1 
ATOM 233  C CB  . LYS A 1 40  ? -24.907 4.630   3.459   1.00 93.71  ? 40  LYS A CB  1 
ATOM 234  C CG  . LYS A 1 40  ? -24.014 4.010   2.399   1.00 93.71  ? 40  LYS A CG  1 
ATOM 235  C CD  . LYS A 1 40  ? -24.763 3.019   1.536   1.00 93.71  ? 40  LYS A CD  1 
ATOM 236  C CE  . LYS A 1 40  ? -23.894 2.524   0.394   1.00 93.71  ? 40  LYS A CE  1 
ATOM 237  N NZ  . LYS A 1 40  ? -22.738 1.725   0.884   1.00 93.71  ? 40  LYS A NZ  1 
ATOM 238  N N   . SER A 1 41  ? -24.169 7.795   3.446   1.00 89.26  ? 41  SER A N   1 
ATOM 239  C CA  . SER A 1 41  ? -23.542 8.956   2.821   1.00 89.26  ? 41  SER A CA  1 
ATOM 240  C C   . SER A 1 41  ? -22.423 9.508   3.692   1.00 89.26  ? 41  SER A C   1 
ATOM 241  O O   . SER A 1 41  ? -21.343 9.857   3.193   1.00 89.26  ? 41  SER A O   1 
ATOM 242  C CB  . SER A 1 41  ? -24.591 10.034  2.552   1.00 89.26  ? 41  SER A CB  1 
ATOM 243  O OG  . SER A 1 41  ? -24.909 10.734  3.741   1.00 89.26  ? 41  SER A OG  1 
ATOM 244  N N   . LYS A 1 42  ? -22.668 9.599   4.999   1.00 88.68  ? 42  LYS A N   1 
ATOM 245  C CA  . LYS A 1 42  ? -21.611 9.992   5.924   1.00 88.68  ? 42  LYS A CA  1 
ATOM 246  C C   . LYS A 1 42  ? -20.402 9.080   5.785   1.00 88.68  ? 42  LYS A C   1 
ATOM 247  O O   . LYS A 1 42  ? -19.264 9.553   5.655   1.00 88.68  ? 42  LYS A O   1 
ATOM 248  C CB  . LYS A 1 42  ? -22.145 9.965   7.355   1.00 88.68  ? 42  LYS A CB  1 
ATOM 249  C CG  . LYS A 1 42  ? -21.172 10.453  8.402   1.00 88.68  ? 42  LYS A CG  1 
ATOM 250  C CD  . LYS A 1 42  ? -21.813 10.471  9.777   1.00 88.68  ? 42  LYS A CD  1 
ATOM 251  C CE  . LYS A 1 42  ? -20.836 10.954  10.833  1.00 88.68  ? 42  LYS A CE  1 
ATOM 252  N NZ  . LYS A 1 42  ? -21.455 10.972  12.184  1.00 88.68  ? 42  LYS A NZ  1 
ATOM 253  N N   . GLU A 1 43  ? -20.636 7.766   5.781   1.00 93.41  ? 43  GLU A N   1 
ATOM 254  C CA  . GLU A 1 43  ? -19.530 6.816   5.705   1.00 93.41  ? 43  GLU A CA  1 
ATOM 255  C C   . GLU A 1 43  ? -18.771 6.954   4.391   1.00 93.41  ? 43  GLU A C   1 
ATOM 256  O O   . GLU A 1 43  ? -17.536 6.919   4.375   1.00 93.41  ? 43  GLU A O   1 
ATOM 257  C CB  . GLU A 1 43  ? -20.059 5.390   5.894   1.00 93.41  ? 43  GLU A CB  1 
ATOM 258  C CG  . GLU A 1 43  ? -18.995 4.309   6.129   1.00 93.41  ? 43  GLU A CG  1 
ATOM 259  C CD  . GLU A 1 43  ? -18.254 3.874   4.871   1.00 93.41  ? 43  GLU A CD  1 
ATOM 260  O OE1 . GLU A 1 43  ? -17.233 3.167   5.002   1.00 93.41  ? 43  GLU A OE1 1 
ATOM 261  O OE2 . GLU A 1 43  ? -18.711 4.194   3.755   1.00 93.41  ? 43  GLU A OE2 1 
ATOM 262  N N   . VAL A 1 44  ? -19.489 7.109   3.276   1.00 89.23  ? 44  VAL A N   1 
ATOM 263  C CA  . VAL A 1 44  ? -18.821 7.134   1.977   1.00 89.23  ? 44  VAL A CA  1 
ATOM 264  C C   . VAL A 1 44  ? -18.013 8.413   1.812   1.00 89.23  ? 44  VAL A C   1 
ATOM 265  O O   . VAL A 1 44  ? -16.915 8.395   1.246   1.00 89.23  ? 44  VAL A O   1 
ATOM 266  C CB  . VAL A 1 44  ? -19.830 6.935   0.829   1.00 89.23  ? 44  VAL A CB  1 
ATOM 267  C CG1 . VAL A 1 44  ? -20.799 8.078   0.746   1.00 89.23  ? 44  VAL A CG1 1 
ATOM 268  C CG2 . VAL A 1 44  ? -19.097 6.780   -0.492  1.00 89.23  ? 44  VAL A CG2 1 
ATOM 269  N N   . MET A 1 45  ? -18.524 9.544   2.305   1.00 88.59  ? 45  MET A N   1 
ATOM 270  C CA  . MET A 1 45  ? -17.746 10.772  2.190   1.00 88.59  ? 45  MET A CA  1 
ATOM 271  C C   . MET A 1 45  ? -16.552 10.752  3.140   1.00 88.59  ? 45  MET A C   1 
ATOM 272  O O   . MET A 1 45  ? -15.483 11.290  2.825   1.00 88.59  ? 45  MET A O   1 
ATOM 273  C CB  . MET A 1 45  ? -18.633 11.995  2.418   1.00 88.59  ? 45  MET A CB  1 
ATOM 274  C CG  . MET A 1 45  ? -19.096 12.219  3.832   1.00 88.59  ? 45  MET A CG  1 
ATOM 275  S SD  . MET A 1 45  ? -19.745 13.889  3.991   1.00 88.59  ? 45  MET A SD  1 
ATOM 276  C CE  . MET A 1 45  ? -21.215 13.784  2.978   1.00 88.59  ? 45  MET A CE  1 
ATOM 277  N N   . GLN A 1 46  ? -16.703 10.103  4.300   1.00 88.02  ? 46  GLN A N   1 
ATOM 278  C CA  . GLN A 1 46  ? -15.555 9.906   5.179   1.00 88.02  ? 46  GLN A CA  1 
ATOM 279  C C   . GLN A 1 46  ? -14.485 9.065   4.495   1.00 88.02  ? 46  GLN A C   1 
ATOM 280  O O   . GLN A 1 46  ? -13.288 9.369   4.570   1.00 88.02  ? 46  GLN A O   1 
ATOM 281  C CB  . GLN A 1 46  ? -16.005 9.249   6.483   1.00 88.02  ? 46  GLN A CB  1 
ATOM 282  C CG  . GLN A 1 46  ? -14.896 9.065   7.500   1.00 88.02  ? 46  GLN A CG  1 
ATOM 283  C CD  . GLN A 1 46  ? -15.415 9.027   8.923   1.00 88.02  ? 46  GLN A CD  1 
ATOM 284  O OE1 . GLN A 1 46  ? -16.582 9.323   9.178   1.00 88.02  ? 46  GLN A OE1 1 
ATOM 285  N NE2 . GLN A 1 46  ? -14.550 8.658   9.860   1.00 88.02  ? 46  GLN A NE2 1 
ATOM 286  N N   . ARG A 1 47  ? -14.907 7.999   3.812   1.00 86.45  ? 47  ARG A N   1 
ATOM 287  C CA  . ARG A 1 47  ? -13.960 7.159   3.086   1.00 86.45  ? 47  ARG A CA  1 
ATOM 288  C C   . ARG A 1 47  ? -13.305 7.925   1.945   1.00 86.45  ? 47  ARG A C   1 
ATOM 289  O O   . ARG A 1 47  ? -12.123 7.725   1.654   1.00 86.45  ? 47  ARG A O   1 
ATOM 290  C CB  . ARG A 1 47  ? -14.660 5.908   2.559   1.00 86.45  ? 47  ARG A CB  1 
ATOM 291  C CG  . ARG A 1 47  ? -14.659 4.740   3.529   1.00 86.45  ? 47  ARG A CG  1 
ATOM 292  C CD  . ARG A 1 47  ? -14.778 3.426   2.780   1.00 86.45  ? 47  ARG A CD  1 
ATOM 293  N NE  . ARG A 1 47  ? -13.483 2.778   2.613   1.00 86.45  ? 47  ARG A NE  1 
ATOM 294  C CZ  . ARG A 1 47  ? -13.315 1.545   2.155   1.00 86.45  ? 47  ARG A CZ  1 
ATOM 295  N NH1 . ARG A 1 47  ? -14.344 0.792   1.806   1.00 86.45  ? 47  ARG A NH1 1 
ATOM 296  N NH2 . ARG A 1 47  ? -12.082 1.057   2.041   1.00 86.45  ? 47  ARG A NH2 1 
ATOM 297  N N   . GLY A 1 48  ? -14.062 8.793   1.274   1.00 82.95  ? 48  GLY A N   1 
ATOM 298  C CA  . GLY A 1 48  ? -13.468 9.620   0.236   1.00 82.95  ? 48  GLY A CA  1 
ATOM 299  C C   . GLY A 1 48  ? -12.409 10.557  0.781   1.00 82.95  ? 48  GLY A C   1 
ATOM 300  O O   . GLY A 1 48  ? -11.336 10.711  0.191   1.00 82.95  ? 48  GLY A O   1 
ATOM 301  N N   . LEU A 1 49  ? -12.691 11.187  1.924   1.00 85.36  ? 49  LEU A N   1 
ATOM 302  C CA  . LEU A 1 49  ? -11.692 12.036  2.564   1.00 85.36  ? 49  LEU A CA  1 
ATOM 303  C C   . LEU A 1 49  ? -10.460 11.229  2.953   1.00 85.36  ? 49  LEU A C   1 
ATOM 304  O O   . LEU A 1 49  ? -9.326  11.702  2.811   1.00 85.36  ? 49  LEU A O   1 
ATOM 305  C CB  . LEU A 1 49  ? -12.292 12.723  3.788   1.00 85.36  ? 49  LEU A CB  1 
ATOM 306  C CG  . LEU A 1 49  ? -11.372 13.696  4.524   1.00 85.36  ? 49  LEU A CG  1 
ATOM 307  C CD1 . LEU A 1 49  ? -10.985 14.853  3.620   1.00 85.36  ? 49  LEU A CD1 1 
ATOM 308  C CD2 . LEU A 1 49  ? -12.035 14.200  5.794   1.00 85.36  ? 49  LEU A CD2 1 
ATOM 309  N N   . GLU A 1 50  ? -10.667 10.008  3.449   1.00 88.08  ? 50  GLU A N   1 
ATOM 310  C CA  . GLU A 1 50  ? -9.548  9.114   3.736   1.00 88.08  ? 50  GLU A CA  1 
ATOM 311  C C   . GLU A 1 50  ? -8.734  8.815   2.483   1.00 88.08  ? 50  GLU A C   1 
ATOM 312  O O   . GLU A 1 50  ? -7.499  8.807   2.523   1.00 88.08  ? 50  GLU A O   1 
ATOM 313  C CB  . GLU A 1 50  ? -10.073 7.821   4.360   1.00 88.08  ? 50  GLU A CB  1 
ATOM 314  C CG  . GLU A 1 50  ? -9.128  7.147   5.336   1.00 88.08  ? 50  GLU A CG  1 
ATOM 315  C CD  . GLU A 1 50  ? -7.984  6.450   4.623   1.00 88.08  ? 50  GLU A CD  1 
ATOM 316  O OE1 . GLU A 1 50  ? -8.261  5.678   3.682   1.00 88.08  ? 50  GLU A OE1 1 
ATOM 317  O OE2 . GLU A 1 50  ? -6.815  6.660   4.996   1.00 88.08  ? 50  GLU A OE2 1 
ATOM 318  N N   . GLU A 1 51  ? -9.410  8.565   1.364   1.00 86.02  ? 51  GLU A N   1 
ATOM 319  C CA  . GLU A 1 51  ? -8.707  8.229   0.132   1.00 86.02  ? 51  GLU A CA  1 
ATOM 320  C C   . GLU A 1 51  ? -7.945  9.433   -0.403  1.00 86.02  ? 51  GLU A C   1 
ATOM 321  O O   . GLU A 1 51  ? -6.926  9.279   -1.087  1.00 86.02  ? 51  GLU A O   1 
ATOM 322  C CB  . GLU A 1 51  ? -9.706  7.679   -0.893  1.00 86.02  ? 51  GLU A CB  1 
ATOM 323  C CG  . GLU A 1 51  ? -9.110  7.024   -2.143  1.00 86.02  ? 51  GLU A CG  1 
ATOM 324  C CD  . GLU A 1 51  ? -8.768  7.996   -3.264  1.00 86.02  ? 51  GLU A CD  1 
ATOM 325  O OE1 . GLU A 1 51  ? -8.813  9.224   -3.056  1.00 86.02  ? 51  GLU A OE1 1 
ATOM 326  O OE2 . GLU A 1 51  ? -8.454  7.518   -4.374  1.00 86.02  ? 51  GLU A OE2 1 
ATOM 327  N N   . ALA A 1 52  ? -8.417  10.643  -0.092  1.00 82.87  ? 52  ALA A N   1 
ATOM 328  C CA  . ALA A 1 52  ? -7.729  11.846  -0.554  1.00 82.87  ? 52  ALA A CA  1 
ATOM 329  C C   . ALA A 1 52  ? -6.309  11.920  -0.009  1.00 82.87  ? 52  ALA A C   1 
ATOM 330  O O   . ALA A 1 52  ? -5.371  12.256  -0.742  1.00 82.87  ? 52  ALA A O   1 
ATOM 331  C CB  . ALA A 1 52  ? -8.518  13.087  -0.146  1.00 82.87  ? 52  ALA A CB  1 
ATOM 332  N N   . THR A 1 53  ? -6.131  11.611  1.273   1.00 82.54  ? 53  THR A N   1 
ATOM 333  C CA  . THR A 1 53  ? -4.812  11.609  1.893   1.00 82.54  ? 53  THR A CA  1 
ATOM 334  C C   . THR A 1 53  ? -4.180  10.228  1.778   1.00 82.54  ? 53  THR A C   1 
ATOM 335  O O   . THR A 1 53  ? -4.638  9.400   0.985   1.00 82.54  ? 53  THR A O   1 
ATOM 336  C CB  . THR A 1 53  ? -4.903  12.045  3.355   1.00 82.54  ? 53  THR A CB  1 
ATOM 337  O OG1 . THR A 1 53  ? -3.609  11.955  3.965   1.00 82.54  ? 53  THR A OG1 1 
ATOM 338  C CG2 . THR A 1 53  ? -5.879  11.164  4.112   1.00 82.54  ? 53  THR A CG2 1 
ATOM 339  N N   . SER A 1 54  ? -3.117  9.982   2.548   1.00 80.12  ? 54  SER A N   1 
ATOM 340  C CA  . SER A 1 54  ? -2.396  8.708   2.525   1.00 80.12  ? 54  SER A CA  1 
ATOM 341  C C   . SER A 1 54  ? -1.786  8.454   1.150   1.00 80.12  ? 54  SER A C   1 
ATOM 342  O O   . SER A 1 54  ? -2.134  7.502   0.448   1.00 80.12  ? 54  SER A O   1 
ATOM 343  C CB  . SER A 1 54  ? -3.303  7.551   2.945   1.00 80.12  ? 54  SER A CB  1 
ATOM 344  O OG  . SER A 1 54  ? -4.032  7.056   1.837   1.00 80.12  ? 54  SER A OG  1 
ATOM 345  N N   . ALA A 1 55  ? -0.862  9.332   0.764   1.00 76.11  ? 55  ALA A N   1 
ATOM 346  C CA  . ALA A 1 55  ? -0.323  9.297   -0.590  1.00 76.11  ? 55  ALA A CA  1 
ATOM 347  C C   . ALA A 1 55  ? 0.797   8.273   -0.725  1.00 76.11  ? 55  ALA A C   1 
ATOM 348  O O   . ALA A 1 55  ? 0.818   7.496   -1.687  1.00 76.11  ? 55  ALA A O   1 
ATOM 349  C CB  . ALA A 1 55  ? 0.171   10.684  -0.985  1.00 76.11  ? 55  ALA A CB  1 
ATOM 350  N N   . LEU A 1 56  ? 1.752   8.286   0.210   1.00 73.51  ? 56  LEU A N   1 
ATOM 351  C CA  . LEU A 1 56  ? 2.967   7.473   0.167   1.00 73.51  ? 56  LEU A CA  1 
ATOM 352  C C   . LEU A 1 56  ? 3.897   7.990   -0.923  1.00 73.51  ? 56  LEU A C   1 
ATOM 353  O O   . LEU A 1 56  ? 3.464   8.223   -2.056  1.00 73.51  ? 56  LEU A O   1 
ATOM 354  C CB  . LEU A 1 56  ? 2.641   5.990   -0.045  1.00 73.51  ? 56  LEU A CB  1 
ATOM 355  C CG  . LEU A 1 56  ? 3.785   4.980   -0.017  1.00 73.51  ? 56  LEU A CG  1 
ATOM 356  C CD1 . LEU A 1 56  ? 4.351   4.862   1.383   1.00 73.51  ? 56  LEU A CD1 1 
ATOM 357  C CD2 . LEU A 1 56  ? 3.307   3.631   -0.515  1.00 73.51  ? 56  LEU A CD2 1 
ATOM 358  N N   . GLU A 1 57  ? 5.176   8.172   -0.603  1.00 74.41  ? 57  GLU A N   1 
ATOM 359  C CA  . GLU A 1 57  ? 6.097   8.802   -1.539  1.00 74.41  ? 57  GLU A CA  1 
ATOM 360  C C   . GLU A 1 57  ? 7.510   8.315   -1.264  1.00 74.41  ? 57  GLU A C   1 
ATOM 361  O O   . GLU A 1 57  ? 7.808   7.787   -0.191  1.00 74.41  ? 57  GLU A O   1 
ATOM 362  C CB  . GLU A 1 57  ? 6.031   10.328  -1.441  1.00 74.41  ? 57  GLU A CB  1 
ATOM 363  C CG  . GLU A 1 57  ? 6.405   10.871  -0.073  1.00 74.41  ? 57  GLU A CG  1 
ATOM 364  C CD  . GLU A 1 57  ? 6.429   12.385  -0.030  1.00 74.41  ? 57  GLU A CD  1 
ATOM 365  O OE1 . GLU A 1 57  ? 5.539   13.012  -0.643  1.00 74.41  ? 57  GLU A OE1 1 
ATOM 366  O OE2 . GLU A 1 57  ? 7.337   12.949  0.617   1.00 74.41  ? 57  GLU A OE2 1 
ATOM 367  N N   . VAL A 1 58  ? 8.381   8.511   -2.253  1.00 71.77  ? 58  VAL A N   1 
ATOM 368  C CA  . VAL A 1 58  ? 9.767   8.069   -2.148  1.00 71.77  ? 58  VAL A CA  1 
ATOM 369  C C   . VAL A 1 58  ? 10.562  9.104   -1.362  1.00 71.77  ? 58  VAL A C   1 
ATOM 370  O O   . VAL A 1 58  ? 10.576  10.292  -1.706  1.00 71.77  ? 58  VAL A O   1 
ATOM 371  C CB  . VAL A 1 58  ? 10.376  7.838   -3.535  1.00 71.77  ? 58  VAL A CB  1 
ATOM 372  C CG1 . VAL A 1 58  ? 11.890  7.822   -3.455  1.00 71.77  ? 58  VAL A CG1 1 
ATOM 373  C CG2 . VAL A 1 58  ? 9.863   6.543   -4.122  1.00 71.77  ? 58  VAL A CG2 1 
ATOM 374  N N   . ASP A 1 59  ? 11.232  8.654   -0.303  1.00 79.27  ? 59  ASP A N   1 
ATOM 375  C CA  . ASP A 1 59  ? 12.027  9.526   0.560   1.00 79.27  ? 59  ASP A CA  1 
ATOM 376  C C   . ASP A 1 59  ? 13.497  9.139   0.439   1.00 79.27  ? 59  ASP A C   1 
ATOM 377  O O   . ASP A 1 59  ? 14.004  8.275   1.150   1.00 79.27  ? 59  ASP A O   1 
ATOM 378  C CB  . ASP A 1 59  ? 11.540  9.433   1.999   1.00 79.27  ? 59  ASP A CB  1 
ATOM 379  C CG  . ASP A 1 59  ? 12.314  10.335  2.934   1.00 79.27  ? 59  ASP A CG  1 
ATOM 380  O OD1 . ASP A 1 59  ? 12.882  11.338  2.458   1.00 79.27  ? 59  ASP A OD1 1 
ATOM 381  O OD2 . ASP A 1 59  ? 12.352  10.044  4.147   1.00 79.27  ? 59  ASP A OD2 1 
ATOM 382  N N   . GLY A 1 60  ? 14.191  9.804   -0.477  1.00 75.61  ? 60  GLY A N   1 
ATOM 383  C CA  . GLY A 1 60  ? 15.618  9.593   -0.602  1.00 75.61  ? 60  GLY A CA  1 
ATOM 384  C C   . GLY A 1 60  ? 16.049  8.986   -1.919  1.00 75.61  ? 60  GLY A C   1 
ATOM 385  O O   . GLY A 1 60  ? 15.406  9.199   -2.950  1.00 75.61  ? 60  GLY A O   1 
ATOM 386  N N   . SER A 1 61  ? 17.139  8.229   -1.896  1.00 74.49  ? 61  SER A N   1 
ATOM 387  C CA  . SER A 1 61  ? 17.718  7.655   -3.099  1.00 74.49  ? 61  SER A CA  1 
ATOM 388  C C   . SER A 1 61  ? 17.596  6.138   -3.076  1.00 74.49  ? 61  SER A C   1 
ATOM 389  O O   . SER A 1 61  ? 17.780  5.504   -2.033  1.00 74.49  ? 61  SER A O   1 
ATOM 390  C CB  . SER A 1 61  ? 19.186  8.055   -3.233  1.00 74.49  ? 61  SER A CB  1 
ATOM 391  O OG  . SER A 1 61  ? 19.322  9.462   -3.308  1.00 74.49  ? 61  SER A OG  1 
ATOM 392  N N   . VAL A 1 62  ? 17.289  5.563   -4.234  1.00 71.19  ? 62  VAL A N   1 
ATOM 393  C CA  . VAL A 1 62  ? 17.210  4.115   -4.375  1.00 71.19  ? 62  VAL A CA  1 
ATOM 394  C C   . VAL A 1 62  ? 18.620  3.544   -4.377  1.00 71.19  ? 62  VAL A C   1 
ATOM 395  O O   . VAL A 1 62  ? 19.498  4.032   -5.097  1.00 71.19  ? 62  VAL A O   1 
ATOM 396  C CB  . VAL A 1 62  ? 16.455  3.737   -5.657  1.00 71.19  ? 62  VAL A CB  1 
ATOM 397  C CG1 . VAL A 1 62  ? 16.402  2.235   -5.809  1.00 71.19  ? 62  VAL A CG1 1 
ATOM 398  C CG2 . VAL A 1 62  ? 15.055  4.319   -5.628  1.00 71.19  ? 62  VAL A CG2 1 
ATOM 399  N N   . ILE A 1 63  ? 18.843  2.514   -3.568  1.00 73.37  ? 63  ILE A N   1 
ATOM 400  C CA  . ILE A 1 63  ? 20.163  1.926   -3.386  1.00 73.37  ? 63  ILE A CA  1 
ATOM 401  C C   . ILE A 1 63  ? 20.100  0.457   -3.774  1.00 73.37  ? 63  ILE A C   1 
ATOM 402  O O   . ILE A 1 63  ? 19.186  -0.265  -3.359  1.00 73.37  ? 63  ILE A O   1 
ATOM 403  C CB  . ILE A 1 63  ? 20.650  2.092   -1.936  1.00 73.37  ? 63  ILE A CB  1 
ATOM 404  C CG1 . ILE A 1 63  ? 20.665  3.575   -1.569  1.00 73.37  ? 63  ILE A CG1 1 
ATOM 405  C CG2 . ILE A 1 63  ? 22.025  1.481   -1.765  1.00 73.37  ? 63  ILE A CG2 1 
ATOM 406  C CD1 . ILE A 1 63  ? 21.566  4.406   -2.441  1.00 73.37  ? 63  ILE A CD1 1 
ATOM 407  N N   . ALA A 1 64  ? 21.072  0.015   -4.565  1.00 75.58  ? 64  ALA A N   1 
ATOM 408  C CA  . ALA A 1 64  ? 21.070  -1.321  -5.140  1.00 75.58  ? 64  ALA A CA  1 
ATOM 409  C C   . ALA A 1 64  ? 22.277  -2.114  -4.666  1.00 75.58  ? 64  ALA A C   1 
ATOM 410  O O   . ALA A 1 64  ? 23.327  -1.543  -4.356  1.00 75.58  ? 64  ALA A O   1 
ATOM 411  C CB  . ALA A 1 64  ? 21.061  -1.258  -6.668  1.00 75.58  ? 64  ALA A CB  1 
ATOM 412  N N   . ASN A 1 65  ? 22.120  -3.434  -4.612  1.00 75.70  ? 65  ASN A N   1 
ATOM 413  C CA  . ASN A 1 65  ? 23.202  -4.352  -4.286  1.00 75.70  ? 65  ASN A CA  1 
ATOM 414  C C   . ASN A 1 65  ? 23.709  -4.998  -5.566  1.00 75.70  ? 65  ASN A C   1 
ATOM 415  O O   . ASN A 1 65  ? 22.916  -5.515  -6.360  1.00 75.70  ? 65  ASN A O   1 
ATOM 416  C CB  . ASN A 1 65  ? 22.730  -5.431  -3.310  1.00 75.70  ? 65  ASN A CB  1 
ATOM 417  C CG  . ASN A 1 65  ? 23.864  -6.305  -2.811  1.00 75.70  ? 65  ASN A CG  1 
ATOM 418  O OD1 . ASN A 1 65  ? 25.025  -6.098  -3.161  1.00 75.70  ? 65  ASN A OD1 1 
ATOM 419  N ND2 . ASN A 1 65  ? 23.532  -7.299  -1.995  1.00 75.70  ? 65  ASN A ND2 1 
ATOM 420  N N   . VAL A 1 66  ? 25.022  -4.976  -5.762  1.00 75.70  ? 66  VAL A N   1 
ATOM 421  C CA  . VAL A 1 66  ? 25.653  -5.529  -6.953  1.00 75.70  ? 66  VAL A CA  1 
ATOM 422  C C   . VAL A 1 66  ? 26.626  -6.620  -6.532  1.00 75.70  ? 66  VAL A C   1 
ATOM 423  O O   . VAL A 1 66  ? 27.437  -6.423  -5.619  1.00 75.70  ? 66  VAL A O   1 
ATOM 424  C CB  . VAL A 1 66  ? 26.352  -4.437  -7.782  1.00 75.70  ? 66  VAL A CB  1 
ATOM 425  C CG1 . VAL A 1 66  ? 27.343  -3.658  -6.935  1.00 75.70  ? 66  VAL A CG1 1 
ATOM 426  C CG2 . VAL A 1 66  ? 27.050  -5.050  -8.983  1.00 75.70  ? 66  VAL A CG2 1 
ATOM 427  N N   . THR A 1 67  ? 26.527  -7.778  -7.179  1.00 74.88  ? 67  THR A N   1 
ATOM 428  C CA  . THR A 1 67  ? 27.431  -8.896  -6.949  1.00 74.88  ? 67  THR A CA  1 
ATOM 429  C C   . THR A 1 67  ? 27.847  -9.467  -8.296  1.00 74.88  ? 67  THR A C   1 
ATOM 430  O O   . THR A 1 67  ? 27.016  -9.604  -9.200  1.00 74.88  ? 67  THR A O   1 
ATOM 431  C CB  . THR A 1 67  ? 26.778  -9.971  -6.076  1.00 74.88  ? 67  THR A CB  1 
ATOM 432  O OG1 . THR A 1 67  ? 27.671  -11.080 -5.934  1.00 74.88  ? 67  THR A OG1 1 
ATOM 433  C CG2 . THR A 1 67  ? 25.465  -10.446 -6.678  1.00 74.88  ? 67  THR A CG2 1 
ATOM 434  N N   . SER A 1 68  ? 29.138  -9.778  -8.433  1.00 75.12  ? 68  SER A N   1 
ATOM 435  C CA  . SER A 1 68  ? 29.700  -10.333 -9.665  1.00 75.12  ? 68  SER A CA  1 
ATOM 436  C C   . SER A 1 68  ? 29.423  -9.443  -10.874 1.00 75.12  ? 68  SER A C   1 
ATOM 437  O O   . SER A 1 68  ? 29.235  -9.934  -11.990 1.00 75.12  ? 68  SER A O   1 
ATOM 438  C CB  . SER A 1 68  ? 29.186  -11.753 -9.918  1.00 75.12  ? 68  SER A CB  1 
ATOM 439  O OG  . SER A 1 68  ? 29.595  -12.633 -8.887  1.00 75.12  ? 68  SER A OG  1 
ATOM 440  N N   . GLY A 1 69  ? 29.393  -8.129  -10.664 1.00 70.30  ? 69  GLY A N   1 
ATOM 441  C CA  . GLY A 1 69  ? 29.232  -7.184  -11.748 1.00 70.30  ? 69  GLY A CA  1 
ATOM 442  C C   . GLY A 1 69  ? 27.815  -6.942  -12.216 1.00 70.30  ? 69  GLY A C   1 
ATOM 443  O O   . GLY A 1 69  ? 27.627  -6.227  -13.205 1.00 70.30  ? 69  GLY A O   1 
ATOM 444  N N   . SER A 1 70  ? 26.814  -7.512  -11.550 1.00 70.37  ? 70  SER A N   1 
ATOM 445  C CA  . SER A 1 70  ? 25.422  -7.305  -11.920 1.00 70.37  ? 70  SER A CA  1 
ATOM 446  C C   . SER A 1 70  ? 24.604  -6.956  -10.686 1.00 70.37  ? 70  SER A C   1 
ATOM 447  O O   . SER A 1 70  ? 24.884  -7.426  -9.581  1.00 70.37  ? 70  SER A O   1 
ATOM 448  C CB  . SER A 1 70  ? 24.831  -8.543  -12.601 1.00 70.37  ? 70  SER A CB  1 
ATOM 449  O OG  . SER A 1 70  ? 25.558  -8.868  -13.771 1.00 70.37  ? 70  SER A OG  1 
ATOM 450  N N   . VAL A 1 71  ? 23.583  -6.131  -10.889 1.00 72.16  ? 71  VAL A N   1 
ATOM 451  C CA  . VAL A 1 71  ? 22.732  -5.659  -9.803  1.00 72.16  ? 71  VAL A CA  1 
ATOM 452  C C   . VAL A 1 71  ? 21.834  -6.803  -9.356  1.00 72.16  ? 71  VAL A C   1 
ATOM 453  O O   . VAL A 1 71  ? 21.144  -7.419  -10.174 1.00 72.16  ? 71  VAL A O   1 
ATOM 454  C CB  . VAL A 1 71  ? 21.900  -4.443  -10.236 1.00 72.16  ? 71  VAL A CB  1 
ATOM 455  C CG1 . VAL A 1 71  ? 20.973  -4.019  -9.120  1.00 72.16  ? 71  VAL A CG1 1 
ATOM 456  C CG2 . VAL A 1 71  ? 22.811  -3.300  -10.634 1.00 72.16  ? 71  VAL A CG2 1 
ATOM 457  N N   . ASP A 1 72  ? 21.842  -7.085  -8.056  1.00 75.84  ? 72  ASP A N   1 
ATOM 458  C CA  . ASP A 1 72  ? 21.080  -8.189  -7.490  1.00 75.84  ? 72  ASP A CA  1 
ATOM 459  C C   . ASP A 1 72  ? 19.842  -7.713  -6.744  1.00 75.84  ? 72  ASP A C   1 
ATOM 460  O O   . ASP A 1 72  ? 18.735  -8.156  -7.062  1.00 75.84  ? 72  ASP A O   1 
ATOM 461  C CB  . ASP A 1 72  ? 21.992  -9.004  -6.556  1.00 75.84  ? 72  ASP A CB  1 
ATOM 462  C CG  . ASP A 1 72  ? 21.267  -10.112 -5.775  1.00 75.84  ? 72  ASP A CG  1 
ATOM 463  O OD1 . ASP A 1 72  ? 21.983  -11.001 -5.271  1.00 75.84  ? 72  ASP A OD1 1 
ATOM 464  O OD2 . ASP A 1 72  ? 20.025  -10.141 -5.662  1.00 75.84  ? 72  ASP A OD2 1 
ATOM 465  N N   . ALA A 1 73  ? 19.999  -6.813  -5.778  1.00 74.54  ? 73  ALA A N   1 
ATOM 466  C CA  . ALA A 1 73  ? 18.898  -6.385  -4.931  1.00 74.54  ? 73  ALA A CA  1 
ATOM 467  C C   . ALA A 1 73  ? 18.726  -4.880  -5.038  1.00 74.54  ? 73  ALA A C   1 
ATOM 468  O O   . ALA A 1 73  ? 19.682  -4.147  -5.297  1.00 74.54  ? 73  ALA A O   1 
ATOM 469  C CB  . ALA A 1 73  ? 19.128  -6.780  -3.468  1.00 74.54  ? 73  ALA A CB  1 
ATOM 470  N N   . ILE A 1 74  ? 17.493  -4.427  -4.835  1.00 71.91  ? 74  ILE A N   1 
ATOM 471  C CA  . ILE A 1 74  ? 17.131  -3.019  -4.939  1.00 71.91  ? 74  ILE A CA  1 
ATOM 472  C C   . ILE A 1 74  ? 16.381  -2.620  -3.678  1.00 71.91  ? 74  ILE A C   1 
ATOM 473  O O   . ILE A 1 74  ? 15.443  -3.311  -3.266  1.00 71.91  ? 74  ILE A O   1 
ATOM 474  C CB  . ILE A 1 74  ? 16.280  -2.749  -6.192  1.00 71.91  ? 74  ILE A CB  1 
ATOM 475  C CG1 . ILE A 1 74  ? 17.081  -3.057  -7.454  1.00 71.91  ? 74  ILE A CG1 1 
ATOM 476  C CG2 . ILE A 1 74  ? 15.797  -1.317  -6.212  1.00 71.91  ? 74  ILE A CG2 1 
ATOM 477  C CD1 . ILE A 1 74  ? 16.301  -2.856  -8.724  1.00 71.91  ? 74  ILE A CD1 1 
ATOM 478  N N   . ALA A 1 75  ? 16.792  -1.510  -3.069  1.00 70.66  ? 75  ALA A N   1 
ATOM 479  C CA  . ALA A 1 75  ? 16.148  -0.974  -1.875  1.00 70.66  ? 75  ALA A CA  1 
ATOM 480  C C   . ALA A 1 75  ? 15.543  0.382   -2.208  1.00 70.66  ? 75  ALA A C   1 
ATOM 481  O O   . ALA A 1 75  ? 16.252  1.283   -2.666  1.00 70.66  ? 75  ALA A O   1 
ATOM 482  C CB  . ALA A 1 75  ? 17.147  -0.847  -0.724  1.00 70.66  ? 75  ALA A CB  1 
ATOM 483  N N   . ILE A 1 76  ? 14.244  0.527   -1.971  1.00 73.50  ? 76  ILE A N   1 
ATOM 484  C CA  . ILE A 1 76  ? 13.527  1.758   -2.300  1.00 73.50  ? 76  ILE A CA  1 
ATOM 485  C C   . ILE A 1 76  ? 12.989  2.400   -1.026  1.00 73.50  ? 76  ILE A C   1 
ATOM 486  O O   . ILE A 1 76  ? 12.040  1.880   -0.425  1.00 73.50  ? 76  ILE A O   1 
ATOM 487  C CB  . ILE A 1 76  ? 12.392  1.488   -3.297  1.00 73.50  ? 76  ILE A CB  1 
ATOM 488  C CG1 . ILE A 1 76  ? 12.957  0.932   -4.602  1.00 73.50  ? 76  ILE A CG1 1 
ATOM 489  C CG2 . ILE A 1 76  ? 11.606  2.758   -3.561  1.00 73.50  ? 76  ILE A CG2 1 
ATOM 490  C CD1 . ILE A 1 76  ? 11.905  0.379   -5.531  1.00 73.50  ? 76  ILE A CD1 1 
ATOM 491  N N   . PRO A 1 77  ? 13.552  3.524   -0.583  1.00 73.43  ? 77  PRO A N   1 
ATOM 492  C CA  . PRO A 1 77  ? 13.079  4.157   0.655   1.00 73.43  ? 77  PRO A CA  1 
ATOM 493  C C   . PRO A 1 77  ? 11.806  4.953   0.407   1.00 73.43  ? 77  PRO A C   1 
ATOM 494  O O   . PRO A 1 77  ? 11.741  5.772   -0.511  1.00 73.43  ? 77  PRO A O   1 
ATOM 495  C CB  . PRO A 1 77  ? 14.239  5.076   1.045   1.00 73.43  ? 77  PRO A CB  1 
ATOM 496  C CG  . PRO A 1 77  ? 14.871  5.426   -0.257  1.00 73.43  ? 77  PRO A CG  1 
ATOM 497  C CD  . PRO A 1 77  ? 14.672  4.261   -1.189  1.00 73.43  ? 77  PRO A CD  1 
ATOM 498  N N   . ILE A 1 78  ? 10.791  4.710   1.233   1.00 71.13  ? 78  ILE A N   1 
ATOM 499  C CA  . ILE A 1 78  ? 9.507   5.387   1.106   1.00 71.13  ? 78  ILE A CA  1 
ATOM 500  C C   . ILE A 1 78  ? 9.057   5.881   2.473   1.00 71.13  ? 78  ILE A C   1 
ATOM 501  O O   . ILE A 1 78  ? 9.486   5.374   3.513   1.00 71.13  ? 78  ILE A O   1 
ATOM 502  C CB  . ILE A 1 78  ? 8.427   4.474   0.481   1.00 71.13  ? 78  ILE A CB  1 
ATOM 503  C CG1 . ILE A 1 78  ? 8.080   3.324   1.422   1.00 71.13  ? 78  ILE A CG1 1 
ATOM 504  C CG2 . ILE A 1 78  ? 8.881   3.936   -0.866  1.00 71.13  ? 78  ILE A CG2 1 
ATOM 505  C CD1 . ILE A 1 78  ? 7.238   2.254   0.774   1.00 71.13  ? 78  ILE A CD1 1 
ATOM 506  N N   . LYS A 1 79  ? 8.187   6.890   2.460   1.00 74.22  ? 79  LYS A N   1 
ATOM 507  C CA  . LYS A 1 79  ? 7.564   7.419   3.665   1.00 74.22  ? 79  LYS A CA  1 
ATOM 508  C C   . LYS A 1 79  ? 6.138   7.823   3.324   1.00 74.22  ? 79  LYS A C   1 
ATOM 509  O O   . LYS A 1 79  ? 5.729   7.813   2.161   1.00 74.22  ? 79  LYS A O   1 
ATOM 510  C CB  . LYS A 1 79  ? 8.342   8.612   4.231   1.00 74.22  ? 79  LYS A CB  1 
ATOM 511  C CG  . LYS A 1 79  ? 8.262   9.864   3.372   1.00 74.22  ? 79  LYS A CG  1 
ATOM 512  C CD  . LYS A 1 79  ? 9.040   11.013  3.993   1.00 74.22  ? 79  LYS A CD  1 
ATOM 513  C CE  . LYS A 1 79  ? 8.123   11.967  4.736   1.00 74.22  ? 79  LYS A CE  1 
ATOM 514  N NZ  . LYS A 1 79  ? 7.215   12.693  3.808   1.00 74.22  ? 79  LYS A NZ  1 
ATOM 515  N N   . VAL A 1 80  ? 5.379   8.190   4.345   1.00 75.35  ? 80  VAL A N   1 
ATOM 516  C CA  . VAL A 1 80  ? 3.998   8.615   4.165   1.00 75.35  ? 80  VAL A CA  1 
ATOM 517  C C   . VAL A 1 80  ? 3.971   10.124  3.973   1.00 75.35  ? 80  VAL A C   1 
ATOM 518  O O   . VAL A 1 80  ? 4.786   10.864  4.536   1.00 75.35  ? 80  VAL A O   1 
ATOM 519  C CB  . VAL A 1 80  ? 3.112   8.177   5.350   1.00 75.35  ? 80  VAL A CB  1 
ATOM 520  C CG1 . VAL A 1 80  ? 3.512   8.907   6.609   1.00 75.35  ? 80  VAL A CG1 1 
ATOM 521  C CG2 . VAL A 1 80  ? 1.643   8.402   5.035   1.00 75.35  ? 80  VAL A CG2 1 
ATOM 522  N N   . SER A 1 81  ? 3.035   10.581  3.152   1.00 79.02  ? 81  SER A N   1 
ATOM 523  C CA  . SER A 1 81  ? 2.905   11.988  2.810   1.00 79.02  ? 81  SER A CA  1 
ATOM 524  C C   . SER A 1 81  ? 2.321   12.768  3.978   1.00 79.02  ? 81  SER A C   1 
ATOM 525  O O   . SER A 1 81  ? 1.786   12.189  4.925   1.00 79.02  ? 81  SER A O   1 
ATOM 526  C CB  . SER A 1 81  ? 2.022   12.133  1.577   1.00 79.02  ? 81  SER A CB  1 
ATOM 527  O OG  . SER A 1 81  ? 0.665   11.914  1.913   1.00 79.02  ? 81  SER A OG  1 
ATOM 528  N N   . PRO A 1 82  ? 2.424   14.098  3.947   1.00 78.43  ? 82  PRO A N   1 
ATOM 529  C CA  . PRO A 1 82  ? 1.771   14.906  4.982   1.00 78.43  ? 82  PRO A CA  1 
ATOM 530  C C   . PRO A 1 82  ? 0.278   14.627  5.035   1.00 78.43  ? 82  PRO A C   1 
ATOM 531  O O   . PRO A 1 82  ? -0.372  14.413  4.011   1.00 78.43  ? 82  PRO A O   1 
ATOM 532  C CB  . PRO A 1 82  ? 2.061   16.342  4.539   1.00 78.43  ? 82  PRO A CB  1 
ATOM 533  C CG  . PRO A 1 82  ? 3.345   16.235  3.810   1.00 78.43  ? 82  PRO A CG  1 
ATOM 534  C CD  . PRO A 1 82  ? 3.274   14.927  3.073   1.00 78.43  ? 82  PRO A CD  1 
ATOM 535  N N   . GLY A 1 83  ? -0.262  14.634  6.250   1.00 88.71  ? 83  GLY A N   1 
ATOM 536  C CA  . GLY A 1 83  ? -1.632  14.244  6.481   1.00 88.71  ? 83  GLY A CA  1 
ATOM 537  C C   . GLY A 1 83  ? -1.809  13.002  7.323   1.00 88.71  ? 83  GLY A C   1 
ATOM 538  O O   . GLY A 1 83  ? -2.953  12.619  7.595   1.00 88.71  ? 83  GLY A O   1 
ATOM 539  N N   . ARG A 1 84  ? -0.715  12.370  7.756   1.00 90.88  ? 84  ARG A N   1 
ATOM 540  C CA  . ARG A 1 84  ? -0.742  11.156  8.582   1.00 90.88  ? 84  ARG A CA  1 
ATOM 541  C C   . ARG A 1 84  ? -1.641  10.129  7.896   1.00 90.88  ? 84  ARG A C   1 
ATOM 542  O O   . ARG A 1 84  ? -1.465  9.892   6.691   1.00 90.88  ? 84  ARG A O   1 
ATOM 543  C CB  . ARG A 1 84  ? -1.142  11.534  10.004  1.00 90.88  ? 84  ARG A CB  1 
ATOM 544  C CG  . ARG A 1 84  ? 0.007   11.996  10.887  1.00 90.88  ? 84  ARG A CG  1 
ATOM 545  C CD  . ARG A 1 84  ? 0.578   13.338  10.477  1.00 90.88  ? 84  ARG A CD  1 
ATOM 546  N NE  . ARG A 1 84  ? 1.571   13.801  11.440  1.00 90.88  ? 84  ARG A NE  1 
ATOM 547  C CZ  . ARG A 1 84  ? 2.319   14.885  11.286  1.00 90.88  ? 84  ARG A CZ  1 
ATOM 548  N NH1 . ARG A 1 84  ? 2.283   15.594  10.172  1.00 90.88  ? 84  ARG A NH1 1 
ATOM 549  N NH2 . ARG A 1 84  ? 3.145   15.247  12.262  1.00 90.88  ? 84  ARG A NH2 1 
ATOM 550  N N   . GLU A 1 85  ? -2.604  9.528   8.596   1.00 89.75  ? 85  GLU A N   1 
ATOM 551  C CA  . GLU A 1 85  ? -3.552  8.591   8.007   1.00 89.75  ? 85  GLU A CA  1 
ATOM 552  C C   . GLU A 1 85  ? -2.825  7.450   7.304   1.00 89.75  ? 85  GLU A C   1 
ATOM 553  O O   . GLU A 1 85  ? -2.888  7.324   6.077   1.00 89.75  ? 85  GLU A O   1 
ATOM 554  C CB  . GLU A 1 85  ? -4.486  9.326   7.042   1.00 89.75  ? 85  GLU A CB  1 
ATOM 555  C CG  . GLU A 1 85  ? -5.903  8.773   6.973   1.00 89.75  ? 85  GLU A CG  1 
ATOM 556  C CD  . GLU A 1 85  ? -6.630  8.750   8.316   1.00 89.75  ? 85  GLU A CD  1 
ATOM 557  O OE1 . GLU A 1 85  ? -6.140  9.344   9.300   1.00 89.75  ? 85  GLU A OE1 1 
ATOM 558  O OE2 . GLU A 1 85  ? -7.709  8.125   8.386   1.00 89.75  ? 85  GLU A OE2 1 
ATOM 559  N N   . GLY A 1 86  ? -2.124  6.625   8.080   1.00 84.05  ? 86  GLY A N   1 
ATOM 560  C CA  . GLY A 1 86  ? -1.238  5.593   7.574   1.00 84.05  ? 86  GLY A CA  1 
ATOM 561  C C   . GLY A 1 86  ? -1.783  4.652   6.519   1.00 84.05  ? 86  GLY A C   1 
ATOM 562  O O   . GLY A 1 86  ? -2.998  4.504   6.363   1.00 84.05  ? 86  GLY A O   1 
ATOM 563  N N   . VAL A 1 87  ? -0.875  4.006   5.789   1.00 79.91  ? 87  VAL A N   1 
ATOM 564  C CA  . VAL A 1 87  ? -1.213  3.091   4.703   1.00 79.91  ? 87  VAL A CA  1 
ATOM 565  C C   . VAL A 1 87  ? -1.010  1.661   5.183   1.00 79.91  ? 87  VAL A C   1 
ATOM 566  O O   . VAL A 1 87  ? 0.041   1.330   5.744   1.00 79.91  ? 87  VAL A O   1 
ATOM 567  C CB  . VAL A 1 87  ? -0.355  3.371   3.459   1.00 79.91  ? 87  VAL A CB  1 
ATOM 568  C CG1 . VAL A 1 87  ? -0.732  2.426   2.337   1.00 79.91  ? 87  VAL A CG1 1 
ATOM 569  C CG2 . VAL A 1 87  ? -0.512  4.814   3.022   1.00 79.91  ? 87  VAL A CG2 1 
ATOM 570  N N   . ASP A 1 88  ? -2.008  0.812   4.953   1.00 79.38  ? 88  ASP A N   1 
ATOM 571  C CA  . ASP A 1 88  ? -1.931  -0.589  5.353   1.00 79.38  ? 88  ASP A CA  1 
ATOM 572  C C   . ASP A 1 88  ? -0.971  -1.333  4.436   1.00 79.38  ? 88  ASP A C   1 
ATOM 573  O O   . ASP A 1 88  ? -1.129  -1.306  3.212   1.00 79.38  ? 88  ASP A O   1 
ATOM 574  C CB  . ASP A 1 88  ? -3.318  -1.229  5.310   1.00 79.38  ? 88  ASP A CB  1 
ATOM 575  C CG  . ASP A 1 88  ? -3.380  -2.545  6.059   1.00 79.38  ? 88  ASP A CG  1 
ATOM 576  O OD1 . ASP A 1 88  ? -2.310  -3.107  6.377   1.00 79.38  ? 88  ASP A OD1 1 
ATOM 577  O OD2 . ASP A 1 88  ? -4.501  -3.020  6.332   1.00 79.38  ? 88  ASP A OD2 1 
ATOM 578  N N   . MET A 1 89  ? 0.011   -2.011  5.027   1.00 79.55  ? 89  MET A N   1 
ATOM 579  C CA  . MET A 1 89  ? 1.015   -2.758  4.283   1.00 79.55  ? 89  MET A CA  1 
ATOM 580  C C   . MET A 1 89  ? 0.877   -4.262  4.490   1.00 79.55  ? 89  MET A C   1 
ATOM 581  O O   . MET A 1 89  ? 1.868   -4.992  4.449   1.00 79.55  ? 89  MET A O   1 
ATOM 582  C CB  . MET A 1 89  ? 2.419   -2.299  4.672   1.00 79.55  ? 89  MET A CB  1 
ATOM 583  C CG  . MET A 1 89  ? 2.809   -0.884  4.236   1.00 79.55  ? 89  MET A CG  1 
ATOM 584  S SD  . MET A 1 89  ? 3.202   -0.615  2.488   1.00 79.55  ? 89  MET A SD  1 
ATOM 585  C CE  . MET A 1 89  ? 1.597   -0.549  1.704   1.00 79.55  ? 89  MET A CE  1 
ATOM 586  N N   . SER A 1 90  ? -0.343  -4.737  4.718   1.00 77.55  ? 90  SER A N   1 
ATOM 587  C CA  . SER A 1 90  ? -0.562  -6.158  4.940   1.00 77.55  ? 90  SER A CA  1 
ATOM 588  C C   . SER A 1 90  ? -0.323  -6.945  3.657   1.00 77.55  ? 90  SER A C   1 
ATOM 589  O O   . SER A 1 90  ? -0.360  -6.402  2.550   1.00 77.55  ? 90  SER A O   1 
ATOM 590  C CB  . SER A 1 90  ? -1.980  -6.408  5.450   1.00 77.55  ? 90  SER A CB  1 
ATOM 591  O OG  . SER A 1 90  ? -2.202  -5.738  6.678   1.00 77.55  ? 90  SER A OG  1 
ATOM 592  N N   . VAL A 1 91  ? -0.066  -8.244  3.819   1.00 77.04  ? 91  VAL A N   1 
ATOM 593  C CA  . VAL A 1 91  ? 0.203   -9.106  2.675   1.00 77.04  ? 91  VAL A CA  1 
ATOM 594  C C   . VAL A 1 91  ? -0.991  -9.187  1.741   1.00 77.04  ? 91  VAL A C   1 
ATOM 595  O O   . VAL A 1 91  ? -0.826  -9.130  0.519   1.00 77.04  ? 91  VAL A O   1 
ATOM 596  C CB  . VAL A 1 91  ? 0.599   -10.516 3.152   1.00 77.04  ? 91  VAL A CB  1 
ATOM 597  C CG1 . VAL A 1 91  ? 1.041   -11.370 1.975   1.00 77.04  ? 91  VAL A CG1 1 
ATOM 598  C CG2 . VAL A 1 91  ? 1.673   -10.438 4.218   1.00 77.04  ? 91  VAL A CG2 1 
ATOM 599  N N   . ASP A 1 92  ? -2.197  -9.321  2.286   1.00 83.98  ? 92  ASP A N   1 
ATOM 600  C CA  . ASP A 1 92  ? -3.389  -9.540  1.482   1.00 83.98  ? 92  ASP A CA  1 
ATOM 601  C C   . ASP A 1 92  ? -3.998  -8.259  0.934   1.00 83.98  ? 92  ASP A C   1 
ATOM 602  O O   . ASP A 1 92  ? -4.982  -8.332  0.192   1.00 83.98  ? 92  ASP A O   1 
ATOM 603  C CB  . ASP A 1 92  ? -4.444  -10.284 2.305   1.00 83.98  ? 92  ASP A CB  1 
ATOM 604  C CG  . ASP A 1 92  ? -3.877  -11.489 3.020   1.00 83.98  ? 92  ASP A CG  1 
ATOM 605  O OD1 . ASP A 1 92  ? -2.806  -11.975 2.603   1.00 83.98  ? 92  ASP A OD1 1 
ATOM 606  O OD2 . ASP A 1 92  ? -4.501  -11.951 3.998   1.00 83.98  ? 92  ASP A OD2 1 
ATOM 607  N N   . LYS A 1 93  ? -3.449  -7.093  1.273   1.00 79.37  ? 93  LYS A N   1 
ATOM 608  C CA  . LYS A 1 93  ? -4.028  -5.831  0.844   1.00 79.37  ? 93  LYS A CA  1 
ATOM 609  C C   . LYS A 1 93  ? -3.120  -4.989  -0.039  1.00 79.37  ? 93  LYS A C   1 
ATOM 610  O O   . LYS A 1 93  ? -3.605  -4.028  -0.644  1.00 79.37  ? 93  LYS A O   1 
ATOM 611  C CB  . LYS A 1 93  ? -4.444  -4.991  2.062   1.00 79.37  ? 93  LYS A CB  1 
ATOM 612  C CG  . LYS A 1 93  ? -5.576  -5.594  2.878   1.00 79.37  ? 93  LYS A CG  1 
ATOM 613  C CD  . LYS A 1 93  ? -6.578  -4.527  3.292   1.00 79.37  ? 93  LYS A CD  1 
ATOM 614  C CE  . LYS A 1 93  ? -7.703  -5.106  4.136   1.00 79.37  ? 93  LYS A CE  1 
ATOM 615  N NZ  . LYS A 1 93  ? -8.291  -4.090  5.055   1.00 79.37  ? 93  LYS A NZ  1 
ATOM 616  N N   . THR A 1 94  ? -1.834  -5.312  -0.136  1.00 75.42  ? 94  THR A N   1 
ATOM 617  C CA  . THR A 1 94  ? -0.890  -4.544  -0.934  1.00 75.42  ? 94  THR A CA  1 
ATOM 618  C C   . THR A 1 94  ? -0.228  -5.443  -1.967  1.00 75.42  ? 94  THR A C   1 
ATOM 619  O O   . THR A 1 94  ? 0.165   -6.572  -1.660  1.00 75.42  ? 94  THR A O   1 
ATOM 620  C CB  . THR A 1 94  ? 0.172   -3.889  -0.048  1.00 75.42  ? 94  THR A CB  1 
ATOM 621  O OG1 . THR A 1 94  ? -0.467  -3.033  0.905   1.00 75.42  ? 94  THR A OG1 1 
ATOM 622  C CG2 . THR A 1 94  ? 1.142   -3.071  -0.882  1.00 75.42  ? 94  THR A CG2 1 
ATOM 623  N N   . THR A 1 95  ? -0.110  -4.938  -3.191  1.00 73.80  ? 95  THR A N   1 
ATOM 624  C CA  . THR A 1 95  ? 0.510   -5.657  -4.294  1.00 73.80  ? 95  THR A CA  1 
ATOM 625  C C   . THR A 1 95  ? 1.630   -4.812  -4.880  1.00 73.80  ? 95  THR A C   1 
ATOM 626  O O   . THR A 1 95  ? 1.481   -3.597  -5.040  1.00 73.80  ? 95  THR A O   1 
ATOM 627  C CB  . THR A 1 95  ? -0.517  -5.989  -5.380  1.00 73.80  ? 95  THR A CB  1 
ATOM 628  O OG1 . THR A 1 95  ? -1.578  -6.767  -4.812  1.00 73.80  ? 95  THR A OG1 1 
ATOM 629  C CG2 . THR A 1 95  ? 0.126   -6.774  -6.507  1.00 73.80  ? 95  THR A CG2 1 
ATOM 630  N N   . VAL A 1 96  ? 2.752   -5.453  -5.196  1.00 71.44  ? 96  VAL A N   1 
ATOM 631  C CA  . VAL A 1 96  ? 3.918   -4.779  -5.756  1.00 71.44  ? 96  VAL A CA  1 
ATOM 632  C C   . VAL A 1 96  ? 4.148   -5.315  -7.160  1.00 71.44  ? 96  VAL A C   1 
ATOM 633  O O   . VAL A 1 96  ? 4.249   -6.531  -7.356  1.00 71.44  ? 96  VAL A O   1 
ATOM 634  C CB  . VAL A 1 96  ? 5.166   -4.978  -4.886  1.00 71.44  ? 96  VAL A CB  1 
ATOM 635  C CG1 . VAL A 1 96  ? 6.414   -4.609  -5.664  1.00 71.44  ? 96  VAL A CG1 1 
ATOM 636  C CG2 . VAL A 1 96  ? 5.063   -4.148  -3.625  1.00 71.44  ? 96  VAL A CG2 1 
ATOM 637  N N   . ARG A 1 97  ? 4.233   -4.411  -8.130  1.00 75.33  ? 97  ARG A N   1 
ATOM 638  C CA  . ARG A 1 97  ? 4.460   -4.765  -9.521  1.00 75.33  ? 97  ARG A CA  1 
ATOM 639  C C   . ARG A 1 97  ? 5.895   -4.444  -9.907  1.00 75.33  ? 97  ARG A C   1 
ATOM 640  O O   . ARG A 1 97  ? 6.392   -3.350  -9.627  1.00 75.33  ? 97  ARG A O   1 
ATOM 641  C CB  . ARG A 1 97  ? 3.506   -4.004  -10.440 1.00 75.33  ? 97  ARG A CB  1 
ATOM 642  C CG  . ARG A 1 97  ? 2.041   -4.213  -10.137 1.00 75.33  ? 97  ARG A CG  1 
ATOM 643  C CD  . ARG A 1 97  ? 1.198   -3.275  -10.973 1.00 75.33  ? 97  ARG A CD  1 
ATOM 644  N NE  . ARG A 1 97  ? 1.127   -3.705  -12.362 1.00 75.33  ? 97  ARG A NE  1 
ATOM 645  C CZ  . ARG A 1 97  ? 0.425   -3.086  -13.301 1.00 75.33  ? 97  ARG A CZ  1 
ATOM 646  N NH1 . ARG A 1 97  ? -0.255  -1.983  -13.038 1.00 75.33  ? 97  ARG A NH1 1 
ATOM 647  N NH2 . ARG A 1 97  ? 0.409   -3.583  -14.534 1.00 75.33  ? 97  ARG A NH2 1 
ATOM 648  N N   . VAL A 1 98  ? 6.558   -5.398  -10.553 1.00 75.57  ? 98  VAL A N   1 
ATOM 649  C CA  . VAL A 1 98  ? 7.921   -5.216  -11.032 1.00 75.57  ? 98  VAL A CA  1 
ATOM 650  C C   . VAL A 1 98  ? 7.924   -5.409  -12.539 1.00 75.57  ? 98  VAL A C   1 
ATOM 651  O O   . VAL A 1 98  ? 7.477   -6.449  -13.034 1.00 75.57  ? 98  VAL A O   1 
ATOM 652  C CB  . VAL A 1 98  ? 8.904   -6.190  -10.362 1.00 75.57  ? 98  VAL A CB  1 
ATOM 653  C CG1 . VAL A 1 98  ? 10.293  -6.012  -10.940 1.00 75.57  ? 98  VAL A CG1 1 
ATOM 654  C CG2 . VAL A 1 98  ? 8.919   -5.975  -8.863  1.00 75.57  ? 98  VAL A CG2 1 
ATOM 655  N N   . MET A 1 99  ? 8.423   -4.413  -13.261 1.00 80.05  ? 99  MET A N   1 
ATOM 656  C CA  . MET A 1 99  ? 8.496   -4.443  -14.717 1.00 80.05  ? 99  MET A CA  1 
ATOM 657  C C   . MET A 1 99  ? 9.970   -4.447  -15.099 1.00 80.05  ? 99  MET A C   1 
ATOM 658  O O   . MET A 1 99  ? 10.669  -3.446  -14.910 1.00 80.05  ? 99  MET A O   1 
ATOM 659  C CB  . MET A 1 99  ? 7.752   -3.251  -15.319 1.00 80.05  ? 99  MET A CB  1 
ATOM 660  C CG  . MET A 1 99  ? 7.514   -3.302  -16.827 1.00 80.05  ? 99  MET A CG  1 
ATOM 661  S SD  . MET A 1 99  ? 8.982   -3.251  -17.873 1.00 80.05  ? 99  MET A SD  1 
ATOM 662  C CE  . MET A 1 99  ? 9.122   -1.492  -18.170 1.00 80.05  ? 99  MET A CE  1 
ATOM 663  N N   . LEU A 1 100 ? 10.433  -5.564  -15.638 1.00 82.81  ? 100 LEU A N   1 
ATOM 664  C CA  . LEU A 1 100 ? 11.824  -5.768  -15.993 1.00 82.81  ? 100 LEU A CA  1 
ATOM 665  C C   . LEU A 1 100 ? 11.995  -5.756  -17.508 1.00 82.81  ? 100 LEU A C   1 
ATOM 666  O O   . LEU A 1 100 ? 11.024  -5.935  -18.250 1.00 82.81  ? 100 LEU A O   1 
ATOM 667  C CB  . LEU A 1 100 ? 12.324  -7.099  -15.417 1.00 82.81  ? 100 LEU A CB  1 
ATOM 668  C CG  . LEU A 1 100 ? 12.303  -7.145  -13.890 1.00 82.81  ? 100 LEU A CG  1 
ATOM 669  C CD1 . LEU A 1 100 ? 12.377  -8.575  -13.383 1.00 82.81  ? 100 LEU A CD1 1 
ATOM 670  C CD2 . LEU A 1 100 ? 13.417  -6.304  -13.314 1.00 82.81  ? 100 LEU A CD2 1 
ATOM 671  N N   . PRO A 1 101 ? 13.212  -5.521  -18.006 1.00 88.45  ? 101 PRO A N   1 
ATOM 672  C CA  . PRO A 1 101 ? 13.400  -5.443  -19.464 1.00 88.45  ? 101 PRO A CA  1 
ATOM 673  C C   . PRO A 1 101 ? 12.952  -6.686  -20.210 1.00 88.45  ? 101 PRO A C   1 
ATOM 674  O O   . PRO A 1 101 ? 12.421  -6.574  -21.321 1.00 88.45  ? 101 PRO A O   1 
ATOM 675  C CB  . PRO A 1 101 ? 14.911  -5.224  -19.607 1.00 88.45  ? 101 PRO A CB  1 
ATOM 676  C CG  . PRO A 1 101 ? 15.320  -4.606  -18.336 1.00 88.45  ? 101 PRO A CG  1 
ATOM 677  C CD  . PRO A 1 101 ? 14.442  -5.178  -17.274 1.00 88.45  ? 101 PRO A CD  1 
ATOM 678  N N   . SER A 1 102 ? 13.154  -7.871  -19.634 1.00 90.73  ? 102 SER A N   1 
ATOM 679  C CA  . SER A 1 102 ? 12.707  -9.112  -20.247 1.00 90.73  ? 102 SER A CA  1 
ATOM 680  C C   . SER A 1 102 ? 11.645  -9.842  -19.442 1.00 90.73  ? 102 SER A C   1 
ATOM 681  O O   . SER A 1 102 ? 11.136  -10.864 -19.909 1.00 90.73  ? 102 SER A O   1 
ATOM 682  C CB  . SER A 1 102 ? 13.897  -10.054 -20.477 1.00 90.73  ? 102 SER A CB  1 
ATOM 683  O OG  . SER A 1 102 ? 14.647  -10.225 -19.289 1.00 90.73  ? 102 SER A OG  1 
ATOM 684  N N   . LYS A 1 103 ? 11.304  -9.353  -18.252 1.00 87.77  ? 103 LYS A N   1 
ATOM 685  C CA  . LYS A 1 103 ? 10.345  -10.026 -17.391 1.00 87.77  ? 103 LYS A CA  1 
ATOM 686  C C   . LYS A 1 103 ? 9.275   -9.033  -16.965 1.00 87.77  ? 103 LYS A C   1 
ATOM 687  O O   . LYS A 1 103 ? 9.513   -7.824  -16.922 1.00 87.77  ? 103 LYS A O   1 
ATOM 688  C CB  . LYS A 1 103 ? 11.016  -10.622 -16.145 1.00 87.77  ? 103 LYS A CB  1 
ATOM 689  C CG  . LYS A 1 103 ? 11.678  -11.982 -16.333 1.00 87.77  ? 103 LYS A CG  1 
ATOM 690  C CD  . LYS A 1 103 ? 12.977  -11.900 -17.110 1.00 87.77  ? 103 LYS A CD  1 
ATOM 691  C CE  . LYS A 1 103 ? 14.054  -11.206 -16.293 1.00 87.77  ? 103 LYS A CE  1 
ATOM 692  N NZ  . LYS A 1 103 ? 15.355  -11.170 -17.013 1.00 87.77  ? 103 LYS A NZ  1 
ATOM 693  N N   . PHE A 1 104 ? 8.087   -9.550  -16.659 1.00 83.87  ? 104 PHE A N   1 
ATOM 694  C CA  . PHE A 1 104 ? 7.034   -8.757  -16.040 1.00 83.87  ? 104 PHE A CA  1 
ATOM 695  C C   . PHE A 1 104 ? 6.381   -9.583  -14.943 1.00 83.87  ? 104 PHE A C   1 
ATOM 696  O O   . PHE A 1 104 ? 5.941   -10.709 -15.192 1.00 83.87  ? 104 PHE A O   1 
ATOM 697  C CB  . PHE A 1 104 ? 5.986   -8.314  -17.059 1.00 83.87  ? 104 PHE A CB  1 
ATOM 698  C CG  . PHE A 1 104 ? 4.829   -7.572  -16.452 1.00 83.87  ? 104 PHE A CG  1 
ATOM 699  C CD1 . PHE A 1 104 ? 4.959   -6.245  -16.092 1.00 83.87  ? 104 PHE A CD1 1 
ATOM 700  C CD2 . PHE A 1 104 ? 3.617   -8.202  -16.238 1.00 83.87  ? 104 PHE A CD2 1 
ATOM 701  C CE1 . PHE A 1 104 ? 3.900   -5.557  -15.532 1.00 83.87  ? 104 PHE A CE1 1 
ATOM 702  C CE2 . PHE A 1 104 ? 2.555   -7.518  -15.678 1.00 83.87  ? 104 PHE A CE2 1 
ATOM 703  C CZ  . PHE A 1 104 ? 2.698   -6.196  -15.326 1.00 83.87  ? 104 PHE A CZ  1 
ATOM 704  N N   . TYR A 1 105 ? 6.314   -9.024  -13.740 1.00 83.66  ? 105 TYR A N   1 
ATOM 705  C CA  . TYR A 1 105 ? 5.710   -9.686  -12.592 1.00 83.66  ? 105 TYR A CA  1 
ATOM 706  C C   . TYR A 1 105 ? 4.561   -8.837  -12.076 1.00 83.66  ? 105 TYR A C   1 
ATOM 707  O O   . TYR A 1 105 ? 4.721   -7.632  -11.862 1.00 83.66  ? 105 TYR A O   1 
ATOM 708  C CB  . TYR A 1 105 ? 6.735   -9.920  -11.484 1.00 83.66  ? 105 TYR A CB  1 
ATOM 709  C CG  . TYR A 1 105 ? 7.859   -10.844 -11.880 1.00 83.66  ? 105 TYR A CG  1 
ATOM 710  C CD1 . TYR A 1 105 ? 7.736   -12.217 -11.734 1.00 83.66  ? 105 TYR A CD1 1 
ATOM 711  C CD2 . TYR A 1 105 ? 9.042   -10.346 -12.403 1.00 83.66  ? 105 TYR A CD2 1 
ATOM 712  C CE1 . TYR A 1 105 ? 8.759   -13.066 -12.092 1.00 83.66  ? 105 TYR A CE1 1 
ATOM 713  C CE2 . TYR A 1 105 ? 10.069  -11.187 -12.765 1.00 83.66  ? 105 TYR A CE2 1 
ATOM 714  C CZ  . TYR A 1 105 ? 9.924   -12.545 -12.608 1.00 83.66  ? 105 TYR A CZ  1 
ATOM 715  O OH  . TYR A 1 105 ? 10.949  -13.388 -12.970 1.00 83.66  ? 105 TYR A OH  1 
ATOM 716  N N   . GLU A 1 106 ? 3.404   -9.466  -11.875 1.00 82.87  ? 106 GLU A N   1 
ATOM 717  C CA  . GLU A 1 106 ? 2.232   -8.722  -11.432 1.00 82.87  ? 106 GLU A CA  1 
ATOM 718  C C   . GLU A 1 106 ? 2.196   -8.562  -9.919  1.00 82.87  ? 106 GLU A C   1 
ATOM 719  O O   . GLU A 1 106 ? 1.762   -7.521  -9.416  1.00 82.87  ? 106 GLU A O   1 
ATOM 720  C CB  . GLU A 1 106 ? 0.959   -9.408  -11.922 1.00 82.87  ? 106 GLU A CB  1 
ATOM 721  C CG  . GLU A 1 106 ? -0.307  -8.672  -11.538 1.00 82.87  ? 106 GLU A CG  1 
ATOM 722  C CD  . GLU A 1 106 ? -0.416  -7.312  -12.194 1.00 82.87  ? 106 GLU A CD  1 
ATOM 723  O OE1 . GLU A 1 106 ? 0.179   -7.119  -13.275 1.00 82.87  ? 106 GLU A OE1 1 
ATOM 724  O OE2 . GLU A 1 106 ? -1.098  -6.432  -11.628 1.00 82.87  ? 106 GLU A OE2 1 
ATOM 725  N N   . ASN A 1 107 ? 2.640   -9.574  -9.178  1.00 80.08  ? 107 ASN A N   1 
ATOM 726  C CA  . ASN A 1 107 ? 2.600   -9.539  -7.717  1.00 80.08  ? 107 ASN A CA  1 
ATOM 727  C C   . ASN A 1 107 ? 3.832   -10.266 -7.189  1.00 80.08  ? 107 ASN A C   1 
ATOM 728  O O   . ASN A 1 107 ? 3.903   -11.497 -7.238  1.00 80.08  ? 107 ASN A O   1 
ATOM 729  C CB  . ASN A 1 107 ? 1.320   -10.167 -7.185  1.00 80.08  ? 107 ASN A CB  1 
ATOM 730  C CG  . ASN A 1 107 ? 1.174   -10.008 -5.690  1.00 80.08  ? 107 ASN A CG  1 
ATOM 731  O OD1 . ASN A 1 107 ? 1.899   -9.238  -5.063  1.00 80.08  ? 107 ASN A OD1 1 
ATOM 732  N ND2 . ASN A 1 107 ? 0.231   -10.735 -5.107  1.00 80.08  ? 107 ASN A ND2 1 
ATOM 733  N N   . ALA A 1 108 ? 4.798   -9.500  -6.688  1.00 76.05  ? 108 ALA A N   1 
ATOM 734  C CA  . ALA A 1 108 ? 5.997   -10.053 -6.077  1.00 76.05  ? 108 ALA A CA  1 
ATOM 735  C C   . ALA A 1 108 ? 6.070   -9.766  -4.583  1.00 76.05  ? 108 ALA A C   1 
ATOM 736  O O   . ALA A 1 108 ? 7.123   -9.968  -3.974  1.00 76.05  ? 108 ALA A O   1 
ATOM 737  C CB  . ALA A 1 108 ? 7.242   -9.513  -6.780  1.00 76.05  ? 108 ALA A CB  1 
ATOM 738  N N   . TYR A 1 109 ? 4.977   -9.307  -3.982  1.00 77.41  ? 109 TYR A N   1 
ATOM 739  C CA  . TYR A 1 109 ? 4.975   -8.930  -2.576  1.00 77.41  ? 109 TYR A CA  1 
ATOM 740  C C   . TYR A 1 109 ? 4.840   -10.164 -1.696  1.00 77.41  ? 109 TYR A C   1 
ATOM 741  O O   . TYR A 1 109 ? 3.995   -11.027 -1.950  1.00 77.41  ? 109 TYR A O   1 
ATOM 742  C CB  . TYR A 1 109 ? 3.832   -7.957  -2.299  1.00 77.41  ? 109 TYR A CB  1 
ATOM 743  C CG  . TYR A 1 109 ? 3.996   -7.140  -1.042  1.00 77.41  ? 109 TYR A CG  1 
ATOM 744  C CD1 . TYR A 1 109 ? 5.229   -6.627  -0.680  1.00 77.41  ? 109 TYR A CD1 1 
ATOM 745  C CD2 . TYR A 1 109 ? 2.912   -6.873  -0.223  1.00 77.41  ? 109 TYR A CD2 1 
ATOM 746  C CE1 . TYR A 1 109 ? 5.378   -5.877  0.466   1.00 77.41  ? 109 TYR A CE1 1 
ATOM 747  C CE2 . TYR A 1 109 ? 3.049   -6.127  0.921   1.00 77.41  ? 109 TYR A CE2 1 
ATOM 748  C CZ  . TYR A 1 109 ? 4.283   -5.632  1.262   1.00 77.41  ? 109 TYR A CZ  1 
ATOM 749  O OH  . TYR A 1 109 ? 4.420   -4.886  2.406   1.00 77.41  ? 109 TYR A OH  1 
ATOM 750  N N   . CYS A 1 110 ? 5.673   -10.247 -0.657  1.00 84.30  ? 110 CYS A N   1 
ATOM 751  C CA  . CYS A 1 110 ? 5.629   -11.363 0.275   1.00 84.30  ? 110 CYS A CA  1 
ATOM 752  C C   . CYS A 1 110 ? 5.231   -10.967 1.688   1.00 84.30  ? 110 CYS A C   1 
ATOM 753  O O   . CYS A 1 110 ? 4.847   -11.844 2.468   1.00 84.30  ? 110 CYS A O   1 
ATOM 754  C CB  . CYS A 1 110 ? 6.986   -12.082 0.312   1.00 84.30  ? 110 CYS A CB  1 
ATOM 755  S SG  . CYS A 1 110 ? 8.368   -11.039 0.796   1.00 84.30  ? 110 CYS A SG  1 
ATOM 756  N N   . GLY A 1 111 ? 5.307   -9.692  2.042   1.00 77.94  ? 111 GLY A N   1 
ATOM 757  C CA  . GLY A 1 111 ? 4.830   -9.235  3.327   1.00 77.94  ? 111 GLY A CA  1 
ATOM 758  C C   . GLY A 1 111 ? 5.731   -8.169  3.907   1.00 77.94  ? 111 GLY A C   1 
ATOM 759  O O   . GLY A 1 111 ? 6.644   -7.670  3.253   1.00 77.94  ? 111 GLY A O   1 
ATOM 760  N N   . VAL A 1 112 ? 5.454   -7.813  5.158   1.00 80.91  ? 112 VAL A N   1 
ATOM 761  C CA  . VAL A 1 112 ? 6.217   -6.813  5.894   1.00 80.91  ? 112 VAL A CA  1 
ATOM 762  C C   . VAL A 1 112 ? 6.784   -7.448  7.155   1.00 80.91  ? 112 VAL A C   1 
ATOM 763  O O   . VAL A 1 112 ? 6.054   -8.065  7.939   1.00 80.91  ? 112 VAL A O   1 
ATOM 764  C CB  . VAL A 1 112 ? 5.355   -5.577  6.223   1.00 80.91  ? 112 VAL A CB  1 
ATOM 765  C CG1 . VAL A 1 112 ? 4.153   -5.950  7.077   1.00 80.91  ? 112 VAL A CG1 1 
ATOM 766  C CG2 . VAL A 1 112 ? 6.191   -4.533  6.939   1.00 80.91  ? 112 VAL A CG2 1 
ATOM 767  N N   . PHE A 1 113 ? 8.095   -7.326  7.332   1.00 85.30  ? 113 PHE A N   1 
ATOM 768  C CA  . PHE A 1 113 ? 8.769   -7.805  8.528   1.00 85.30  ? 113 PHE A CA  1 
ATOM 769  C C   . PHE A 1 113 ? 9.349   -6.622  9.287   1.00 85.30  ? 113 PHE A C   1 
ATOM 770  O O   . PHE A 1 113 ? 9.928   -5.706  8.696   1.00 85.30  ? 113 PHE A O   1 
ATOM 771  C CB  . PHE A 1 113 ? 9.883   -8.822  8.212   1.00 85.30  ? 113 PHE A CB  1 
ATOM 772  C CG  . PHE A 1 113 ? 9.414   -10.058 7.477   1.00 85.30  ? 113 PHE A CG  1 
ATOM 773  C CD1 . PHE A 1 113 ? 8.067   -10.338 7.314   1.00 85.30  ? 113 PHE A CD1 1 
ATOM 774  C CD2 . PHE A 1 113 ? 10.332  -10.957 6.974   1.00 85.30  ? 113 PHE A CD2 1 
ATOM 775  C CE1 . PHE A 1 113 ? 7.652   -11.473 6.643   1.00 85.30  ? 113 PHE A CE1 1 
ATOM 776  C CE2 . PHE A 1 113 ? 9.926   -12.095 6.304   1.00 85.30  ? 113 PHE A CE2 1 
ATOM 777  C CZ  . PHE A 1 113 ? 8.584   -12.353 6.139   1.00 85.30  ? 113 PHE A CZ  1 
ATOM 778  N N   . ASP A 1 114 ? 9.190   -6.656  10.608  1.00 92.16  ? 114 ASP A N   1 
ATOM 779  C CA  . ASP A 1 114 ? 9.545   -5.530  11.462  1.00 92.16  ? 114 ASP A CA  1 
ATOM 780  C C   . ASP A 1 114 ? 11.055  -5.345  11.416  1.00 92.16  ? 114 ASP A C   1 
ATOM 781  O O   . ASP A 1 114 ? 11.810  -6.323  11.414  1.00 92.16  ? 114 ASP A O   1 
ATOM 782  C CB  . ASP A 1 114 ? 9.043   -5.788  12.887  1.00 92.16  ? 114 ASP A CB  1 
ATOM 783  C CG  . ASP A 1 114 ? 9.652   -4.852  13.942  1.00 92.16  ? 114 ASP A CG  1 
ATOM 784  O OD1 . ASP A 1 114 ? 9.188   -4.921  15.098  1.00 92.16  ? 114 ASP A OD1 1 
ATOM 785  O OD2 . ASP A 1 114 ? 10.535  -4.019  13.647  1.00 92.16  ? 114 ASP A OD2 1 
ATOM 786  N N   . GLY A 1 115 ? 11.491  -4.092  11.377  1.00 91.22  ? 115 GLY A N   1 
ATOM 787  C CA  . GLY A 1 115 ? 12.904  -3.776  11.387  1.00 91.22  ? 115 GLY A CA  1 
ATOM 788  C C   . GLY A 1 115 ? 13.482  -3.740  12.783  1.00 91.22  ? 115 GLY A C   1 
ATOM 789  O O   . GLY A 1 115 ? 13.722  -2.663  13.334  1.00 91.22  ? 115 GLY A O   1 
ATOM 790  N N   . SER A 1 116 ? 13.720  -4.918  13.366  1.00 100.20 ? 116 SER A N   1 
ATOM 791  C CA  . SER A 1 116 ? 14.290  -4.977  14.708  1.00 100.20 ? 116 SER A CA  1 
ATOM 792  C C   . SER A 1 116 ? 15.760  -4.578  14.712  1.00 100.20 ? 116 SER A C   1 
ATOM 793  O O   . SER A 1 116 ? 16.464  -4.818  15.699  1.00 100.20 ? 116 SER A O   1 
ATOM 794  C CB  . SER A 1 116 ? 14.123  -6.381  15.290  1.00 100.20 ? 116 SER A CB  1 
ATOM 795  O OG  . SER A 1 116 ? 14.894  -7.329  14.571  1.00 100.20 ? 116 SER A OG  1 
ATOM 796  N N   . SER A 1 117 ? 16.241  -4.007  13.602  1.00 108.92 ? 117 SER A N   1 
ATOM 797  C CA  . SER A 1 117 ? 17.628  -3.561  13.427  1.00 108.92 ? 117 SER A CA  1 
ATOM 798  C C   . SER A 1 117 ? 18.573  -4.748  13.255  1.00 108.92 ? 117 SER A C   1 
ATOM 799  O O   . SER A 1 117 ? 19.760  -4.579  12.973  1.00 108.92 ? 117 SER A O   1 
ATOM 800  C CB  . SER A 1 117 ? 18.091  -2.649  14.570  1.00 108.92 ? 117 SER A CB  1 
ATOM 801  O OG  . SER A 1 117 ? 18.210  -3.362  15.789  1.00 108.92 ? 117 SER A OG  1 
ATOM 802  N N   . LEU A 1 118 ? 18.033  -5.954  13.405  1.00 107.25 ? 118 LEU A N   1 
ATOM 803  C CA  . LEU A 1 118 ? 18.750  -7.216  13.150  1.00 107.25 ? 118 LEU A CA  1 
ATOM 804  C C   . LEU A 1 118 ? 20.050  -7.189  13.958  1.00 107.25 ? 118 LEU A C   1 
ATOM 805  O O   . LEU A 1 118 ? 20.055  -6.716  15.105  1.00 107.25 ? 118 LEU A O   1 
ATOM 806  C CB  . LEU A 1 118 ? 18.928  -7.390  11.656  1.00 107.25 ? 118 LEU A CB  1 
ATOM 807  C CG  . LEU A 1 118 ? 17.740  -7.858  10.811  1.00 107.25 ? 118 LEU A CG  1 
ATOM 808  C CD1 . LEU A 1 118 ? 16.677  -6.779  10.670  1.00 107.25 ? 118 LEU A CD1 1 
ATOM 809  C CD2 . LEU A 1 118 ? 18.231  -8.288  9.446   1.00 107.25 ? 118 LEU A CD2 1 
ATOM 810  N N   . SER A 1 119 ? 21.157  -7.678  13.404  1.00 111.75 ? 119 SER A N   1 
ATOM 811  C CA  . SER A 1 119 ? 22.463  -7.442  14.003  1.00 111.75 ? 119 SER A CA  1 
ATOM 812  C C   . SER A 1 119 ? 22.929  -6.013  13.758  1.00 111.75 ? 119 SER A C   1 
ATOM 813  O O   . SER A 1 119 ? 23.530  -5.394  14.642  1.00 111.75 ? 119 SER A O   1 
ATOM 814  C CB  . SER A 1 119 ? 23.489  -8.432  13.447  1.00 111.75 ? 119 SER A CB  1 
ATOM 815  O OG  . SER A 1 119 ? 23.133  -9.767  13.762  1.00 111.75 ? 119 SER A OG  1 
ATOM 816  N N   . ASP A 1 120 ? 22.652  -5.484  12.567  1.00 104.95 ? 120 ASP A N   1 
ATOM 817  C CA  . ASP A 1 120 ? 22.910  -4.090  12.234  1.00 104.95 ? 120 ASP A CA  1 
ATOM 818  C C   . ASP A 1 120 ? 22.062  -3.725  11.021  1.00 104.95 ? 120 ASP A C   1 
ATOM 819  O O   . ASP A 1 120 ? 21.239  -4.529  10.575  1.00 104.95 ? 120 ASP A O   1 
ATOM 820  C CB  . ASP A 1 120 ? 24.399  -3.857  11.967  1.00 104.95 ? 120 ASP A CB  1 
ATOM 821  C CG  . ASP A 1 120 ? 24.781  -2.388  12.020  1.00 104.95 ? 120 ASP A CG  1 
ATOM 822  O OD1 . ASP A 1 120 ? 25.985  -2.092  12.168  1.00 104.95 ? 120 ASP A OD1 1 
ATOM 823  O OD2 . ASP A 1 120 ? 23.879  -1.528  11.919  1.00 104.95 ? 120 ASP A OD2 1 
ATOM 824  N N   . SER A 1 121 ? 22.252  -2.525  10.474  1.00 96.39  ? 121 SER A N   1 
ATOM 825  C CA  . SER A 1 121 ? 21.439  -2.063  9.357   1.00 96.39  ? 121 SER A CA  1 
ATOM 826  C C   . SER A 1 121 ? 22.144  -2.257  8.019   1.00 96.39  ? 121 SER A C   1 
ATOM 827  O O   . SER A 1 121 ? 21.943  -1.460  7.098   1.00 96.39  ? 121 SER A O   1 
ATOM 828  C CB  . SER A 1 121 ? 21.053  -0.596  9.545   1.00 96.39  ? 121 SER A CB  1 
ATOM 829  O OG  . SER A 1 121 ? 20.301  -0.422  10.733  1.00 96.39  ? 121 SER A OG  1 
ATOM 830  N N   . LYS A 1 122 ? 22.963  -3.296  7.896   1.00 92.64  ? 122 LYS A N   1 
ATOM 831  C CA  . LYS A 1 122 ? 23.620  -3.610  6.636   1.00 92.64  ? 122 LYS A CA  1 
ATOM 832  C C   . LYS A 1 122 ? 22.609  -4.022  5.577   1.00 92.64  ? 122 LYS A C   1 
ATOM 833  O O   . LYS A 1 122 ? 21.604  -4.672  5.877   1.00 92.64  ? 122 LYS A O   1 
ATOM 834  C CB  . LYS A 1 122 ? 24.637  -4.731  6.836   1.00 92.64  ? 122 LYS A CB  1 
ATOM 835  C CG  . LYS A 1 122 ? 25.746  -4.384  7.793   1.00 92.64  ? 122 LYS A CG  1 
ATOM 836  C CD  . LYS A 1 122 ? 26.532  -3.215  7.251   1.00 92.64  ? 122 LYS A CD  1 
ATOM 837  C CE  . LYS A 1 122 ? 27.264  -3.627  5.991   1.00 92.64  ? 122 LYS A CE  1 
ATOM 838  N NZ  . LYS A 1 122 ? 28.283  -4.666  6.292   1.00 92.64  ? 122 LYS A NZ  1 
ATOM 839  N N   . LEU A 1 123 ? 22.882  -3.641  4.328   1.00 89.59  ? 123 LEU A N   1 
ATOM 840  C CA  . LEU A 1 123 ? 22.059  -4.123  3.226   1.00 89.59  ? 123 LEU A CA  1 
ATOM 841  C C   . LEU A 1 123 ? 22.193  -5.630  3.070   1.00 89.59  ? 123 LEU A C   1 
ATOM 842  O O   . LEU A 1 123 ? 21.203  -6.327  2.813   1.00 89.59  ? 123 LEU A O   1 
ATOM 843  C CB  . LEU A 1 123 ? 22.439  -3.414  1.928   1.00 89.59  ? 123 LEU A CB  1 
ATOM 844  C CG  . LEU A 1 123 ? 21.570  -3.752  0.715   1.00 89.59  ? 123 LEU A CG  1 
ATOM 845  C CD1 . LEU A 1 123 ? 20.123  -3.372  0.971   1.00 89.59  ? 123 LEU A CD1 1 
ATOM 846  C CD2 . LEU A 1 123 ? 22.090  -3.060  -0.527  1.00 89.59  ? 123 LEU A CD2 1 
ATOM 847  N N   . SER A 1 124 ? 23.412  -6.154  3.220   1.00 90.33  ? 124 SER A N   1 
ATOM 848  C CA  . SER A 1 124 ? 23.610  -7.596  3.140   1.00 90.33  ? 124 SER A CA  1 
ATOM 849  C C   . SER A 1 124 ? 22.868  -8.314  4.259   1.00 90.33  ? 124 SER A C   1 
ATOM 850  O O   . SER A 1 124 ? 22.235  -9.349  4.024   1.00 90.33  ? 124 SER A O   1 
ATOM 851  C CB  . SER A 1 124 ? 25.098  -7.929  3.189   1.00 90.33  ? 124 SER A CB  1 
ATOM 852  O OG  . SER A 1 124 ? 25.648  -7.600  4.451   1.00 90.33  ? 124 SER A OG  1 
ATOM 853  N N   . THR A 1 125 ? 22.924  -7.777  5.477   1.00 90.30  ? 125 THR A N   1 
ATOM 854  C CA  . THR A 1 125 ? 22.222  -8.404  6.591   1.00 90.30  ? 125 THR A CA  1 
ATOM 855  C C   . THR A 1 125 ? 20.717  -8.410  6.362   1.00 90.30  ? 125 THR A C   1 
ATOM 856  O O   . THR A 1 125 ? 20.049  -9.420  6.611   1.00 90.30  ? 125 THR A O   1 
ATOM 857  C CB  . THR A 1 125 ? 22.561  -7.689  7.897   1.00 90.30  ? 125 THR A CB  1 
ATOM 858  O OG1 . THR A 1 125 ? 23.981  -7.693  8.089   1.00 90.30  ? 125 THR A OG1 1 
ATOM 859  C CG2 . THR A 1 125 ? 21.900  -8.383  9.071   1.00 90.30  ? 125 THR A CG2 1 
ATOM 860  N N   . ILE A 1 126 ? 20.166  -7.297  5.874   1.00 86.11  ? 126 ILE A N   1 
ATOM 861  C CA  . ILE A 1 126 ? 18.729  -7.229  5.623   1.00 86.11  ? 126 ILE A CA  1 
ATOM 862  C C   . ILE A 1 126 ? 18.333  -8.206  4.524   1.00 86.11  ? 126 ILE A C   1 
ATOM 863  O O   . ILE A 1 126 ? 17.352  -8.947  4.649   1.00 86.11  ? 126 ILE A O   1 
ATOM 864  C CB  . ILE A 1 126 ? 18.313  -5.790  5.273   1.00 86.11  ? 126 ILE A CB  1 
ATOM 865  C CG1 . ILE A 1 126 ? 18.482  -4.876  6.484   1.00 86.11  ? 126 ILE A CG1 1 
ATOM 866  C CG2 . ILE A 1 126 ? 16.880  -5.756  4.783   1.00 86.11  ? 126 ILE A CG2 1 
ATOM 867  C CD1 . ILE A 1 126 ? 18.366  -3.411  6.155   1.00 86.11  ? 126 ILE A CD1 1 
ATOM 868  N N   . THR A 1 127 ? 19.097  -8.228  3.432   1.00 89.13  ? 127 THR A N   1 
ATOM 869  C CA  . THR A 1 127 ? 18.752  -9.104  2.318   1.00 89.13  ? 127 THR A CA  1 
ATOM 870  C C   . THR A 1 127 ? 18.938  -10.575 2.670   1.00 89.13  ? 127 THR A C   1 
ATOM 871  O O   . THR A 1 127 ? 18.275  -11.437 2.082   1.00 89.13  ? 127 THR A O   1 
ATOM 872  C CB  . THR A 1 127 ? 19.583  -8.746  1.086   1.00 89.13  ? 127 THR A CB  1 
ATOM 873  O OG1 . THR A 1 127 ? 20.965  -8.659  1.448   1.00 89.13  ? 127 THR A OG1 1 
ATOM 874  C CG2 . THR A 1 127 ? 19.133  -7.417  0.508   1.00 89.13  ? 127 THR A CG2 1 
ATOM 875  N N   . SER A 1 128 ? 19.821  -10.885 3.620   1.00 96.11  ? 128 SER A N   1 
ATOM 876  C CA  . SER A 1 128 ? 20.123  -12.275 3.934   1.00 96.11  ? 128 SER A CA  1 
ATOM 877  C C   . SER A 1 128 ? 19.253  -12.846 5.042   1.00 96.11  ? 128 SER A C   1 
ATOM 878  O O   . SER A 1 128 ? 18.748  -13.965 4.902   1.00 96.11  ? 128 SER A O   1 
ATOM 879  C CB  . SER A 1 128 ? 21.595  -12.415 4.329   1.00 96.11  ? 128 SER A CB  1 
ATOM 880  O OG  . SER A 1 128 ? 21.906  -11.565 5.417   1.00 96.11  ? 128 SER A OG  1 
ATOM 881  N N   . SER A 1 129 ? 19.070  -12.116 6.142   1.00 95.99  ? 129 SER A N   1 
ATOM 882  C CA  . SER A 1 129 ? 18.317  -12.647 7.271   1.00 95.99  ? 129 SER A CA  1 
ATOM 883  C C   . SER A 1 129 ? 16.852  -12.843 6.905   1.00 95.99  ? 129 SER A C   1 
ATOM 884  O O   . SER A 1 129 ? 16.265  -13.887 7.204   1.00 95.99  ? 129 SER A O   1 
ATOM 885  C CB  . SER A 1 129 ? 18.444  -11.720 8.480   1.00 95.99  ? 129 SER A CB  1 
ATOM 886  O OG  . SER A 1 129 ? 17.720  -12.225 9.587   1.00 95.99  ? 129 SER A OG  1 
ATOM 887  N N   . ILE A 1 130 ? 16.254  -11.842 6.258   1.00 91.19  ? 130 ILE A N   1 
ATOM 888  C CA  . ILE A 1 130 ? 14.864  -11.955 5.843   1.00 91.19  ? 130 ILE A CA  1 
ATOM 889  C C   . ILE A 1 130 ? 14.742  -12.837 4.609   1.00 91.19  ? 130 ILE A C   1 
ATOM 890  O O   . ILE A 1 130 ? 15.469  -12.670 3.621   1.00 91.19  ? 130 ILE A O   1 
ATOM 891  C CB  . ILE A 1 130 ? 14.259  -10.564 5.587   1.00 91.19  ? 130 ILE A CB  1 
ATOM 892  C CG1 . ILE A 1 130 ? 14.186  -9.749  6.885   1.00 91.19  ? 130 ILE A CG1 1 
ATOM 893  C CG2 . ILE A 1 130 ? 12.914  -10.692 4.907   1.00 91.19  ? 130 ILE A CG2 1 
ATOM 894  C CD1 . ILE A 1 130 ? 15.412  -8.924  7.186   1.00 91.19  ? 130 ILE A CD1 1 
ATOM 895  N N   . ALA A 1 131 ? 13.814  -13.791 4.667   1.00 94.33  ? 131 ALA A N   1 
ATOM 896  C CA  . ALA A 1 131 ? 13.474  -14.627 3.527   1.00 94.33  ? 131 ALA A CA  1 
ATOM 897  C C   . ALA A 1 131 ? 11.959  -14.751 3.441   1.00 94.33  ? 131 ALA A C   1 
ATOM 898  O O   . ALA A 1 131 ? 11.263  -14.739 4.458   1.00 94.33  ? 131 ALA A O   1 
ATOM 899  C CB  . ALA A 1 131 ? 14.113  -16.018 3.627   1.00 94.33  ? 131 ALA A CB  1 
ATOM 900  N N   . CYS A 1 132 ? 11.455  -14.870 2.215   1.00 97.52  ? 132 CYS A N   1 
ATOM 901  C CA  . CYS A 1 132 ? 10.028  -14.996 1.960   1.00 97.52  ? 132 CYS A CA  1 
ATOM 902  C C   . CYS A 1 132 ? 9.730   -16.331 1.292   1.00 97.52  ? 132 CYS A C   1 
ATOM 903  O O   . CYS A 1 132 ? 10.468  -16.771 0.404   1.00 97.52  ? 132 CYS A O   1 
ATOM 904  C CB  . CYS A 1 132 ? 9.517   -13.845 1.087   1.00 97.52  ? 132 CYS A CB  1 
ATOM 905  S SG  . CYS A 1 132 ? 9.575   -12.238 1.906   1.00 97.52  ? 132 CYS A SG  1 
ATOM 906  N N   . THR A 1 133 ? 8.645   -16.970 1.732   1.00 99.80  ? 133 THR A N   1 
ATOM 907  C CA  . THR A 1 133 ? 8.283   -18.280 1.202   1.00 99.80  ? 133 THR A CA  1 
ATOM 908  C C   . THR A 1 133 ? 7.978   -18.206 -0.289  1.00 99.80  ? 133 THR A C   1 
ATOM 909  O O   . THR A 1 133 ? 8.433   -19.047 -1.071  1.00 99.80  ? 133 THR A O   1 
ATOM 910  C CB  . THR A 1 133 ? 7.083   -18.839 1.968   1.00 99.80  ? 133 THR A CB  1 
ATOM 911  O OG1 . THR A 1 133 ? 5.903   -18.115 1.597   1.00 99.80  ? 133 THR A OG1 1 
ATOM 912  C CG2 . THR A 1 133 ? 7.300   -18.701 3.467   1.00 99.80  ? 133 THR A CG2 1 
ATOM 913  N N   . THR A 1 134 ? 7.211   -17.200 -0.699  1.00 100.81 ? 134 THR A N   1 
ATOM 914  C CA  . THR A 1 134 ? 6.872   -17.002 -2.101  1.00 100.81 ? 134 THR A CA  1 
ATOM 915  C C   . THR A 1 134 ? 7.002   -15.525 -2.433  1.00 100.81 ? 134 THR A C   1 
ATOM 916  O O   . THR A 1 134 ? 6.539   -14.668 -1.676  1.00 100.81 ? 134 THR A O   1 
ATOM 917  C CB  . THR A 1 134 ? 5.451   -17.488 -2.412  1.00 100.81 ? 134 THR A CB  1 
ATOM 918  O OG1 . THR A 1 134 ? 5.250   -18.784 -1.833  1.00 100.81 ? 134 THR A OG1 1 
ATOM 919  C CG2 . THR A 1 134 ? 5.236   -17.574 -3.915  1.00 100.81 ? 134 THR A CG2 1 
ATOM 920  N N   . GLY A 1 135 ? 7.630   -15.231 -3.568  1.00 92.97  ? 135 GLY A N   1 
ATOM 921  C CA  . GLY A 1 135 ? 7.896   -13.864 -3.958  1.00 92.97  ? 135 GLY A CA  1 
ATOM 922  C C   . GLY A 1 135 ? 9.146   -13.314 -3.296  1.00 92.97  ? 135 GLY A C   1 
ATOM 923  O O   . GLY A 1 135 ? 9.766   -13.937 -2.431  1.00 92.97  ? 135 GLY A O   1 
ATOM 924  N N   . TRP A 1 136 ? 9.521   -12.113 -3.714  1.00 85.23  ? 136 TRP A N   1 
ATOM 925  C CA  . TRP A 1 136 ? 10.732  -11.488 -3.204  1.00 85.23  ? 136 TRP A CA  1 
ATOM 926  C C   . TRP A 1 136 ? 10.489  -10.185 -2.465  1.00 85.23  ? 136 TRP A C   1 
ATOM 927  O O   . TRP A 1 136 ? 11.008  -10.005 -1.363  1.00 85.23  ? 136 TRP A O   1 
ATOM 928  C CB  . TRP A 1 136 ? 11.716  -11.225 -4.343  1.00 85.23  ? 136 TRP A CB  1 
ATOM 929  C CG  . TRP A 1 136 ? 11.805  -12.323 -5.339  1.00 85.23  ? 136 TRP A CG  1 
ATOM 930  C CD1 . TRP A 1 136 ? 12.249  -13.594 -5.123  1.00 85.23  ? 136 TRP A CD1 1 
ATOM 931  C CD2 . TRP A 1 136 ? 11.486  -12.240 -6.730  1.00 85.23  ? 136 TRP A CD2 1 
ATOM 932  N NE1 . TRP A 1 136 ? 12.204  -14.316 -6.290  1.00 85.23  ? 136 TRP A NE1 1 
ATOM 933  C CE2 . TRP A 1 136 ? 11.741  -13.506 -7.293  1.00 85.23  ? 136 TRP A CE2 1 
ATOM 934  C CE3 . TRP A 1 136 ? 11.001  -11.222 -7.552  1.00 85.23  ? 136 TRP A CE3 1 
ATOM 935  C CZ2 . TRP A 1 136 ? 11.526  -13.778 -8.639  1.00 85.23  ? 136 TRP A CZ2 1 
ATOM 936  C CZ3 . TRP A 1 136 ? 10.789  -11.493 -8.886  1.00 85.23  ? 136 TRP A CZ3 1 
ATOM 937  C CH2 . TRP A 1 136 ? 11.051  -12.762 -9.418  1.00 85.23  ? 136 TRP A CH2 1 
ATOM 938  N N   . ALA A 1 137 ? 9.719   -9.268  -3.041  1.00 77.31  ? 137 ALA A N   1 
ATOM 939  C CA  . ALA A 1 137 ? 9.632   -7.920  -2.499  1.00 77.31  ? 137 ALA A CA  1 
ATOM 940  C C   . ALA A 1 137 ? 8.978   -7.914  -1.123  1.00 77.31  ? 137 ALA A C   1 
ATOM 941  O O   . ALA A 1 137 ? 7.860   -8.405  -0.949  1.00 77.31  ? 137 ALA A O   1 
ATOM 942  C CB  . ALA A 1 137 ? 8.853   -7.021  -3.456  1.00 77.31  ? 137 ALA A CB  1 
ATOM 943  N N   . TYR A 1 138 ? 9.684   -7.348  -0.146  1.00 76.41  ? 138 TYR A N   1 
ATOM 944  C CA  . TYR A 1 138 ? 9.147   -7.129  1.188   1.00 76.41  ? 138 TYR A CA  1 
ATOM 945  C C   . TYR A 1 138 ? 9.512   -5.723  1.636   1.00 76.41  ? 138 TYR A C   1 
ATOM 946  O O   . TYR A 1 138 ? 10.421  -5.092  1.092   1.00 76.41  ? 138 TYR A O   1 
ATOM 947  C CB  . TYR A 1 138 ? 9.669   -8.141  2.215   1.00 76.41  ? 138 TYR A CB  1 
ATOM 948  C CG  . TYR A 1 138 ? 11.171  -8.242  2.279   1.00 76.41  ? 138 TYR A CG  1 
ATOM 949  C CD1 . TYR A 1 138 ? 11.886  -7.595  3.274   1.00 76.41  ? 138 TYR A CD1 1 
ATOM 950  C CD2 . TYR A 1 138 ? 11.872  -9.016  1.371   1.00 76.41  ? 138 TYR A CD2 1 
ATOM 951  C CE1 . TYR A 1 138 ? 13.258  -7.687  3.339   1.00 76.41  ? 138 TYR A CE1 1 
ATOM 952  C CE2 . TYR A 1 138 ? 13.243  -9.120  1.431   1.00 76.41  ? 138 TYR A CE2 1 
ATOM 953  C CZ  . TYR A 1 138 ? 13.930  -8.456  2.418   1.00 76.41  ? 138 TYR A CZ  1 
ATOM 954  O OH  . TYR A 1 138 ? 15.299  -8.561  2.478   1.00 76.41  ? 138 TYR A OH  1 
ATOM 955  N N   . LEU A 1 139 ? 8.789   -5.236  2.636   1.00 75.01  ? 139 LEU A N   1 
ATOM 956  C CA  . LEU A 1 139 ? 9.005   -3.907  3.187   1.00 75.01  ? 139 LEU A CA  1 
ATOM 957  C C   . LEU A 1 139 ? 9.484   -4.038  4.624   1.00 75.01  ? 139 LEU A C   1 
ATOM 958  O O   . LEU A 1 139 ? 9.000   -4.899  5.366   1.00 75.01  ? 139 LEU A O   1 
ATOM 959  C CB  . LEU A 1 139 ? 7.724   -3.074  3.106   1.00 75.01  ? 139 LEU A CB  1 
ATOM 960  C CG  . LEU A 1 139 ? 7.784   -1.590  3.468   1.00 75.01  ? 139 LEU A CG  1 
ATOM 961  C CD1 . LEU A 1 139 ? 6.691   -0.855  2.731   1.00 75.01  ? 139 LEU A CD1 1 
ATOM 962  C CD2 . LEU A 1 139 ? 7.627   -1.370  4.953   1.00 75.01  ? 139 LEU A CD2 1 
ATOM 963  N N   . VAL A 1 140 ? 10.436  -3.194  5.010   1.00 76.52  ? 140 VAL A N   1 
ATOM 964  C CA  . VAL A 1 140 ? 11.022  -3.210  6.345   1.00 76.52  ? 140 VAL A CA  1 
ATOM 965  C C   . VAL A 1 140 ? 10.726  -1.869  7.003   1.00 76.52  ? 140 VAL A C   1 
ATOM 966  O O   . VAL A 1 140 ? 11.126  -0.820  6.487   1.00 76.52  ? 140 VAL A O   1 
ATOM 967  C CB  . VAL A 1 140 ? 12.532  -3.475  6.288   1.00 76.52  ? 140 VAL A CB  1 
ATOM 968  C CG1 . VAL A 1 140 ? 13.103  -3.586  7.682   1.00 76.52  ? 140 VAL A CG1 1 
ATOM 969  C CG2 . VAL A 1 140 ? 12.816  -4.732  5.491   1.00 76.52  ? 140 VAL A CG2 1 
ATOM 970  N N   . ILE A 1 141 ? 10.040  -1.899  8.145   1.00 80.81  ? 141 ILE A N   1 
ATOM 971  C CA  . ILE A 1 141 ? 9.653   -0.687  8.860   1.00 80.81  ? 141 ILE A CA  1 
ATOM 972  C C   . ILE A 1 141 ? 10.701  -0.380  9.918   1.00 80.81  ? 141 ILE A C   1 
ATOM 973  O O   . ILE A 1 141 ? 11.218  -1.289  10.578  1.00 80.81  ? 141 ILE A O   1 
ATOM 974  C CB  . ILE A 1 141 ? 8.257   -0.818  9.492   1.00 80.81  ? 141 ILE A CB  1 
ATOM 975  C CG1 . ILE A 1 141 ? 8.225   -1.941  10.531  1.00 80.81  ? 141 ILE A CG1 1 
ATOM 976  C CG2 . ILE A 1 141 ? 7.206   -1.058  8.433   1.00 80.81  ? 141 ILE A CG2 1 
ATOM 977  C CD1 . ILE A 1 141 ? 6.955   -1.969  11.354  1.00 80.81  ? 141 ILE A CD1 1 
ATOM 978  N N   . PHE A 1 142 ? 11.019  0.897   10.074  1.00 82.09  ? 142 PHE A N   1 
ATOM 979  C CA  . PHE A 1 142 ? 11.951  1.365   11.087  1.00 82.09  ? 142 PHE A CA  1 
ATOM 980  C C   . PHE A 1 142 ? 11.267  2.369   12.005  1.00 82.09  ? 142 PHE A C   1 
ATOM 981  O O   . PHE A 1 142 ? 10.441  3.174   11.569  1.00 82.09  ? 142 PHE A O   1 
ATOM 982  C CB  . PHE A 1 142 ? 13.184  1.986   10.433  1.00 82.09  ? 142 PHE A CB  1 
ATOM 983  C CG  . PHE A 1 142 ? 14.024  0.995   9.691   1.00 82.09  ? 142 PHE A CG  1 
ATOM 984  C CD1 . PHE A 1 142 ? 14.762  1.369   8.587   1.00 82.09  ? 142 PHE A CD1 1 
ATOM 985  C CD2 . PHE A 1 142 ? 14.112  -0.313  10.133  1.00 82.09  ? 142 PHE A CD2 1 
ATOM 986  C CE1 . PHE A 1 142 ? 15.536  0.444   7.912   1.00 82.09  ? 142 PHE A CE1 1 
ATOM 987  C CE2 . PHE A 1 142 ? 14.894  -1.235  9.469   1.00 82.09  ? 142 PHE A CE2 1 
ATOM 988  C CZ  . PHE A 1 142 ? 15.608  -0.856  8.357   1.00 82.09  ? 142 PHE A CZ  1 
ATOM 989  N N   . ASN A 1 143 ? 11.613  2.300   13.290  1.00 83.92  ? 143 ASN A N   1 
ATOM 990  C CA  . ASN A 1 143 ? 11.006  3.115   14.339  1.00 83.92  ? 143 ASN A CA  1 
ATOM 991  C C   . ASN A 1 143 ? 9.507   2.876   14.462  1.00 83.92  ? 143 ASN A C   1 
ATOM 992  O O   . ASN A 1 143 ? 8.769   3.762   14.900  1.00 83.92  ? 143 ASN A O   1 
ATOM 993  C CB  . ASN A 1 143 ? 11.278  4.606   14.115  1.00 83.92  ? 143 ASN A CB  1 
ATOM 994  C CG  . ASN A 1 143 ? 12.743  4.956   14.240  1.00 83.92  ? 143 ASN A CG  1 
ATOM 995  O OD1 . ASN A 1 143 ? 13.431  4.488   15.147  1.00 83.92  ? 143 ASN A OD1 1 
ATOM 996  N ND2 . ASN A 1 143 ? 13.233  5.785   13.328  1.00 83.92  ? 143 ASN A ND2 1 
ATOM 997  N N   . GLY A 1 144 ? 9.038   1.685   14.086  1.00 84.13  ? 144 GLY A N   1 
ATOM 998  C CA  . GLY A 1 144 ? 7.621   1.389   14.129  1.00 84.13  ? 144 GLY A CA  1 
ATOM 999  C C   . GLY A 1 144 ? 7.177   0.793   15.451  1.00 84.13  ? 144 GLY A C   1 
ATOM 1000 O O   . GLY A 1 144 ? 7.978   0.500   16.334  1.00 84.13  ? 144 GLY A O   1 
ATOM 1001 N N   . ASP A 1 145 ? 5.864   0.615   15.573  1.00 85.20  ? 145 ASP A N   1 
ATOM 1002 C CA  . ASP A 1 145 ? 5.259   0.054   16.772  1.00 85.20  ? 145 ASP A CA  1 
ATOM 1003 C C   . ASP A 1 145 ? 4.902   -1.418  16.616  1.00 85.20  ? 145 ASP A C   1 
ATOM 1004 O O   . ASP A 1 145 ? 4.194   -1.965  17.466  1.00 85.20  ? 145 ASP A O   1 
ATOM 1005 C CB  . ASP A 1 145 ? 4.016   0.855   17.160  1.00 85.20  ? 145 ASP A CB  1 
ATOM 1006 C CG  . ASP A 1 145 ? 3.076   1.064   15.997  1.00 85.20  ? 145 ASP A CG  1 
ATOM 1007 O OD1 . ASP A 1 145 ? 3.447   0.683   14.871  1.00 85.20  ? 145 ASP A OD1 1 
ATOM 1008 O OD2 . ASP A 1 145 ? 1.969   1.601   16.207  1.00 85.20  ? 145 ASP A OD2 1 
ATOM 1009 N N   . GLY A 1 146 ? 5.366   -2.066  15.553  1.00 86.13  ? 146 GLY A N   1 
ATOM 1010 C CA  . GLY A 1 146 ? 5.141   -3.484  15.371  1.00 86.13  ? 146 GLY A CA  1 
ATOM 1011 C C   . GLY A 1 146 ? 3.903   -3.856  14.590  1.00 86.13  ? 146 GLY A C   1 
ATOM 1012 O O   . GLY A 1 146 ? 3.609   -5.051  14.467  1.00 86.13  ? 146 GLY A O   1 
ATOM 1013 N N   . ASP A 1 147 ? 3.171   -2.886  14.059  1.00 86.42  ? 147 ASP A N   1 
ATOM 1014 C CA  . ASP A 1 147 ? 1.999   -3.161  13.245  1.00 86.42  ? 147 ASP A CA  1 
ATOM 1015 C C   . ASP A 1 147 ? 2.402   -3.311  11.783  1.00 86.42  ? 147 ASP A C   1 
ATOM 1016 O O   . ASP A 1 147 ? 3.519   -2.981  11.380  1.00 86.42  ? 147 ASP A O   1 
ATOM 1017 C CB  . ASP A 1 147 ? 0.950   -2.054  13.413  1.00 86.42  ? 147 ASP A CB  1 
ATOM 1018 C CG  . ASP A 1 147 ? 1.479   -0.670  13.046  1.00 86.42  ? 147 ASP A CG  1 
ATOM 1019 O OD1 . ASP A 1 147 ? 2.631   -0.554  12.575  1.00 86.42  ? 147 ASP A OD1 1 
ATOM 1020 O OD2 . ASP A 1 147 ? 0.736   0.316   13.241  1.00 86.42  ? 147 ASP A OD2 1 
ATOM 1021 N N   . ASN A 1 148 ? 1.470   -3.821  10.983  1.00 85.73  ? 148 ASN A N   1 
ATOM 1022 C CA  . ASN A 1 148 ? 1.675   -3.951  9.548   1.00 85.73  ? 148 ASN A CA  1 
ATOM 1023 C C   . ASN A 1 148 ? 1.144   -2.750  8.780   1.00 85.73  ? 148 ASN A C   1 
ATOM 1024 O O   . ASN A 1 148 ? 0.813   -2.878  7.597   1.00 85.73  ? 148 ASN A O   1 
ATOM 1025 C CB  . ASN A 1 148 ? 1.032   -5.240  9.035   1.00 85.73  ? 148 ASN A CB  1 
ATOM 1026 C CG  . ASN A 1 148 ? 1.684   -6.483  9.607   1.00 85.73  ? 148 ASN A CG  1 
ATOM 1027 O OD1 . ASN A 1 148 ? 2.815   -6.437  10.094  1.00 85.73  ? 148 ASN A OD1 1 
ATOM 1028 N ND2 . ASN A 1 148 ? 0.975   -7.605  9.550   1.00 85.73  ? 148 ASN A ND2 1 
ATOM 1029 N N   . VAL A 1 149 ? 1.053   -1.593  9.426   1.00 81.77  ? 149 VAL A N   1 
ATOM 1030 C CA  . VAL A 1 149 ? 0.579   -0.363  8.807   1.00 81.77  ? 149 VAL A CA  1 
ATOM 1031 C C   . VAL A 1 149 ? 1.686   0.673   8.905   1.00 81.77  ? 149 VAL A C   1 
ATOM 1032 O O   . VAL A 1 149 ? 2.248   0.889   9.985   1.00 81.77  ? 149 VAL A O   1 
ATOM 1033 C CB  . VAL A 1 149 ? -0.710  0.142   9.475   1.00 81.77  ? 149 VAL A CB  1 
ATOM 1034 C CG1 . VAL A 1 149 ? -1.200  1.400   8.792   1.00 81.77  ? 149 VAL A CG1 1 
ATOM 1035 C CG2 . VAL A 1 149 ? -1.775  -0.931  9.437   1.00 81.77  ? 149 VAL A CG2 1 
ATOM 1036 N N   . LEU A 1 150 ? 2.005   1.304   7.778   1.00 78.62  ? 150 LEU A N   1 
ATOM 1037 C CA  . LEU A 1 150 ? 3.025   2.344   7.733   1.00 78.62  ? 150 LEU A CA  1 
ATOM 1038 C C   . LEU A 1 150 ? 2.384   3.683   8.070   1.00 78.62  ? 150 LEU A C   1 
ATOM 1039 O O   . LEU A 1 150 ? 1.525   4.170   7.331   1.00 78.62  ? 150 LEU A O   1 
ATOM 1040 C CB  . LEU A 1 150 ? 3.686   2.394   6.359   1.00 78.62  ? 150 LEU A CB  1 
ATOM 1041 C CG  . LEU A 1 150 ? 4.914   3.290   6.232   1.00 78.62  ? 150 LEU A CG  1 
ATOM 1042 C CD1 . LEU A 1 150 ? 6.022   2.812   7.145   1.00 78.62  ? 150 LEU A CD1 1 
ATOM 1043 C CD2 . LEU A 1 150 ? 5.389   3.324   4.794   1.00 78.62  ? 150 LEU A CD2 1 
ATOM 1044 N N   . GLU A 1 151 ? 2.813   4.277   9.177   1.00 82.70  ? 151 GLU A N   1 
ATOM 1045 C CA  . GLU A 1 151 ? 2.251   5.511   9.701   1.00 82.70  ? 151 GLU A CA  1 
ATOM 1046 C C   . GLU A 1 151 ? 3.343   6.570   9.758   1.00 82.70  ? 151 GLU A C   1 
ATOM 1047 O O   . GLU A 1 151 ? 4.525   6.283   9.554   1.00 82.70  ? 151 GLU A O   1 
ATOM 1048 C CB  . GLU A 1 151 ? 1.650   5.276   11.089  1.00 82.70  ? 151 GLU A CB  1 
ATOM 1049 C CG  . GLU A 1 151 ? 0.591   4.191   11.111  1.00 82.70  ? 151 GLU A CG  1 
ATOM 1050 C CD  . GLU A 1 151 ? 0.479   3.515   12.460  1.00 82.70  ? 151 GLU A CD  1 
ATOM 1051 O OE1 . GLU A 1 151 ? 1.528   3.140   13.023  1.00 82.70  ? 151 GLU A OE1 1 
ATOM 1052 O OE2 . GLU A 1 151 ? -0.655  3.351   12.956  1.00 82.70  ? 151 GLU A OE2 1 
ATOM 1053 N N   . LEU A 1 152 ? 2.947   7.810   10.035  1.00 80.39  ? 152 LEU A N   1 
ATOM 1054 C CA  . LEU A 1 152 ? 3.937   8.873   10.143  1.00 80.39  ? 152 LEU A CA  1 
ATOM 1055 C C   . LEU A 1 152 ? 4.786   8.678   11.390  1.00 80.39  ? 152 LEU A C   1 
ATOM 1056 O O   . LEU A 1 152 ? 4.286   8.280   12.445  1.00 80.39  ? 152 LEU A O   1 
ATOM 1057 C CB  . LEU A 1 152 ? 3.261   10.245  10.139  1.00 80.39  ? 152 LEU A CB  1 
ATOM 1058 C CG  . LEU A 1 152 ? 4.226   11.434  10.103  1.00 80.39  ? 152 LEU A CG  1 
ATOM 1059 C CD1 . LEU A 1 152 ? 3.689   12.541  9.225   1.00 80.39  ? 152 LEU A CD1 1 
ATOM 1060 C CD2 . LEU A 1 152 ? 4.456   11.973  11.509  1.00 80.39  ? 152 LEU A CD2 1 
ATOM 1061 N N   . GLY A 1 153 ? 6.079   8.960   11.258  1.00 78.64  ? 153 GLY A N   1 
ATOM 1062 C CA  . GLY A 1 153 ? 7.066   8.608   12.248  1.00 78.64  ? 153 GLY A CA  1 
ATOM 1063 C C   . GLY A 1 153 ? 7.752   7.286   11.984  1.00 78.64  ? 153 GLY A C   1 
ATOM 1064 O O   . GLY A 1 153 ? 8.767   6.990   12.622  1.00 78.64  ? 153 GLY A O   1 
ATOM 1065 N N   . GLU A 1 154 ? 7.224   6.492   11.057  1.00 78.74  ? 154 GLU A N   1 
ATOM 1066 C CA  . GLU A 1 154 ? 7.806   5.209   10.697  1.00 78.74  ? 154 GLU A CA  1 
ATOM 1067 C C   . GLU A 1 154 ? 8.464   5.307   9.328   1.00 78.74  ? 154 GLU A C   1 
ATOM 1068 O O   . GLU A 1 154 ? 7.879   5.837   8.381   1.00 78.74  ? 154 GLU A O   1 
ATOM 1069 C CB  . GLU A 1 154 ? 6.735   4.117   10.685  1.00 78.74  ? 154 GLU A CB  1 
ATOM 1070 C CG  . GLU A 1 154 ? 6.039   3.906   12.019  1.00 78.74  ? 154 GLU A CG  1 
ATOM 1071 C CD  . GLU A 1 154 ? 4.877   2.935   11.923  1.00 78.74  ? 154 GLU A CD  1 
ATOM 1072 O OE1 . GLU A 1 154 ? 4.484   2.584   10.794  1.00 78.74  ? 154 GLU A OE1 1 
ATOM 1073 O OE2 . GLU A 1 154 ? 4.351   2.524   12.977  1.00 78.74  ? 154 GLU A OE2 1 
ATOM 1074 N N   . LYS A 1 155 ? 9.685   4.795   9.232   1.00 72.41  ? 155 LYS A N   1 
ATOM 1075 C CA  . LYS A 1 155 ? 10.450  4.808   7.993   1.00 72.41  ? 155 LYS A CA  1 
ATOM 1076 C C   . LYS A 1 155 ? 10.441  3.412   7.389   1.00 72.41  ? 155 LYS A C   1 
ATOM 1077 O O   . LYS A 1 155 ? 10.733  2.432   8.083   1.00 72.41  ? 155 LYS A O   1 
ATOM 1078 C CB  . LYS A 1 155 ? 11.885  5.267   8.241   1.00 72.41  ? 155 LYS A CB  1 
ATOM 1079 C CG  . LYS A 1 155 ? 12.003  6.650   8.857   1.00 72.41  ? 155 LYS A CG  1 
ATOM 1080 C CD  . LYS A 1 155 ? 11.614  7.733   7.872   1.00 72.41  ? 155 LYS A CD  1 
ATOM 1081 C CE  . LYS A 1 155 ? 11.906  9.111   8.433   1.00 72.41  ? 155 LYS A CE  1 
ATOM 1082 N NZ  . LYS A 1 155 ? 10.763  9.634   9.224   1.00 72.41  ? 155 LYS A NZ  1 
ATOM 1083 N N   . GLY A 1 156 ? 10.105  3.324   6.107   1.00 70.27  ? 156 GLY A N   1 
ATOM 1084 C CA  . GLY A 1 156 ? 10.003  2.055   5.409   1.00 70.27  ? 156 GLY A CA  1 
ATOM 1085 C C   . GLY A 1 156 ? 11.023  1.962   4.288   1.00 70.27  ? 156 GLY A C   1 
ATOM 1086 O O   . GLY A 1 156 ? 11.250  2.929   3.560   1.00 70.27  ? 156 GLY A O   1 
ATOM 1087 N N   . LEU A 1 157 ? 11.630  0.785   4.165   1.00 69.59  ? 157 LEU A N   1 
ATOM 1088 C CA  . LEU A 1 157 ? 12.580  0.482   3.101   1.00 69.59  ? 157 LEU A CA  1 
ATOM 1089 C C   . LEU A 1 157 ? 12.107  -0.781  2.395   1.00 69.59  ? 157 LEU A C   1 
ATOM 1090 O O   . LEU A 1 157 ? 12.108  -1.866  2.986   1.00 69.59  ? 157 LEU A O   1 
ATOM 1091 C CB  . LEU A 1 157 ? 13.989  0.305   3.659   1.00 69.59  ? 157 LEU A CB  1 
ATOM 1092 C CG  . LEU A 1 157 ? 15.095  0.099   2.626   1.00 69.59  ? 157 LEU A CG  1 
ATOM 1093 C CD1 . LEU A 1 157 ? 15.313  1.368   1.833   1.00 69.59  ? 157 LEU A CD1 1 
ATOM 1094 C CD2 . LEU A 1 157 ? 16.378  -0.331  3.301   1.00 69.59  ? 157 LEU A CD2 1 
ATOM 1095 N N   . LEU A 1 158 ? 11.704  -0.641  1.136   1.00 73.31  ? 158 LEU A N   1 
ATOM 1096 C CA  . LEU A 1 158 ? 11.168  -1.759  0.370   1.00 73.31  ? 158 LEU A CA  1 
ATOM 1097 C C   . LEU A 1 158 ? 12.292  -2.401  -0.437  1.00 73.31  ? 158 LEU A C   1 
ATOM 1098 O O   . LEU A 1 158 ? 13.006  -1.712  -1.173  1.00 73.31  ? 158 LEU A O   1 
ATOM 1099 C CB  . LEU A 1 158 ? 10.032  -1.270  -0.525  1.00 73.31  ? 158 LEU A CB  1 
ATOM 1100 C CG  . LEU A 1 158 ? 9.228   -2.249  -1.378  1.00 73.31  ? 158 LEU A CG  1 
ATOM 1101 C CD1 . LEU A 1 158 ? 7.824   -1.714  -1.560  1.00 73.31  ? 158 LEU A CD1 1 
ATOM 1102 C CD2 . LEU A 1 158 ? 9.867   -2.424  -2.723  1.00 73.31  ? 158 LEU A CD2 1 
ATOM 1103 N N   . VAL A 1 159 ? 12.449  -3.716  -0.302  1.00 71.96  ? 159 VAL A N   1 
ATOM 1104 C CA  . VAL A 1 159 ? 13.608  -4.441  -0.813  1.00 71.96  ? 159 VAL A CA  1 
ATOM 1105 C C   . VAL A 1 159 ? 13.139  -5.448  -1.856  1.00 71.96  ? 159 VAL A C   1 
ATOM 1106 O O   . VAL A 1 159 ? 12.118  -6.118  -1.664  1.00 71.96  ? 159 VAL A O   1 
ATOM 1107 C CB  . VAL A 1 159 ? 14.369  -5.144  0.323   1.00 71.96  ? 159 VAL A CB  1 
ATOM 1108 C CG1 . VAL A 1 159 ? 15.576  -5.885  -0.219  1.00 71.96  ? 159 VAL A CG1 1 
ATOM 1109 C CG2 . VAL A 1 159 ? 14.784  -4.140  1.379   1.00 71.96  ? 159 VAL A CG2 1 
ATOM 1110 N N   . LEU A 1 160 ? 13.883  -5.556  -2.958  1.00 75.13  ? 160 LEU A N   1 
ATOM 1111 C CA  . LEU A 1 160 ? 13.632  -6.548  -4.000  1.00 75.13  ? 160 LEU A CA  1 
ATOM 1112 C C   . LEU A 1 160 ? 14.802  -7.520  -4.038  1.00 75.13  ? 160 LEU A C   1 
ATOM 1113 O O   . LEU A 1 160 ? 15.960  -7.105  -3.953  1.00 75.13  ? 160 LEU A O   1 
ATOM 1114 C CB  . LEU A 1 160 ? 13.454  -5.904  -5.372  1.00 75.13  ? 160 LEU A CB  1 
ATOM 1115 C CG  . LEU A 1 160 ? 12.145  -5.219  -5.744  1.00 75.13  ? 160 LEU A CG  1 
ATOM 1116 C CD1 . LEU A 1 160 ? 12.004  -3.922  -4.990  1.00 75.13  ? 160 LEU A CD1 1 
ATOM 1117 C CD2 . LEU A 1 160 ? 12.078  -4.985  -7.242  1.00 75.13  ? 160 LEU A CD2 1 
ATOM 1118 N N   . GLU A 1 161 ? 14.499  -8.807  -4.158  1.00 80.74  ? 161 GLU A N   1 
ATOM 1119 C CA  . GLU A 1 161 ? 15.519  -9.828  -4.352  1.00 80.74  ? 161 GLU A CA  1 
ATOM 1120 C C   . GLU A 1 161 ? 15.367  -10.415 -5.751  1.00 80.74  ? 161 GLU A C   1 
ATOM 1121 O O   . GLU A 1 161 ? 14.468  -11.225 -5.996  1.00 80.74  ? 161 GLU A O   1 
ATOM 1122 C CB  . GLU A 1 161 ? 15.400  -10.907 -3.277  1.00 80.74  ? 161 GLU A CB  1 
ATOM 1123 C CG  . GLU A 1 161 ? 15.562  -10.366 -1.866  1.00 80.74  ? 161 GLU A CG  1 
ATOM 1124 C CD  . GLU A 1 161 ? 15.328  -11.417 -0.802  1.00 80.74  ? 161 GLU A CD  1 
ATOM 1125 O OE1 . GLU A 1 161 ? 14.980  -12.561 -1.159  1.00 80.74  ? 161 GLU A OE1 1 
ATOM 1126 O OE2 . GLU A 1 161 ? 15.489  -11.098 0.394   1.00 80.74  ? 161 GLU A OE2 1 
ATOM 1127 N N   . LEU A 1 162 ? 16.247  -10.012 -6.666  1.00 81.29  ? 162 LEU A N   1 
ATOM 1128 C CA  . LEU A 1 162 ? 16.081  -10.324 -8.079  1.00 81.29  ? 162 LEU A CA  1 
ATOM 1129 C C   . LEU A 1 162 ? 17.103  -11.366 -8.500  1.00 81.29  ? 162 LEU A C   1 
ATOM 1130 O O   . LEU A 1 162 ? 18.304  -11.055 -8.530  1.00 81.29  ? 162 LEU A O   1 
ATOM 1131 C CB  . LEU A 1 162 ? 16.251  -9.061  -8.910  1.00 81.29  ? 162 LEU A CB  1 
ATOM 1132 C CG  . LEU A 1 162 ? 15.163  -8.000  -8.758  1.00 81.29  ? 162 LEU A CG  1 
ATOM 1133 C CD1 . LEU A 1 162 ? 15.290  -6.948  -9.842  1.00 81.29  ? 162 LEU A CD1 1 
ATOM 1134 C CD2 . LEU A 1 162 ? 13.788  -8.640  -8.787  1.00 81.29  ? 162 LEU A CD2 1 
ATOM 1135 N N   . PRO A 1 163 ? 16.701  -12.600 -8.828  1.00 85.63  ? 163 PRO A N   1 
ATOM 1136 C CA  . PRO A 1 163 ? 17.698  -13.600 -9.238  1.00 85.63  ? 163 PRO A CA  1 
ATOM 1137 C C   . PRO A 1 163 ? 18.140  -13.477 -10.691 1.00 85.63  ? 163 PRO A C   1 
ATOM 1138 O O   . PRO A 1 163 ? 17.499  -14.021 -11.595 1.00 85.63  ? 163 PRO A O   1 
ATOM 1139 C CB  . PRO A 1 163 ? 16.973  -14.929 -8.994  1.00 85.63  ? 163 PRO A CB  1 
ATOM 1140 C CG  . PRO A 1 163 ? 15.521  -14.600 -9.153  1.00 85.63  ? 163 PRO A CG  1 
ATOM 1141 C CD  . PRO A 1 163 ? 15.335  -13.151 -8.777  1.00 85.63  ? 163 PRO A CD  1 
ATOM 1142 N N   . THR A 1 164 ? 19.294  -12.827 -10.894 1.00 91.88  ? 164 THR A N   1 
ATOM 1143 C CA  . THR A 1 164 ? 20.085  -12.653 -12.114 1.00 91.88  ? 164 THR A CA  1 
ATOM 1144 C C   . THR A 1 164 ? 19.374  -11.820 -13.201 1.00 91.88  ? 164 THR A C   1 
ATOM 1145 O O   . THR A 1 164 ? 19.539  -12.079 -14.399 1.00 91.88  ? 164 THR A O   1 
ATOM 1146 C CB  . THR A 1 164 ? 20.472  -14.055 -12.619 1.00 91.88  ? 164 THR A CB  1 
ATOM 1147 O OG1 . THR A 1 164 ? 21.132  -14.753 -11.562 1.00 91.88  ? 164 THR A OG1 1 
ATOM 1148 C CG2 . THR A 1 164 ? 21.492  -14.000 -13.756 1.00 91.88  ? 164 THR A CG2 1 
ATOM 1149 N N   . PRO A 1 165 ? 18.555  -10.822 -12.844 1.00 81.72  ? 165 PRO A N   1 
ATOM 1150 C CA  . PRO A 1 165 ? 18.341  -9.683  -13.724 1.00 81.72  ? 165 PRO A CA  1 
ATOM 1151 C C   . PRO A 1 165 ? 19.389  -8.577  -13.650 1.00 81.72  ? 165 PRO A C   1 
ATOM 1152 O O   . PRO A 1 165 ? 20.402  -8.687  -12.951 1.00 81.72  ? 165 PRO A O   1 
ATOM 1153 C CB  . PRO A 1 165 ? 17.009  -9.169  -13.166 1.00 81.72  ? 165 PRO A CB  1 
ATOM 1154 C CG  . PRO A 1 165 ? 16.755  -10.360 -12.147 1.00 81.72  ? 165 PRO A CG  1 
ATOM 1155 C CD  . PRO A 1 165 ? 17.148  -11.356 -12.836 1.00 81.72  ? 165 PRO A CD  1 
ATOM 1156 N N   . LEU A 1 166 ? 19.119  -7.494  -14.391 1.00 76.63  ? 166 LEU A N   1 
ATOM 1157 C CA  . LEU A 1 166 ? 19.717  -6.176  -14.183 1.00 76.63  ? 166 LEU A CA  1 
ATOM 1158 C C   . LEU A 1 166 ? 21.222  -6.079  -14.411 1.00 76.63  ? 166 LEU A C   1 
ATOM 1159 O O   . LEU A 1 166 ? 21.993  -5.942  -13.457 1.00 76.63  ? 166 LEU A O   1 
ATOM 1160 C CB  . LEU A 1 166 ? 19.387  -5.672  -12.777 1.00 76.63  ? 166 LEU A CB  1 
ATOM 1161 C CG  . LEU A 1 166 ? 18.097  -4.860  -12.646 1.00 76.63  ? 166 LEU A CG  1 
ATOM 1162 C CD1 . LEU A 1 166 ? 18.230  -3.561  -13.403 1.00 76.63  ? 166 LEU A CD1 1 
ATOM 1163 C CD2 . LEU A 1 166 ? 16.897  -5.619  -13.149 1.00 76.63  ? 166 LEU A CD2 1 
ATOM 1164 N N   . ASN A 1 167 ? 21.645  -6.149  -15.669 1.00 74.83  ? 167 ASN A N   1 
ATOM 1165 C CA  . ASN A 1 167 ? 22.990  -5.774  -16.096 1.00 74.83  ? 167 ASN A CA  1 
ATOM 1166 C C   . ASN A 1 167 ? 23.103  -4.250  -16.115 1.00 74.83  ? 167 ASN A C   1 
ATOM 1167 O O   . ASN A 1 167 ? 22.336  -3.540  -15.463 1.00 74.83  ? 167 ASN A O   1 
ATOM 1168 C CB  . ASN A 1 167 ? 23.317  -6.364  -17.471 1.00 74.83  ? 167 ASN A CB  1 
ATOM 1169 C CG  . ASN A 1 167 ? 23.456  -7.873  -17.444 1.00 74.83  ? 167 ASN A CG  1 
ATOM 1170 O OD1 . ASN A 1 167 ? 24.113  -8.434  -16.566 1.00 74.83  ? 167 ASN A OD1 1 
ATOM 1171 N ND2 . ASN A 1 167 ? 22.831  -8.541  -18.405 1.00 74.83  ? 167 ASN A ND2 1 
ATOM 1172 N N   . SER A 1 168 ? 24.097  -3.748  -16.844 1.00 73.61  ? 168 SER A N   1 
ATOM 1173 C CA  . SER A 1 168 ? 24.313  -2.307  -16.925 1.00 73.61  ? 168 SER A CA  1 
ATOM 1174 C C   . SER A 1 168 ? 23.399  -1.658  -17.962 1.00 73.61  ? 168 SER A C   1 
ATOM 1175 O O   . SER A 1 168 ? 23.101  -2.235  -19.011 1.00 73.61  ? 168 SER A O   1 
ATOM 1176 C CB  . SER A 1 168 ? 25.771  -2.010  -17.268 1.00 73.61  ? 168 SER A CB  1 
ATOM 1177 O OG  . SER A 1 168 ? 26.638  -2.510  -16.266 1.00 73.61  ? 168 SER A OG  1 
ATOM 1178 N N   . TYR A 1 169 ? 22.946  -0.442  -17.641 1.00 75.18  ? 169 TYR A N   1 
ATOM 1179 C CA  . TYR A 1 169 ? 22.266  0.483   -18.549 1.00 75.18  ? 169 TYR A CA  1 
ATOM 1180 C C   . TYR A 1 169 ? 20.807  0.186   -18.883 1.00 75.18  ? 169 TYR A C   1 
ATOM 1181 O O   . TYR A 1 169 ? 20.173  0.997   -19.564 1.00 75.18  ? 169 TYR A O   1 
ATOM 1182 C CB  . TYR A 1 169 ? 23.029  0.601   -19.872 1.00 75.18  ? 169 TYR A CB  1 
ATOM 1183 C CG  . TYR A 1 169 ? 24.097  1.665   -19.890 1.00 75.18  ? 169 TYR A CG  1 
ATOM 1184 C CD1 . TYR A 1 169 ? 23.755  3.007   -19.926 1.00 75.18  ? 169 TYR A CD1 1 
ATOM 1185 C CD2 . TYR A 1 169 ? 25.443  1.332   -19.903 1.00 75.18  ? 169 TYR A CD2 1 
ATOM 1186 C CE1 . TYR A 1 169 ? 24.718  3.989   -19.953 1.00 75.18  ? 169 TYR A CE1 1 
ATOM 1187 C CE2 . TYR A 1 169 ? 26.417  2.310   -19.932 1.00 75.18  ? 169 TYR A CE2 1 
ATOM 1188 C CZ  . TYR A 1 169 ? 26.047  3.636   -19.955 1.00 75.18  ? 169 TYR A CZ  1 
ATOM 1189 O OH  . TYR A 1 169 ? 27.010  4.616   -19.983 1.00 75.18  ? 169 TYR A OH  1 
ATOM 1190 N N   . GLU A 1 170 ? 20.240  -0.928  -18.432 1.00 76.38  ? 170 GLU A N   1 
ATOM 1191 C CA  . GLU A 1 170 ? 18.828  -1.138  -18.722 1.00 76.38  ? 170 GLU A CA  1 
ATOM 1192 C C   . GLU A 1 170 ? 17.955  -0.633  -17.580 1.00 76.38  ? 170 GLU A C   1 
ATOM 1193 O O   . GLU A 1 170 ? 18.355  -0.624  -16.414 1.00 76.38  ? 170 GLU A O   1 
ATOM 1194 C CB  . GLU A 1 170 ? 18.518  -2.608  -19.011 1.00 76.38  ? 170 GLU A CB  1 
ATOM 1195 C CG  . GLU A 1 170 ? 18.581  -3.532  -17.823 1.00 76.38  ? 170 GLU A CG  1 
ATOM 1196 C CD  . GLU A 1 170 ? 19.974  -4.014  -17.554 1.00 76.38  ? 170 GLU A CD  1 
ATOM 1197 O OE1 . GLU A 1 170 ? 20.133  -5.202  -17.210 1.00 76.38  ? 170 GLU A OE1 1 
ATOM 1198 O OE2 . GLU A 1 170 ? 20.911  -3.213  -17.712 1.00 76.38  ? 170 GLU A OE2 1 
ATOM 1199 N N   . GLU A 1 171 ? 16.749  -0.205  -17.937 1.00 81.48  ? 171 GLU A N   1 
ATOM 1200 C CA  . GLU A 1 171 ? 15.806  0.407   -17.017 1.00 81.48  ? 171 GLU A CA  1 
ATOM 1201 C C   . GLU A 1 171 ? 14.898  -0.646  -16.399 1.00 81.48  ? 171 GLU A C   1 
ATOM 1202 O O   . GLU A 1 171 ? 14.699  -1.727  -16.958 1.00 81.48  ? 171 GLU A O   1 
ATOM 1203 C CB  . GLU A 1 171 ? 14.953  1.458   -17.732 1.00 81.48  ? 171 GLU A CB  1 
ATOM 1204 C CG  . GLU A 1 171 ? 15.752  2.589   -18.349 1.00 81.48  ? 171 GLU A CG  1 
ATOM 1205 C CD  . GLU A 1 171 ? 14.866  3.683   -18.907 1.00 81.48  ? 171 GLU A CD  1 
ATOM 1206 O OE1 . GLU A 1 171 ? 13.629  3.541   -18.832 1.00 81.48  ? 171 GLU A OE1 1 
ATOM 1207 O OE2 . GLU A 1 171 ? 15.408  4.685   -19.420 1.00 81.48  ? 171 GLU A OE2 1 
ATOM 1208 N N   . PHE A 1 172 ? 14.347  -0.314  -15.235 1.00 79.56  ? 172 PHE A N   1 
ATOM 1209 C CA  . PHE A 1 172 ? 13.371  -1.154  -14.561 1.00 79.56  ? 172 PHE A CA  1 
ATOM 1210 C C   . PHE A 1 172 ? 12.281  -0.265  -13.985 1.00 79.56  ? 172 PHE A C   1 
ATOM 1211 O O   . PHE A 1 172 ? 12.495  0.925   -13.746 1.00 79.56  ? 172 PHE A O   1 
ATOM 1212 C CB  . PHE A 1 172 ? 14.012  -1.994  -13.452 1.00 79.56  ? 172 PHE A CB  1 
ATOM 1213 C CG  . PHE A 1 172 ? 14.587  -1.179  -12.336 1.00 79.56  ? 172 PHE A CG  1 
ATOM 1214 C CD1 . PHE A 1 172 ? 15.897  -0.746  -12.387 1.00 79.56  ? 172 PHE A CD1 1 
ATOM 1215 C CD2 . PHE A 1 172 ? 13.820  -0.855  -11.230 1.00 79.56  ? 172 PHE A CD2 1 
ATOM 1216 C CE1 . PHE A 1 172 ? 16.432  0.004   -11.362 1.00 79.56  ? 172 PHE A CE1 1 
ATOM 1217 C CE2 . PHE A 1 172 ? 14.348  -0.105  -10.203 1.00 79.56  ? 172 PHE A CE2 1 
ATOM 1218 C CZ  . PHE A 1 172 ? 15.657  0.325   -10.268 1.00 79.56  ? 172 PHE A CZ  1 
ATOM 1219 N N   . LYS A 1 173 ? 11.108  -0.851  -13.764 1.00 76.47  ? 173 LYS A N   1 
ATOM 1220 C CA  . LYS A 1 173 ? 9.961   -0.118  -13.249 1.00 76.47  ? 173 LYS A CA  1 
ATOM 1221 C C   . LYS A 1 173 ? 9.354   -0.890  -12.090 1.00 76.47  ? 173 LYS A C   1 
ATOM 1222 O O   . LYS A 1 173 ? 9.088   -2.089  -12.211 1.00 76.47  ? 173 LYS A O   1 
ATOM 1223 C CB  . LYS A 1 173 ? 8.921   0.102   -14.348 1.00 76.47  ? 173 LYS A CB  1 
ATOM 1224 C CG  . LYS A 1 173 ? 7.629   0.736   -13.879 1.00 76.47  ? 173 LYS A CG  1 
ATOM 1225 C CD  . LYS A 1 173 ? 7.231   1.877   -14.798 1.00 76.47  ? 173 LYS A CD  1 
ATOM 1226 C CE  . LYS A 1 173 ? 5.838   2.383   -14.480 1.00 76.47  ? 173 LYS A CE  1 
ATOM 1227 N NZ  . LYS A 1 173 ? 5.314   3.276   -15.549 1.00 76.47  ? 173 LYS A NZ  1 
ATOM 1228 N N   . VAL A 1 174 ? 9.136   -0.203  -10.971 1.00 72.36  ? 174 VAL A N   1 
ATOM 1229 C CA  . VAL A 1 174 ? 8.563   -0.795  -9.768  1.00 72.36  ? 174 VAL A CA  1 
ATOM 1230 C C   . VAL A 1 174 ? 7.346   0.024   -9.370  1.00 72.36  ? 174 VAL A C   1 
ATOM 1231 O O   . VAL A 1 174 ? 7.424   1.253   -9.277  1.00 72.36  ? 174 VAL A O   1 
ATOM 1232 C CB  . VAL A 1 174 ? 9.583   -0.848  -8.617  1.00 72.36  ? 174 VAL A CB  1 
ATOM 1233 C CG1 . VAL A 1 174 ? 8.932   -1.378  -7.357  1.00 72.36  ? 174 VAL A CG1 1 
ATOM 1234 C CG2 . VAL A 1 174 ? 10.773  -1.705  -9.002  1.00 72.36  ? 174 VAL A CG2 1 
ATOM 1235 N N   . GLU A 1 175 ? 6.226   -0.654  -9.139  1.00 76.07  ? 175 GLU A N   1 
ATOM 1236 C CA  . GLU A 1 175 ? 4.978   -0.003  -8.763  1.00 76.07  ? 175 GLU A CA  1 
ATOM 1237 C C   . GLU A 1 175 ? 4.402   -0.691  -7.535  1.00 76.07  ? 175 GLU A C   1 
ATOM 1238 O O   . GLU A 1 175 ? 4.429   -1.921  -7.438  1.00 76.07  ? 175 GLU A O   1 
ATOM 1239 C CB  . GLU A 1 175 ? 3.975   -0.034  -9.914  1.00 76.07  ? 175 GLU A CB  1 
ATOM 1240 C CG  . GLU A 1 175 ? 2.703   0.738   -9.633  1.00 76.07  ? 175 GLU A CG  1 
ATOM 1241 C CD  . GLU A 1 175 ? 2.100   1.342   -10.881 1.00 76.07  ? 175 GLU A CD  1 
ATOM 1242 O OE1 . GLU A 1 175 ? 0.862   1.295   -11.026 1.00 76.07  ? 175 GLU A OE1 1 
ATOM 1243 O OE2 . GLU A 1 175 ? 2.863   1.863   -11.720 1.00 76.07  ? 175 GLU A OE2 1 
ATOM 1244 N N   . VAL A 1 176 ? 3.882   0.102   -6.604  1.00 70.03  ? 176 VAL A N   1 
ATOM 1245 C CA  . VAL A 1 176 ? 3.236   -0.396  -5.394  1.00 70.03  ? 176 VAL A CA  1 
ATOM 1246 C C   . VAL A 1 176 ? 1.762   -0.032  -5.479  1.00 70.03  ? 176 VAL A C   1 
ATOM 1247 O O   . VAL A 1 176 ? 1.420   1.101   -5.836  1.00 70.03  ? 176 VAL A O   1 
ATOM 1248 C CB  . VAL A 1 176 ? 3.880   0.189   -4.128  1.00 70.03  ? 176 VAL A CB  1 
ATOM 1249 C CG1 . VAL A 1 176 ? 3.298   -0.464  -2.887  1.00 70.03  ? 176 VAL A CG1 1 
ATOM 1250 C CG2 . VAL A 1 176 ? 5.386   0.015   -4.171  1.00 70.03  ? 176 VAL A CG2 1 
ATOM 1251 N N   . ARG A 1 177 ? 0.885   -0.984  -5.154  1.00 72.12  ? 177 ARG A N   1 
ATOM 1252 C CA  . ARG A 1 177 ? -0.557  -0.775  -5.256  1.00 72.12  ? 177 ARG A CA  1 
ATOM 1253 C C   . ARG A 1 177 ? -1.227  -0.978  -3.904  1.00 72.12  ? 177 ARG A C   1 
ATOM 1254 O O   . ARG A 1 177 ? -1.717  -2.076  -3.606  1.00 72.12  ? 177 ARG A O   1 
ATOM 1255 C CB  . ARG A 1 177 ? -1.166  -1.716  -6.298  1.00 72.12  ? 177 ARG A CB  1 
ATOM 1256 C CG  . ARG A 1 177 ? -0.996  -1.261  -7.730  1.00 72.12  ? 177 ARG A CG  1 
ATOM 1257 C CD  . ARG A 1 177 ? -1.425  -2.355  -8.686  1.00 72.12  ? 177 ARG A CD  1 
ATOM 1258 N NE  . ARG A 1 177 ? -2.826  -2.710  -8.495  1.00 72.12  ? 177 ARG A NE  1 
ATOM 1259 C CZ  . ARG A 1 177 ? -3.487  -3.582  -9.242  1.00 72.12  ? 177 ARG A CZ  1 
ATOM 1260 N NH1 . ARG A 1 177 ? -2.901  -4.220  -10.241 1.00 72.12  ? 177 ARG A NH1 1 
ATOM 1261 N NH2 . ARG A 1 177 ? -4.766  -3.826  -8.976  1.00 72.12  ? 177 ARG A NH2 1 
ATOM 1262 N N   . PRO A 1 178 ? -1.287  0.044   -3.057  1.00 75.23  ? 178 PRO A N   1 
ATOM 1263 C CA  . PRO A 1 178 ? -2.044  -0.066  -1.806  1.00 75.23  ? 178 PRO A CA  1 
ATOM 1264 C C   . PRO A 1 178 ? -3.539  -0.177  -2.073  1.00 75.23  ? 178 PRO A C   1 
ATOM 1265 O O   . PRO A 1 178 ? -4.042  0.185   -3.137  1.00 75.23  ? 178 PRO A O   1 
ATOM 1266 C CB  . PRO A 1 178 ? -1.713  1.239   -1.084  1.00 75.23  ? 178 PRO A CB  1 
ATOM 1267 C CG  . PRO A 1 178 ? -0.399  1.651   -1.632  1.00 75.23  ? 178 PRO A CG  1 
ATOM 1268 C CD  . PRO A 1 178 ? -0.396  1.220   -3.068  1.00 75.23  ? 178 PRO A CD  1 
ATOM 1269 N N   . VAL A 1 179 ? -4.247  -0.703  -1.072  1.00 77.17  ? 179 VAL A N   1 
ATOM 1270 C CA  . VAL A 1 179 ? -5.698  -0.797  -1.172  1.00 77.17  ? 179 VAL A CA  1 
ATOM 1271 C C   . VAL A 1 179 ? -6.331  0.589   -1.169  1.00 77.17  ? 179 VAL A C   1 
ATOM 1272 O O   . VAL A 1 179 ? -7.336  0.823   -1.851  1.00 77.17  ? 179 VAL A O   1 
ATOM 1273 C CB  . VAL A 1 179 ? -6.255  -1.685  -0.045  1.00 77.17  ? 179 VAL A CB  1 
ATOM 1274 C CG1 . VAL A 1 179 ? -5.950  -1.090  1.317   1.00 77.17  ? 179 VAL A CG1 1 
ATOM 1275 C CG2 . VAL A 1 179 ? -7.752  -1.883  -0.217  1.00 77.17  ? 179 VAL A CG2 1 
ATOM 1276 N N   . GLN A 1 180 ? -5.758  1.528   -0.421  1.00 84.04  ? 180 GLN A N   1 
ATOM 1277 C CA  . GLN A 1 180 ? -6.229  2.905   -0.381  1.00 84.04  ? 180 GLN A CA  1 
ATOM 1278 C C   . GLN A 1 180 ? -5.055  3.827   -0.657  1.00 84.04  ? 180 GLN A C   1 
ATOM 1279 O O   . GLN A 1 180 ? -3.949  3.595   -0.159  1.00 84.04  ? 180 GLN A O   1 
ATOM 1280 C CB  . GLN A 1 180 ? -6.858  3.245   0.972   1.00 84.04  ? 180 GLN A CB  1 
ATOM 1281 C CG  . GLN A 1 180 ? -8.158  2.521   1.254   1.00 84.04  ? 180 GLN A CG  1 
ATOM 1282 C CD  . GLN A 1 180 ? -8.655  2.746   2.667   1.00 84.04  ? 180 GLN A CD  1 
ATOM 1283 O OE1 . GLN A 1 180 ? -9.769  2.358   3.015   1.00 84.04  ? 180 GLN A OE1 1 
ATOM 1284 N NE2 . GLN A 1 180 ? -7.824  3.373   3.494   1.00 84.04  ? 180 GLN A NE2 1 
ATOM 1285 N N   . GLY A 1 181 ? -5.292  4.862   -1.446  1.00 77.85  ? 181 GLY A N   1 
ATOM 1286 C CA  . GLY A 1 181 ? -4.270  5.834   -1.769  1.00 77.85  ? 181 GLY A CA  1 
ATOM 1287 C C   . GLY A 1 181 ? -3.658  5.585   -3.137  1.00 77.85  ? 181 GLY A C   1 
ATOM 1288 O O   . GLY A 1 181 ? -3.872  4.557   -3.779  1.00 77.85  ? 181 GLY A O   1 
ATOM 1289 N N   . ALA A 1 182 ? -2.879  6.569   -3.570  1.00 78.27  ? 182 ALA A N   1 
ATOM 1290 C CA  . ALA A 1 182 ? -2.293  6.547   -4.899  1.00 78.27  ? 182 ALA A CA  1 
ATOM 1291 C C   . ALA A 1 182 ? -1.193  5.500   -5.008  1.00 78.27  ? 182 ALA A C   1 
ATOM 1292 O O   . ALA A 1 182 ? -0.410  5.285   -4.079  1.00 78.27  ? 182 ALA A O   1 
ATOM 1293 C CB  . ALA A 1 182 ? -1.738  7.920   -5.263  1.00 78.27  ? 182 ALA A CB  1 
ATOM 1294 N N   . ALA A 1 183 ? -1.144  4.847   -6.165  1.00 75.66  ? 183 ALA A N   1 
ATOM 1295 C CA  . ALA A 1 183 ? -0.064  3.918   -6.455  1.00 75.66  ? 183 ALA A CA  1 
ATOM 1296 C C   . ALA A 1 183 ? 1.243   4.673   -6.661  1.00 75.66  ? 183 ALA A C   1 
ATOM 1297 O O   . ALA A 1 183 ? 1.276   5.732   -7.290  1.00 75.66  ? 183 ALA A O   1 
ATOM 1298 C CB  . ALA A 1 183 ? -0.394  3.091   -7.696  1.00 75.66  ? 183 ALA A CB  1 
ATOM 1299 N N   . LEU A 1 184 ? 2.326   4.116   -6.129  1.00 72.57  ? 184 LEU A N   1 
ATOM 1300 C CA  . LEU A 1 184 ? 3.641   4.733   -6.225  1.00 72.57  ? 184 LEU A CA  1 
ATOM 1301 C C   . LEU A 1 184 ? 4.371   4.171   -7.439  1.00 72.57  ? 184 LEU A C   1 
ATOM 1302 O O   . LEU A 1 184 ? 4.389   2.955   -7.648  1.00 72.57  ? 184 LEU A O   1 
ATOM 1303 C CB  . LEU A 1 184 ? 4.446   4.486   -4.951  1.00 72.57  ? 184 LEU A CB  1 
ATOM 1304 C CG  . LEU A 1 184 ? 5.891   4.981   -4.967  1.00 72.57  ? 184 LEU A CG  1 
ATOM 1305 C CD1 . LEU A 1 184 ? 5.932   6.498   -4.971  1.00 72.57  ? 184 LEU A CD1 1 
ATOM 1306 C CD2 . LEU A 1 184 ? 6.658   4.421   -3.785  1.00 72.57  ? 184 LEU A CD2 1 
ATOM 1307 N N   . THR A 1 185 ? 4.962   5.054   -8.237  1.00 75.41  ? 185 THR A N   1 
ATOM 1308 C CA  . THR A 1 185 ? 5.703   4.667   -9.429  1.00 75.41  ? 185 THR A CA  1 
ATOM 1309 C C   . THR A 1 185 ? 7.172   5.025   -9.263  1.00 75.41  ? 185 THR A C   1 
ATOM 1310 O O   . THR A 1 185 ? 7.503   6.177   -8.963  1.00 75.41  ? 185 THR A O   1 
ATOM 1311 C CB  . THR A 1 185 ? 5.134   5.355   -10.669 1.00 75.41  ? 185 THR A CB  1 
ATOM 1312 O OG1 . THR A 1 185 ? 3.727   5.102   -10.752 1.00 75.41  ? 185 THR A OG1 1 
ATOM 1313 C CG2 . THR A 1 185 ? 5.817   4.839   -11.918 1.00 75.41  ? 185 THR A CG2 1 
ATOM 1314 N N   . VAL A 1 186 ? 8.045   4.045   -9.465  1.00 72.52  ? 186 VAL A N   1 
ATOM 1315 C CA  . VAL A 1 186 ? 9.487   4.229   -9.346  1.00 72.52  ? 186 VAL A CA  1 
ATOM 1316 C C   . VAL A 1 186 ? 10.140  3.693   -10.611 1.00 72.52  ? 186 VAL A C   1 
ATOM 1317 O O   . VAL A 1 186 ? 9.891   2.549   -11.007 1.00 72.52  ? 186 VAL A O   1 
ATOM 1318 C CB  . VAL A 1 186 ? 10.051  3.525   -8.104  1.00 72.52  ? 186 VAL A CB  1 
ATOM 1319 C CG1 . VAL A 1 186 ? 11.560  3.639   -8.080  1.00 72.52  ? 186 VAL A CG1 1 
ATOM 1320 C CG2 . VAL A 1 186 ? 9.450   4.115   -6.847  1.00 72.52  ? 186 VAL A CG2 1 
ATOM 1321 N N   . GLU A 1 187 ? 10.971  4.517   -11.243 1.00 80.41  ? 187 GLU A N   1 
ATOM 1322 C CA  . GLU A 1 187 ? 11.724  4.124   -12.427 1.00 80.41  ? 187 GLU A CA  1 
ATOM 1323 C C   . GLU A 1 187 ? 13.142  4.662   -12.302 1.00 80.41  ? 187 GLU A C   1 
ATOM 1324 O O   . GLU A 1 187 ? 13.336  5.860   -12.077 1.00 80.41  ? 187 GLU A O   1 
ATOM 1325 C CB  . GLU A 1 187 ? 11.059  4.646   -13.700 1.00 80.41  ? 187 GLU A CB  1 
ATOM 1326 C CG  . GLU A 1 187 ? 12.006  4.804   -14.875 1.00 80.41  ? 187 GLU A CG  1 
ATOM 1327 C CD  . GLU A 1 187 ? 11.277  4.989   -16.190 1.00 80.41  ? 187 GLU A CD  1 
ATOM 1328 O OE1 . GLU A 1 187 ? 10.029  4.962   -16.186 1.00 80.41  ? 187 GLU A OE1 1 
ATOM 1329 O OE2 . GLU A 1 187 ? 11.949  5.163   -17.228 1.00 80.41  ? 187 GLU A OE2 1 
ATOM 1330 N N   . ARG A 1 188 ? 14.126  3.778   -12.446 1.00 77.38  ? 188 ARG A N   1 
ATOM 1331 C CA  . ARG A 1 188 ? 15.530  4.151   -12.353 1.00 77.38  ? 188 ARG A CA  1 
ATOM 1332 C C   . ARG A 1 188 ? 16.319  3.403   -13.416 1.00 77.38  ? 188 ARG A C   1 
ATOM 1333 O O   . ARG A 1 188 ? 15.873  2.388   -13.952 1.00 77.38  ? 188 ARG A O   1 
ATOM 1334 C CB  . ARG A 1 188 ? 16.114  3.851   -10.967 1.00 77.38  ? 188 ARG A CB  1 
ATOM 1335 C CG  . ARG A 1 188 ? 15.460  4.599   -9.823  1.00 77.38  ? 188 ARG A CG  1 
ATOM 1336 C CD  . ARG A 1 188 ? 15.840  6.067   -9.848  1.00 77.38  ? 188 ARG A CD  1 
ATOM 1337 N NE  . ARG A 1 188 ? 15.408  6.765   -8.643  1.00 77.38  ? 188 ARG A NE  1 
ATOM 1338 C CZ  . ARG A 1 188 ? 14.257  7.411   -8.524  1.00 77.38  ? 188 ARG A CZ  1 
ATOM 1339 N NH1 . ARG A 1 188 ? 13.393  7.474   -9.523  1.00 77.38  ? 188 ARG A NH1 1 
ATOM 1340 N NH2 . ARG A 1 188 ? 13.967  8.012   -7.374  1.00 77.38  ? 188 ARG A NH2 1 
ATOM 1341 N N   . ILE A 1 189 ? 17.508  3.921   -13.714 1.00 77.31  ? 189 ILE A N   1 
ATOM 1342 C CA  . ILE A 1 189 ? 18.414  3.322   -14.684 1.00 77.31  ? 189 ILE A CA  1 
ATOM 1343 C C   . ILE A 1 189 ? 19.731  3.003   -13.989 1.00 77.31  ? 189 ILE A C   1 
ATOM 1344 O O   . ILE A 1 189 ? 20.234  3.798   -13.187 1.00 77.31  ? 189 ILE A O   1 
ATOM 1345 C CB  . ILE A 1 189 ? 18.630  4.242   -15.905 1.00 77.31  ? 189 ILE A CB  1 
ATOM 1346 C CG1 . ILE A 1 189 ? 19.436  3.525   -16.989 1.00 77.31  ? 189 ILE A CG1 1 
ATOM 1347 C CG2 . ILE A 1 189 ? 19.285  5.555   -15.503 1.00 77.31  ? 189 ILE A CG2 1 
ATOM 1348 C CD1 . ILE A 1 189 ? 19.429  4.237   -18.321 1.00 77.31  ? 189 ILE A CD1 1 
ATOM 1349 N N   . VAL A 1 190 ? 20.269  1.825   -14.275 1.00 71.86  ? 190 VAL A N   1 
ATOM 1350 C CA  . VAL A 1 190 ? 21.522  1.394   -13.647 1.00 71.86  ? 190 VAL A CA  1 
ATOM 1351 C C   . VAL A 1 190 ? 22.684  2.174   -14.256 1.00 71.86  ? 190 VAL A C   1 
ATOM 1352 O O   . VAL A 1 190 ? 22.795  2.245   -15.492 1.00 71.86  ? 190 VAL A O   1 
ATOM 1353 C CB  . VAL A 1 190 ? 21.713  -0.110  -13.827 1.00 71.86  ? 190 VAL A CB  1 
ATOM 1354 C CG1 . VAL A 1 190 ? 23.028  -0.557  -13.227 1.00 71.86  ? 190 VAL A CG1 1 
ATOM 1355 C CG2 . VAL A 1 190 ? 20.565  -0.853  -13.186 1.00 71.86  ? 190 VAL A CG2 1 
ATOM 1356 N N   . PRO A 1 191 ? 23.562  2.767   -13.452 1.00 70.98  ? 191 PRO A N   1 
ATOM 1357 C CA  . PRO A 1 191 ? 24.666  3.550   -14.012 1.00 70.98  ? 191 PRO A CA  1 
ATOM 1358 C C   . PRO A 1 191 ? 25.707  2.658   -14.669 1.00 70.98  ? 191 PRO A C   1 
ATOM 1359 O O   . PRO A 1 191 ? 25.709  1.435   -14.531 1.00 70.98  ? 191 PRO A O   1 
ATOM 1360 C CB  . PRO A 1 191 ? 25.242  4.274   -12.794 1.00 70.98  ? 191 PRO A CB  1 
ATOM 1361 C CG  . PRO A 1 191 ? 24.894  3.406   -11.645 1.00 70.98  ? 191 PRO A CG  1 
ATOM 1362 C CD  . PRO A 1 191 ? 23.598  2.729   -11.981 1.00 70.98  ? 191 PRO A CD  1 
ATOM 1363 N N   . ALA A 1 192 ? 26.604  3.307   -15.409 1.00 70.80  ? 192 ALA A N   1 
ATOM 1364 C CA  . ALA A 1 192 ? 27.660  2.580   -16.102 1.00 70.80  ? 192 ALA A CA  1 
ATOM 1365 C C   . ALA A 1 192 ? 28.687  2.007   -15.135 1.00 70.80  ? 192 ALA A C   1 
ATOM 1366 O O   . ALA A 1 192 ? 29.206  0.910   -15.366 1.00 70.80  ? 192 ALA A O   1 
ATOM 1367 C CB  . ALA A 1 192 ? 28.344  3.493   -17.114 1.00 70.80  ? 192 ALA A CB  1 
ATOM 1368 N N   . SER A 1 193 ? 28.993  2.725   -14.058 1.00 76.54  ? 193 SER A N   1 
ATOM 1369 C CA  . SER A 1 193 ? 30.067  2.356   -13.141 1.00 76.54  ? 193 SER A CA  1 
ATOM 1370 C C   . SER A 1 193 ? 29.492  1.536   -11.993 1.00 76.54  ? 193 SER A C   1 
ATOM 1371 O O   . SER A 1 193 ? 28.782  2.068   -11.134 1.00 76.54  ? 193 SER A O   1 
ATOM 1372 C CB  . SER A 1 193 ? 30.771  3.605   -12.616 1.00 76.54  ? 193 SER A CB  1 
ATOM 1373 O OG  . SER A 1 193 ? 29.919  4.338   -11.755 1.00 76.54  ? 193 SER A OG  1 
ATOM 1374 N N   . LEU A 1 194 ? 29.812  0.239   -11.972 1.00 77.91  ? 194 LEU A N   1 
ATOM 1375 C CA  . LEU A 1 194 ? 29.377  -0.642  -10.903 1.00 77.91  ? 194 LEU A CA  1 
ATOM 1376 C C   . LEU A 1 194 ? 30.574  -1.268  -10.198 1.00 77.91  ? 194 LEU A C   1 
ATOM 1377 O O   . LEU A 1 194 ? 31.446  -1.845  -10.854 1.00 77.91  ? 194 LEU A O   1 
ATOM 1378 C CB  . LEU A 1 194 ? 28.471  -1.757  -11.435 1.00 77.91  ? 194 LEU A CB  1 
ATOM 1379 C CG  . LEU A 1 194 ? 27.114  -1.318  -11.977 1.00 77.91  ? 194 LEU A CG  1 
ATOM 1380 C CD1 . LEU A 1 194 ? 26.620  -2.301  -13.017 1.00 77.91  ? 194 LEU A CD1 1 
ATOM 1381 C CD2 . LEU A 1 194 ? 26.110  -1.179  -10.847 1.00 77.91  ? 194 LEU A CD2 1 
ATOM 1382 N N   . PRO A 1 195 ? 30.643  -1.172  -8.874  1.00 80.75  ? 195 PRO A N   1 
ATOM 1383 C CA  . PRO A 1 195 ? 31.744  -1.800  -8.143  1.00 80.75  ? 195 PRO A CA  1 
ATOM 1384 C C   . PRO A 1 195 ? 31.598  -3.311  -8.088  1.00 80.75  ? 195 PRO A C   1 
ATOM 1385 O O   . PRO A 1 195 ? 30.518  -3.867  -8.295  1.00 80.75  ? 195 PRO A O   1 
ATOM 1386 C CB  . PRO A 1 195 ? 31.624  -1.184  -6.745  1.00 80.75  ? 195 PRO A CB  1 
ATOM 1387 C CG  . PRO A 1 195 ? 30.167  -0.922  -6.602  1.00 80.75  ? 195 PRO A CG  1 
ATOM 1388 C CD  . PRO A 1 195 ? 29.693  -0.503  -7.970  1.00 80.75  ? 195 PRO A CD  1 
ATOM 1389 N N   . THR A 1 196 ? 32.719  -3.978  -7.800  1.00 86.07  ? 196 THR A N   1 
ATOM 1390 C CA  . THR A 1 196 ? 32.718  -5.434  -7.709  1.00 86.07  ? 196 THR A CA  1 
ATOM 1391 C C   . THR A 1 196 ? 31.924  -5.944  -6.514  1.00 86.07  ? 196 THR A C   1 
ATOM 1392 O O   . THR A 1 196 ? 31.580  -7.129  -6.475  1.00 86.07  ? 196 THR A O   1 
ATOM 1393 C CB  . THR A 1 196 ? 34.151  -5.965  -7.634  1.00 86.07  ? 196 THR A CB  1 
ATOM 1394 O OG1 . THR A 1 196 ? 34.128  -7.394  -7.527  1.00 86.07  ? 196 THR A OG1 1 
ATOM 1395 C CG2 . THR A 1 196 ? 34.874  -5.385  -6.427  1.00 86.07  ? 196 THR A CG2 1 
ATOM 1396 N N   . GLY A 1 197 ? 31.632  -5.086  -5.543  1.00 86.87  ? 197 GLY A N   1 
ATOM 1397 C CA  . GLY A 1 197 ? 30.872  -5.494  -4.377  1.00 86.87  ? 197 GLY A CA  1 
ATOM 1398 C C   . GLY A 1 197 ? 30.380  -4.289  -3.612  1.00 86.87  ? 197 GLY A C   1 
ATOM 1399 O O   . GLY A 1 197 ? 30.827  -3.161  -3.837  1.00 86.87  ? 197 GLY A O   1 
ATOM 1400 N N   . GLY A 1 198 ? 29.446  -4.539  -2.701  1.00 81.86  ? 198 GLY A N   1 
ATOM 1401 C CA  . GLY A 1 198 ? 28.881  -3.475  -1.899  1.00 81.86  ? 198 GLY A CA  1 
ATOM 1402 C C   . GLY A 1 198 ? 27.762  -2.754  -2.621  1.00 81.86  ? 198 GLY A C   1 
ATOM 1403 O O   . GLY A 1 198 ? 27.465  -2.995  -3.789  1.00 81.86  ? 198 GLY A O   1 
ATOM 1404 N N   . ALA A 1 199 ? 27.128  -1.841  -1.895  1.00 75.16  ? 199 ALA A N   1 
ATOM 1405 C CA  . ALA A 1 199 ? 25.995  -1.115  -2.447  1.00 75.16  ? 199 ALA A CA  1 
ATOM 1406 C C   . ALA A 1 199 ? 26.454  -0.052  -3.434  1.00 75.16  ? 199 ALA A C   1 
ATOM 1407 O O   . ALA A 1 199 ? 27.541  0.514   -3.304  1.00 75.16  ? 199 ALA A O   1 
ATOM 1408 C CB  . ALA A 1 199 ? 25.180  -0.468  -1.333  1.00 75.16  ? 199 ALA A CB  1 
ATOM 1409 N N   . VAL A 1 200 ? 25.611  0.214   -4.429  1.00 76.59  ? 200 VAL A N   1 
ATOM 1410 C CA  . VAL A 1 200 ? 25.836  1.272   -5.405  1.00 76.59  ? 200 VAL A CA  1 
ATOM 1411 C C   . VAL A 1 200 ? 24.594  2.152   -5.431  1.00 76.59  ? 200 VAL A C   1 
ATOM 1412 O O   . VAL A 1 200 ? 23.466  1.643   -5.398  1.00 76.59  ? 200 VAL A O   1 
ATOM 1413 C CB  . VAL A 1 200 ? 26.153  0.716   -6.804  1.00 76.59  ? 200 VAL A CB  1 
ATOM 1414 C CG1 . VAL A 1 200 ? 24.985  -0.088  -7.355  1.00 76.59  ? 200 VAL A CG1 1 
ATOM 1415 C CG2 . VAL A 1 200 ? 26.512  1.848   -7.751  1.00 76.59  ? 200 VAL A CG2 1 
ATOM 1416 N N   . SER A 1 201 ? 24.795  3.465   -5.445  1.00 76.89  ? 201 SER A N   1 
ATOM 1417 C CA  . SER A 1 201 ? 23.668  4.386   -5.448  1.00 76.89  ? 201 SER A CA  1 
ATOM 1418 C C   . SER A 1 201 ? 23.089  4.525   -6.849  1.00 76.89  ? 201 SER A C   1 
ATOM 1419 O O   . SER A 1 201 ? 23.823  4.627   -7.835  1.00 76.89  ? 201 SER A O   1 
ATOM 1420 C CB  . SER A 1 201 ? 24.101  5.752   -4.921  1.00 76.89  ? 201 SER A CB  1 
ATOM 1421 O OG  . SER A 1 201 ? 23.220  6.767   -5.369  1.00 76.89  ? 201 SER A OG  1 
ATOM 1422 N N   . LEU A 1 202 ? 21.760  4.530   -6.933  1.00 76.32  ? 202 LEU A N   1 
ATOM 1423 C CA  . LEU A 1 202 ? 21.057  4.720   -8.195  1.00 76.32  ? 202 LEU A CA  1 
ATOM 1424 C C   . LEU A 1 202 ? 20.533  6.139   -8.359  1.00 76.32  ? 202 LEU A C   1 
ATOM 1425 O O   . LEU A 1 202 ? 19.816  6.417   -9.325  1.00 76.32  ? 202 LEU A O   1 
ATOM 1426 C CB  . LEU A 1 202 ? 19.902  3.725   -8.319  1.00 76.32  ? 202 LEU A CB  1 
ATOM 1427 C CG  . LEU A 1 202 ? 20.264  2.244   -8.406  1.00 76.32  ? 202 LEU A CG  1 
ATOM 1428 C CD1 . LEU A 1 202 ? 19.012  1.392   -8.391  1.00 76.32  ? 202 LEU A CD1 1 
ATOM 1429 C CD2 . LEU A 1 202 ? 21.068  1.975   -9.652  1.00 76.32  ? 202 LEU A CD2 1 
ATOM 1430 N N   . GLY A 1 203 ? 20.869  7.040   -7.443  1.00 75.36  ? 203 GLY A N   1 
ATOM 1431 C CA  . GLY A 1 203 ? 20.414  8.414   -7.525  1.00 75.36  ? 203 GLY A CA  1 
ATOM 1432 C C   . GLY A 1 203 ? 18.984  8.600   -7.061  1.00 75.36  ? 203 GLY A C   1 
ATOM 1433 O O   . GLY A 1 203 ? 18.123  7.760   -7.319  1.00 75.36  ? 203 GLY A O   1 
# 
